data_3ASE
# 
_entry.id   3ASE 
# 
_audit_conform.dict_name       mmcif_pdbx.dic 
_audit_conform.dict_version    5.388 
_audit_conform.dict_location   http://mmcif.pdb.org/dictionaries/ascii/mmcif_pdbx.dic 
# 
loop_
_database_2.database_id 
_database_2.database_code 
_database_2.pdbx_database_accession 
_database_2.pdbx_DOI 
PDB   3ASE         pdb_00003ase 10.2210/pdb3ase/pdb 
RCSB  RCSB029637   ?            ?                   
WWPDB D_1000029637 ?            ?                   
# 
loop_
_pdbx_audit_revision_history.ordinal 
_pdbx_audit_revision_history.data_content_type 
_pdbx_audit_revision_history.major_revision 
_pdbx_audit_revision_history.minor_revision 
_pdbx_audit_revision_history.revision_date 
1 'Structure model' 1 0 2011-04-27 
2 'Structure model' 1 1 2011-07-13 
3 'Structure model' 1 2 2024-03-13 
# 
_pdbx_audit_revision_details.ordinal             1 
_pdbx_audit_revision_details.revision_ordinal    1 
_pdbx_audit_revision_details.data_content_type   'Structure model' 
_pdbx_audit_revision_details.provider            repository 
_pdbx_audit_revision_details.type                'Initial release' 
_pdbx_audit_revision_details.description         ? 
_pdbx_audit_revision_details.details             ? 
# 
loop_
_pdbx_audit_revision_group.ordinal 
_pdbx_audit_revision_group.revision_ordinal 
_pdbx_audit_revision_group.data_content_type 
_pdbx_audit_revision_group.group 
1 2 'Structure model' 'Version format compliance' 
2 3 'Structure model' 'Data collection'           
3 3 'Structure model' 'Database references'       
4 3 'Structure model' 'Derived calculations'      
# 
loop_
_pdbx_audit_revision_category.ordinal 
_pdbx_audit_revision_category.revision_ordinal 
_pdbx_audit_revision_category.data_content_type 
_pdbx_audit_revision_category.category 
1 3 'Structure model' chem_comp_atom         
2 3 'Structure model' chem_comp_bond         
3 3 'Structure model' database_2             
4 3 'Structure model' pdbx_struct_conn_angle 
5 3 'Structure model' pdbx_validate_chiral   
6 3 'Structure model' struct_conn            
7 3 'Structure model' struct_site            
# 
loop_
_pdbx_audit_revision_item.ordinal 
_pdbx_audit_revision_item.revision_ordinal 
_pdbx_audit_revision_item.data_content_type 
_pdbx_audit_revision_item.item 
1  3 'Structure model' '_database_2.pdbx_DOI'                        
2  3 'Structure model' '_database_2.pdbx_database_accession'         
3  3 'Structure model' '_pdbx_struct_conn_angle.ptnr1_auth_comp_id'  
4  3 'Structure model' '_pdbx_struct_conn_angle.ptnr1_auth_seq_id'   
5  3 'Structure model' '_pdbx_struct_conn_angle.ptnr1_label_asym_id' 
6  3 'Structure model' '_pdbx_struct_conn_angle.ptnr1_label_atom_id' 
7  3 'Structure model' '_pdbx_struct_conn_angle.ptnr1_label_comp_id' 
8  3 'Structure model' '_pdbx_struct_conn_angle.ptnr1_label_seq_id'  
9  3 'Structure model' '_pdbx_struct_conn_angle.ptnr2_auth_comp_id'  
10 3 'Structure model' '_pdbx_struct_conn_angle.ptnr2_auth_seq_id'   
11 3 'Structure model' '_pdbx_struct_conn_angle.ptnr2_label_asym_id' 
12 3 'Structure model' '_pdbx_struct_conn_angle.ptnr2_label_atom_id' 
13 3 'Structure model' '_pdbx_struct_conn_angle.ptnr2_label_comp_id' 
14 3 'Structure model' '_pdbx_struct_conn_angle.ptnr3_auth_comp_id'  
15 3 'Structure model' '_pdbx_struct_conn_angle.ptnr3_auth_seq_id'   
16 3 'Structure model' '_pdbx_struct_conn_angle.ptnr3_label_asym_id' 
17 3 'Structure model' '_pdbx_struct_conn_angle.ptnr3_label_atom_id' 
18 3 'Structure model' '_pdbx_struct_conn_angle.ptnr3_label_comp_id' 
19 3 'Structure model' '_pdbx_struct_conn_angle.value'               
20 3 'Structure model' '_struct_conn.pdbx_dist_value'                
21 3 'Structure model' '_struct_conn.ptnr1_auth_seq_id'              
22 3 'Structure model' '_struct_conn.ptnr1_label_atom_id'            
23 3 'Structure model' '_struct_conn.ptnr1_label_seq_id'             
24 3 'Structure model' '_struct_conn.ptnr2_auth_comp_id'             
25 3 'Structure model' '_struct_conn.ptnr2_auth_seq_id'              
26 3 'Structure model' '_struct_conn.ptnr2_label_asym_id'            
27 3 'Structure model' '_struct_conn.ptnr2_label_atom_id'            
28 3 'Structure model' '_struct_conn.ptnr2_label_comp_id'            
29 3 'Structure model' '_struct_site.pdbx_auth_asym_id'              
30 3 'Structure model' '_struct_site.pdbx_auth_comp_id'              
31 3 'Structure model' '_struct_site.pdbx_auth_seq_id'               
# 
_pdbx_database_status.status_code                     REL 
_pdbx_database_status.entry_id                        3ASE 
_pdbx_database_status.recvd_initial_deposition_date   2010-12-11 
_pdbx_database_status.deposit_site                    PDBJ 
_pdbx_database_status.process_site                    PDBJ 
_pdbx_database_status.status_code_sf                  REL 
_pdbx_database_status.status_code_mr                  ? 
_pdbx_database_status.SG_entry                        ? 
_pdbx_database_status.status_code_cs                  ? 
_pdbx_database_status.pdb_format_compatible           Y 
_pdbx_database_status.status_code_nmr_data            ? 
_pdbx_database_status.methods_development_category    ? 
# 
loop_
_audit_author.name 
_audit_author.pdbx_ordinal 
'Koshiyama, T.' 1 
'Shirai, M.'    2 
'Hikage, T.'    3 
'Tabe, H.'      4 
'Tanaka, K.'    5 
'Kitagawa, S.'  6 
'Ueno, T.'      7 
# 
_citation.id                        primary 
_citation.title                     
'Post-Crystal Engineering of Zinc-Substituted Myoglobin to Construct a Long-Lived Photoinduced Charge-Separation System' 
_citation.journal_abbrev            Angew.Chem.Int.Ed.Engl. 
_citation.journal_volume            ? 
_citation.page_first                ? 
_citation.page_last                 ? 
_citation.year                      2011 
_citation.journal_id_ASTM           ACIEAY 
_citation.country                   GE 
_citation.journal_id_ISSN           1521-3773 
_citation.journal_id_CSD            0179 
_citation.book_publisher            ? 
_citation.pdbx_database_id_PubMed   21495132 
_citation.pdbx_database_id_DOI      10.1002/anie.201008004 
# 
loop_
_citation_author.citation_id 
_citation_author.name 
_citation_author.ordinal 
_citation_author.identifier_ORCID 
primary 'Koshiyama, T.' 1 ? 
primary 'Shirai, M.'    2 ? 
primary 'Hikage, T.'    3 ? 
primary 'Tabe, H.'      4 ? 
primary 'Tanaka, K.'    5 ? 
primary 'Kitagawa, S.'  6 ? 
primary 'Ueno, T.'      7 ? 
# 
loop_
_entity.id 
_entity.type 
_entity.src_method 
_entity.pdbx_description 
_entity.formula_weight 
_entity.pdbx_number_of_molecules 
_entity.pdbx_ec 
_entity.pdbx_mutation 
_entity.pdbx_fragment 
_entity.details 
1 polymer     man Myoglobin                           17365.164 1  ? ? ? ? 
2 non-polymer syn 'SULFATE ION'                       96.063    2  ? ? ? ? 
3 non-polymer syn 'oxo-centered triruthenium cluster' 319.209   2  ? ? ? ? 
4 non-polymer syn 'PROTOPORPHYRIN IX CONTAINING ZN'   626.051   1  ? ? ? ? 
5 water       nat water                               18.015    71 ? ? ? ? 
# 
_entity_poly.entity_id                      1 
_entity_poly.type                           'polypeptide(L)' 
_entity_poly.nstd_linkage                   no 
_entity_poly.nstd_monomer                   no 
_entity_poly.pdbx_seq_one_letter_code       
;MVLSEGEWQLVLHVWAKVEADVAGHGQDILIRLFKSHPETLEKFDRFKHLKTEAEMKASEDLKKHGVTVLTALGAILKKK
GHHEAELKPLAQSHATKHKIPIKYLEFISEAIIHVLHSRHPGNFGADAQGAMNKALELFRKDIAAKYKELGYQG
;
_entity_poly.pdbx_seq_one_letter_code_can   
;MVLSEGEWQLVLHVWAKVEADVAGHGQDILIRLFKSHPETLEKFDRFKHLKTEAEMKASEDLKKHGVTVLTALGAILKKK
GHHEAELKPLAQSHATKHKIPIKYLEFISEAIIHVLHSRHPGNFGADAQGAMNKALELFRKDIAAKYKELGYQG
;
_entity_poly.pdbx_strand_id                 A 
_entity_poly.pdbx_target_identifier         ? 
# 
loop_
_pdbx_entity_nonpoly.entity_id 
_pdbx_entity_nonpoly.name 
_pdbx_entity_nonpoly.comp_id 
2 'SULFATE ION'                       SO4 
3 'oxo-centered triruthenium cluster' RUO 
4 'PROTOPORPHYRIN IX CONTAINING ZN'   ZNH 
5 water                               HOH 
# 
loop_
_entity_poly_seq.entity_id 
_entity_poly_seq.num 
_entity_poly_seq.mon_id 
_entity_poly_seq.hetero 
1 1   MET n 
1 2   VAL n 
1 3   LEU n 
1 4   SER n 
1 5   GLU n 
1 6   GLY n 
1 7   GLU n 
1 8   TRP n 
1 9   GLN n 
1 10  LEU n 
1 11  VAL n 
1 12  LEU n 
1 13  HIS n 
1 14  VAL n 
1 15  TRP n 
1 16  ALA n 
1 17  LYS n 
1 18  VAL n 
1 19  GLU n 
1 20  ALA n 
1 21  ASP n 
1 22  VAL n 
1 23  ALA n 
1 24  GLY n 
1 25  HIS n 
1 26  GLY n 
1 27  GLN n 
1 28  ASP n 
1 29  ILE n 
1 30  LEU n 
1 31  ILE n 
1 32  ARG n 
1 33  LEU n 
1 34  PHE n 
1 35  LYS n 
1 36  SER n 
1 37  HIS n 
1 38  PRO n 
1 39  GLU n 
1 40  THR n 
1 41  LEU n 
1 42  GLU n 
1 43  LYS n 
1 44  PHE n 
1 45  ASP n 
1 46  ARG n 
1 47  PHE n 
1 48  LYS n 
1 49  HIS n 
1 50  LEU n 
1 51  LYS n 
1 52  THR n 
1 53  GLU n 
1 54  ALA n 
1 55  GLU n 
1 56  MET n 
1 57  LYS n 
1 58  ALA n 
1 59  SER n 
1 60  GLU n 
1 61  ASP n 
1 62  LEU n 
1 63  LYS n 
1 64  LYS n 
1 65  HIS n 
1 66  GLY n 
1 67  VAL n 
1 68  THR n 
1 69  VAL n 
1 70  LEU n 
1 71  THR n 
1 72  ALA n 
1 73  LEU n 
1 74  GLY n 
1 75  ALA n 
1 76  ILE n 
1 77  LEU n 
1 78  LYS n 
1 79  LYS n 
1 80  LYS n 
1 81  GLY n 
1 82  HIS n 
1 83  HIS n 
1 84  GLU n 
1 85  ALA n 
1 86  GLU n 
1 87  LEU n 
1 88  LYS n 
1 89  PRO n 
1 90  LEU n 
1 91  ALA n 
1 92  GLN n 
1 93  SER n 
1 94  HIS n 
1 95  ALA n 
1 96  THR n 
1 97  LYS n 
1 98  HIS n 
1 99  LYS n 
1 100 ILE n 
1 101 PRO n 
1 102 ILE n 
1 103 LYS n 
1 104 TYR n 
1 105 LEU n 
1 106 GLU n 
1 107 PHE n 
1 108 ILE n 
1 109 SER n 
1 110 GLU n 
1 111 ALA n 
1 112 ILE n 
1 113 ILE n 
1 114 HIS n 
1 115 VAL n 
1 116 LEU n 
1 117 HIS n 
1 118 SER n 
1 119 ARG n 
1 120 HIS n 
1 121 PRO n 
1 122 GLY n 
1 123 ASN n 
1 124 PHE n 
1 125 GLY n 
1 126 ALA n 
1 127 ASP n 
1 128 ALA n 
1 129 GLN n 
1 130 GLY n 
1 131 ALA n 
1 132 MET n 
1 133 ASN n 
1 134 LYS n 
1 135 ALA n 
1 136 LEU n 
1 137 GLU n 
1 138 LEU n 
1 139 PHE n 
1 140 ARG n 
1 141 LYS n 
1 142 ASP n 
1 143 ILE n 
1 144 ALA n 
1 145 ALA n 
1 146 LYS n 
1 147 TYR n 
1 148 LYS n 
1 149 GLU n 
1 150 LEU n 
1 151 GLY n 
1 152 TYR n 
1 153 GLN n 
1 154 GLY n 
# 
_entity_src_gen.entity_id                          1 
_entity_src_gen.pdbx_src_id                        1 
_entity_src_gen.pdbx_alt_source_flag               sample 
_entity_src_gen.pdbx_seq_type                      ? 
_entity_src_gen.pdbx_beg_seq_num                   ? 
_entity_src_gen.pdbx_end_seq_num                   ? 
_entity_src_gen.gene_src_common_name               'Sperm whale' 
_entity_src_gen.gene_src_genus                     ? 
_entity_src_gen.pdbx_gene_src_gene                 MB 
_entity_src_gen.gene_src_species                   ? 
_entity_src_gen.gene_src_strain                    ? 
_entity_src_gen.gene_src_tissue                    ? 
_entity_src_gen.gene_src_tissue_fraction           ? 
_entity_src_gen.gene_src_details                   ? 
_entity_src_gen.pdbx_gene_src_fragment             ? 
_entity_src_gen.pdbx_gene_src_scientific_name      'Physeter catodon' 
_entity_src_gen.pdbx_gene_src_ncbi_taxonomy_id     9755 
_entity_src_gen.pdbx_gene_src_variant              ? 
_entity_src_gen.pdbx_gene_src_cell_line            ? 
_entity_src_gen.pdbx_gene_src_atcc                 ? 
_entity_src_gen.pdbx_gene_src_organ                ? 
_entity_src_gen.pdbx_gene_src_organelle            ? 
_entity_src_gen.pdbx_gene_src_cell                 ? 
_entity_src_gen.pdbx_gene_src_cellular_location    ? 
_entity_src_gen.host_org_common_name               ? 
_entity_src_gen.pdbx_host_org_scientific_name      'Escherichia coli' 
_entity_src_gen.pdbx_host_org_ncbi_taxonomy_id     562 
_entity_src_gen.host_org_genus                     ? 
_entity_src_gen.pdbx_host_org_gene                 ? 
_entity_src_gen.pdbx_host_org_organ                ? 
_entity_src_gen.host_org_species                   ? 
_entity_src_gen.pdbx_host_org_tissue               ? 
_entity_src_gen.pdbx_host_org_tissue_fraction      ? 
_entity_src_gen.pdbx_host_org_strain               TB-1 
_entity_src_gen.pdbx_host_org_variant              ? 
_entity_src_gen.pdbx_host_org_cell_line            ? 
_entity_src_gen.pdbx_host_org_atcc                 ? 
_entity_src_gen.pdbx_host_org_culture_collection   ? 
_entity_src_gen.pdbx_host_org_cell                 ? 
_entity_src_gen.pdbx_host_org_organelle            ? 
_entity_src_gen.pdbx_host_org_cellular_location    ? 
_entity_src_gen.pdbx_host_org_vector_type          PLASMID 
_entity_src_gen.pdbx_host_org_vector               ? 
_entity_src_gen.host_org_details                   ? 
_entity_src_gen.expression_system_id               ? 
_entity_src_gen.plasmid_name                       pUC19 
_entity_src_gen.plasmid_details                    ? 
_entity_src_gen.pdbx_description                   ? 
# 
loop_
_chem_comp.id 
_chem_comp.type 
_chem_comp.mon_nstd_flag 
_chem_comp.name 
_chem_comp.pdbx_synonyms 
_chem_comp.formula 
_chem_comp.formula_weight 
ALA 'L-peptide linking' y ALANINE                             ? 'C3 H7 N O2'       89.093  
ARG 'L-peptide linking' y ARGININE                            ? 'C6 H15 N4 O2 1'   175.209 
ASN 'L-peptide linking' y ASPARAGINE                          ? 'C4 H8 N2 O3'      132.118 
ASP 'L-peptide linking' y 'ASPARTIC ACID'                     ? 'C4 H7 N O4'       133.103 
GLN 'L-peptide linking' y GLUTAMINE                           ? 'C5 H10 N2 O3'     146.144 
GLU 'L-peptide linking' y 'GLUTAMIC ACID'                     ? 'C5 H9 N O4'       147.129 
GLY 'peptide linking'   y GLYCINE                             ? 'C2 H5 N O2'       75.067  
HIS 'L-peptide linking' y HISTIDINE                           ? 'C6 H10 N3 O2 1'   156.162 
HOH non-polymer         . WATER                               ? 'H2 O'             18.015  
ILE 'L-peptide linking' y ISOLEUCINE                          ? 'C6 H13 N O2'      131.173 
LEU 'L-peptide linking' y LEUCINE                             ? 'C6 H13 N O2'      131.173 
LYS 'L-peptide linking' y LYSINE                              ? 'C6 H15 N2 O2 1'   147.195 
MET 'L-peptide linking' y METHIONINE                          ? 'C5 H11 N O2 S'    149.211 
PHE 'L-peptide linking' y PHENYLALANINE                       ? 'C9 H11 N O2'      165.189 
PRO 'L-peptide linking' y PROLINE                             ? 'C5 H9 N O2'       115.130 
RUO non-polymer         . 'oxo-centered triruthenium cluster' ? 'O Ru3'            319.209 
SER 'L-peptide linking' y SERINE                              ? 'C3 H7 N O3'       105.093 
SO4 non-polymer         . 'SULFATE ION'                       ? 'O4 S -2'          96.063  
THR 'L-peptide linking' y THREONINE                           ? 'C4 H9 N O3'       119.119 
TRP 'L-peptide linking' y TRYPTOPHAN                          ? 'C11 H12 N2 O2'    204.225 
TYR 'L-peptide linking' y TYROSINE                            ? 'C9 H11 N O3'      181.189 
VAL 'L-peptide linking' y VALINE                              ? 'C5 H11 N O2'      117.146 
ZNH non-polymer         . 'PROTOPORPHYRIN IX CONTAINING ZN'   ? 'C34 H32 N4 O4 Zn' 626.051 
# 
loop_
_pdbx_poly_seq_scheme.asym_id 
_pdbx_poly_seq_scheme.entity_id 
_pdbx_poly_seq_scheme.seq_id 
_pdbx_poly_seq_scheme.mon_id 
_pdbx_poly_seq_scheme.ndb_seq_num 
_pdbx_poly_seq_scheme.pdb_seq_num 
_pdbx_poly_seq_scheme.auth_seq_num 
_pdbx_poly_seq_scheme.pdb_mon_id 
_pdbx_poly_seq_scheme.auth_mon_id 
_pdbx_poly_seq_scheme.pdb_strand_id 
_pdbx_poly_seq_scheme.pdb_ins_code 
_pdbx_poly_seq_scheme.hetero 
A 1 1   MET 1   0   0   MET MET A . n 
A 1 2   VAL 2   1   1   VAL VAL A . n 
A 1 3   LEU 3   2   2   LEU LEU A . n 
A 1 4   SER 4   3   3   SER SER A . n 
A 1 5   GLU 5   4   4   GLU GLU A . n 
A 1 6   GLY 6   5   5   GLY GLY A . n 
A 1 7   GLU 7   6   6   GLU GLU A . n 
A 1 8   TRP 8   7   7   TRP TRP A . n 
A 1 9   GLN 9   8   8   GLN GLN A . n 
A 1 10  LEU 10  9   9   LEU LEU A . n 
A 1 11  VAL 11  10  10  VAL VAL A . n 
A 1 12  LEU 12  11  11  LEU LEU A . n 
A 1 13  HIS 13  12  12  HIS HIS A . n 
A 1 14  VAL 14  13  13  VAL VAL A . n 
A 1 15  TRP 15  14  14  TRP TRP A . n 
A 1 16  ALA 16  15  15  ALA ALA A . n 
A 1 17  LYS 17  16  16  LYS LYS A . n 
A 1 18  VAL 18  17  17  VAL VAL A . n 
A 1 19  GLU 19  18  18  GLU GLU A . n 
A 1 20  ALA 20  19  19  ALA ALA A . n 
A 1 21  ASP 21  20  20  ASP ASP A . n 
A 1 22  VAL 22  21  21  VAL VAL A . n 
A 1 23  ALA 23  22  22  ALA ALA A . n 
A 1 24  GLY 24  23  23  GLY GLY A . n 
A 1 25  HIS 25  24  24  HIS HIS A . n 
A 1 26  GLY 26  25  25  GLY GLY A . n 
A 1 27  GLN 27  26  26  GLN GLN A . n 
A 1 28  ASP 28  27  27  ASP ASP A . n 
A 1 29  ILE 29  28  28  ILE ILE A . n 
A 1 30  LEU 30  29  29  LEU LEU A . n 
A 1 31  ILE 31  30  30  ILE ILE A . n 
A 1 32  ARG 32  31  31  ARG ARG A . n 
A 1 33  LEU 33  32  32  LEU LEU A . n 
A 1 34  PHE 34  33  33  PHE PHE A . n 
A 1 35  LYS 35  34  34  LYS LYS A . n 
A 1 36  SER 36  35  35  SER SER A . n 
A 1 37  HIS 37  36  36  HIS HIS A . n 
A 1 38  PRO 38  37  37  PRO PRO A . n 
A 1 39  GLU 39  38  38  GLU GLU A . n 
A 1 40  THR 40  39  39  THR THR A . n 
A 1 41  LEU 41  40  40  LEU LEU A . n 
A 1 42  GLU 42  41  41  GLU GLU A . n 
A 1 43  LYS 43  42  42  LYS LYS A . n 
A 1 44  PHE 44  43  43  PHE PHE A . n 
A 1 45  ASP 45  44  44  ASP ASP A . n 
A 1 46  ARG 46  45  45  ARG ARG A . n 
A 1 47  PHE 47  46  46  PHE PHE A . n 
A 1 48  LYS 48  47  47  LYS LYS A . n 
A 1 49  HIS 49  48  48  HIS HIS A . n 
A 1 50  LEU 50  49  49  LEU LEU A . n 
A 1 51  LYS 51  50  50  LYS LYS A . n 
A 1 52  THR 52  51  51  THR THR A . n 
A 1 53  GLU 53  52  52  GLU GLU A . n 
A 1 54  ALA 54  53  53  ALA ALA A . n 
A 1 55  GLU 55  54  54  GLU GLU A . n 
A 1 56  MET 56  55  55  MET MET A . n 
A 1 57  LYS 57  56  56  LYS LYS A . n 
A 1 58  ALA 58  57  57  ALA ALA A . n 
A 1 59  SER 59  58  58  SER SER A . n 
A 1 60  GLU 60  59  59  GLU GLU A . n 
A 1 61  ASP 61  60  60  ASP ASP A . n 
A 1 62  LEU 62  61  61  LEU LEU A . n 
A 1 63  LYS 63  62  62  LYS LYS A . n 
A 1 64  LYS 64  63  63  LYS LYS A . n 
A 1 65  HIS 65  64  64  HIS HIS A . n 
A 1 66  GLY 66  65  65  GLY GLY A . n 
A 1 67  VAL 67  66  66  VAL VAL A . n 
A 1 68  THR 68  67  67  THR THR A . n 
A 1 69  VAL 69  68  68  VAL VAL A . n 
A 1 70  LEU 70  69  69  LEU LEU A . n 
A 1 71  THR 71  70  70  THR THR A . n 
A 1 72  ALA 72  71  71  ALA ALA A . n 
A 1 73  LEU 73  72  72  LEU LEU A . n 
A 1 74  GLY 74  73  73  GLY GLY A . n 
A 1 75  ALA 75  74  74  ALA ALA A . n 
A 1 76  ILE 76  75  75  ILE ILE A . n 
A 1 77  LEU 77  76  76  LEU LEU A . n 
A 1 78  LYS 78  77  77  LYS LYS A . n 
A 1 79  LYS 79  78  78  LYS LYS A . n 
A 1 80  LYS 80  79  79  LYS LYS A . n 
A 1 81  GLY 81  80  80  GLY GLY A . n 
A 1 82  HIS 82  81  81  HIS HIS A . n 
A 1 83  HIS 83  82  82  HIS HIS A . n 
A 1 84  GLU 84  83  83  GLU GLU A . n 
A 1 85  ALA 85  84  84  ALA ALA A . n 
A 1 86  GLU 86  85  85  GLU GLU A . n 
A 1 87  LEU 87  86  86  LEU LEU A . n 
A 1 88  LYS 88  87  87  LYS LYS A . n 
A 1 89  PRO 89  88  88  PRO PRO A . n 
A 1 90  LEU 90  89  89  LEU LEU A . n 
A 1 91  ALA 91  90  90  ALA ALA A . n 
A 1 92  GLN 92  91  91  GLN GLN A . n 
A 1 93  SER 93  92  92  SER SER A . n 
A 1 94  HIS 94  93  93  HIS HIS A . n 
A 1 95  ALA 95  94  94  ALA ALA A . n 
A 1 96  THR 96  95  95  THR THR A . n 
A 1 97  LYS 97  96  96  LYS LYS A . n 
A 1 98  HIS 98  97  97  HIS HIS A . n 
A 1 99  LYS 99  98  98  LYS LYS A . n 
A 1 100 ILE 100 99  99  ILE ILE A . n 
A 1 101 PRO 101 100 100 PRO PRO A . n 
A 1 102 ILE 102 101 101 ILE ILE A . n 
A 1 103 LYS 103 102 102 LYS LYS A . n 
A 1 104 TYR 104 103 103 TYR TYR A . n 
A 1 105 LEU 105 104 104 LEU LEU A . n 
A 1 106 GLU 106 105 105 GLU GLU A . n 
A 1 107 PHE 107 106 106 PHE PHE A . n 
A 1 108 ILE 108 107 107 ILE ILE A . n 
A 1 109 SER 109 108 108 SER SER A . n 
A 1 110 GLU 110 109 109 GLU GLU A . n 
A 1 111 ALA 111 110 110 ALA ALA A . n 
A 1 112 ILE 112 111 111 ILE ILE A . n 
A 1 113 ILE 113 112 112 ILE ILE A . n 
A 1 114 HIS 114 113 113 HIS HIS A . n 
A 1 115 VAL 115 114 114 VAL VAL A . n 
A 1 116 LEU 116 115 115 LEU LEU A . n 
A 1 117 HIS 117 116 116 HIS HIS A . n 
A 1 118 SER 118 117 117 SER SER A . n 
A 1 119 ARG 119 118 118 ARG ARG A . n 
A 1 120 HIS 120 119 119 HIS HIS A . n 
A 1 121 PRO 121 120 120 PRO PRO A . n 
A 1 122 GLY 122 121 121 GLY GLY A . n 
A 1 123 ASN 123 122 122 ASN ASN A . n 
A 1 124 PHE 124 123 123 PHE PHE A . n 
A 1 125 GLY 125 124 124 GLY GLY A . n 
A 1 126 ALA 126 125 125 ALA ALA A . n 
A 1 127 ASP 127 126 126 ASP ASP A . n 
A 1 128 ALA 128 127 127 ALA ALA A . n 
A 1 129 GLN 129 128 128 GLN GLN A . n 
A 1 130 GLY 130 129 129 GLY GLY A . n 
A 1 131 ALA 131 130 130 ALA ALA A . n 
A 1 132 MET 132 131 131 MET MET A . n 
A 1 133 ASN 133 132 132 ASN ASN A . n 
A 1 134 LYS 134 133 133 LYS LYS A . n 
A 1 135 ALA 135 134 134 ALA ALA A . n 
A 1 136 LEU 136 135 135 LEU LEU A . n 
A 1 137 GLU 137 136 136 GLU GLU A . n 
A 1 138 LEU 138 137 137 LEU LEU A . n 
A 1 139 PHE 139 138 138 PHE PHE A . n 
A 1 140 ARG 140 139 139 ARG ARG A . n 
A 1 141 LYS 141 140 140 LYS LYS A . n 
A 1 142 ASP 142 141 141 ASP ASP A . n 
A 1 143 ILE 143 142 142 ILE ILE A . n 
A 1 144 ALA 144 143 143 ALA ALA A . n 
A 1 145 ALA 145 144 144 ALA ALA A . n 
A 1 146 LYS 146 145 145 LYS LYS A . n 
A 1 147 TYR 147 146 146 TYR TYR A . n 
A 1 148 LYS 148 147 147 LYS LYS A . n 
A 1 149 GLU 149 148 148 GLU GLU A . n 
A 1 150 LEU 150 149 149 LEU LEU A . n 
A 1 151 GLY 151 150 150 GLY GLY A . n 
A 1 152 TYR 152 151 151 TYR TYR A . n 
A 1 153 GLN 153 152 152 GLN ALA A . n 
A 1 154 GLY 154 153 153 GLY GLY A . n 
# 
loop_
_pdbx_nonpoly_scheme.asym_id 
_pdbx_nonpoly_scheme.entity_id 
_pdbx_nonpoly_scheme.mon_id 
_pdbx_nonpoly_scheme.ndb_seq_num 
_pdbx_nonpoly_scheme.pdb_seq_num 
_pdbx_nonpoly_scheme.auth_seq_num 
_pdbx_nonpoly_scheme.pdb_mon_id 
_pdbx_nonpoly_scheme.auth_mon_id 
_pdbx_nonpoly_scheme.pdb_strand_id 
_pdbx_nonpoly_scheme.pdb_ins_code 
B 2 SO4 1  200 200 SO4 SO4 A . 
C 2 SO4 1  201 201 SO4 SO4 A . 
D 3 RUO 1  154 1   RUO RUO A . 
E 3 RUO 1  155 1   RUO RUO A . 
F 4 ZNH 1  156 1   ZNH ZNH A . 
G 5 HOH 1  157 1   HOH HOH A . 
G 5 HOH 2  158 2   HOH HOH A . 
G 5 HOH 3  159 3   HOH HOH A . 
G 5 HOH 4  160 4   HOH HOH A . 
G 5 HOH 5  161 5   HOH HOH A . 
G 5 HOH 6  162 6   HOH HOH A . 
G 5 HOH 7  163 7   HOH HOH A . 
G 5 HOH 8  164 8   HOH HOH A . 
G 5 HOH 9  165 9   HOH HOH A . 
G 5 HOH 10 166 10  HOH HOH A . 
G 5 HOH 11 167 11  HOH HOH A . 
G 5 HOH 12 168 12  HOH HOH A . 
G 5 HOH 13 169 13  HOH HOH A . 
G 5 HOH 14 170 14  HOH HOH A . 
G 5 HOH 15 171 15  HOH HOH A . 
G 5 HOH 16 172 16  HOH HOH A . 
G 5 HOH 17 173 17  HOH HOH A . 
G 5 HOH 18 174 18  HOH HOH A . 
G 5 HOH 19 175 19  HOH HOH A . 
G 5 HOH 20 176 20  HOH HOH A . 
G 5 HOH 21 177 21  HOH HOH A . 
G 5 HOH 22 178 22  HOH HOH A . 
G 5 HOH 23 179 23  HOH HOH A . 
G 5 HOH 24 180 24  HOH HOH A . 
G 5 HOH 25 181 25  HOH HOH A . 
G 5 HOH 26 182 26  HOH HOH A . 
G 5 HOH 27 183 27  HOH HOH A . 
G 5 HOH 28 184 28  HOH HOH A . 
G 5 HOH 29 185 29  HOH HOH A . 
G 5 HOH 30 186 30  HOH HOH A . 
G 5 HOH 31 187 31  HOH HOH A . 
G 5 HOH 32 188 32  HOH HOH A . 
G 5 HOH 33 189 33  HOH HOH A . 
G 5 HOH 34 190 34  HOH HOH A . 
G 5 HOH 35 191 35  HOH HOH A . 
G 5 HOH 36 192 36  HOH HOH A . 
G 5 HOH 37 193 37  HOH HOH A . 
G 5 HOH 38 194 38  HOH HOH A . 
G 5 HOH 39 195 39  HOH HOH A . 
G 5 HOH 40 196 40  HOH HOH A . 
G 5 HOH 41 197 41  HOH HOH A . 
G 5 HOH 42 198 42  HOH HOH A . 
G 5 HOH 43 199 43  HOH HOH A . 
G 5 HOH 44 202 44  HOH HOH A . 
G 5 HOH 45 203 45  HOH HOH A . 
G 5 HOH 46 204 46  HOH HOH A . 
G 5 HOH 47 205 47  HOH HOH A . 
G 5 HOH 48 206 48  HOH HOH A . 
G 5 HOH 49 207 49  HOH HOH A . 
G 5 HOH 50 208 50  HOH HOH A . 
G 5 HOH 51 209 51  HOH HOH A . 
G 5 HOH 52 210 52  HOH HOH A . 
G 5 HOH 53 211 53  HOH HOH A . 
G 5 HOH 54 212 54  HOH HOH A . 
G 5 HOH 55 213 55  HOH HOH A . 
G 5 HOH 56 214 56  HOH HOH A . 
G 5 HOH 57 215 57  HOH HOH A . 
G 5 HOH 58 216 58  HOH HOH A . 
G 5 HOH 59 217 59  HOH HOH A . 
G 5 HOH 60 218 60  HOH HOH A . 
G 5 HOH 61 219 61  HOH HOH A . 
G 5 HOH 62 220 62  HOH HOH A . 
G 5 HOH 63 221 63  HOH HOH A . 
G 5 HOH 64 222 64  HOH HOH A . 
G 5 HOH 65 223 65  HOH HOH A . 
G 5 HOH 66 224 66  HOH HOH A . 
G 5 HOH 67 225 67  HOH HOH A . 
G 5 HOH 68 226 68  HOH HOH A . 
G 5 HOH 69 227 69  HOH HOH A . 
G 5 HOH 70 228 70  HOH HOH A . 
G 5 HOH 71 229 71  HOH HOH A . 
# 
loop_
_pdbx_unobs_or_zero_occ_atoms.id 
_pdbx_unobs_or_zero_occ_atoms.PDB_model_num 
_pdbx_unobs_or_zero_occ_atoms.polymer_flag 
_pdbx_unobs_or_zero_occ_atoms.occupancy_flag 
_pdbx_unobs_or_zero_occ_atoms.auth_asym_id 
_pdbx_unobs_or_zero_occ_atoms.auth_comp_id 
_pdbx_unobs_or_zero_occ_atoms.auth_seq_id 
_pdbx_unobs_or_zero_occ_atoms.PDB_ins_code 
_pdbx_unobs_or_zero_occ_atoms.auth_atom_id 
_pdbx_unobs_or_zero_occ_atoms.label_alt_id 
_pdbx_unobs_or_zero_occ_atoms.label_asym_id 
_pdbx_unobs_or_zero_occ_atoms.label_comp_id 
_pdbx_unobs_or_zero_occ_atoms.label_seq_id 
_pdbx_unobs_or_zero_occ_atoms.label_atom_id 
1 1 Y 1 A GLN 152 ? CG  ? A GLN 153 CG  
2 1 Y 1 A GLN 152 ? CD  ? A GLN 153 CD  
3 1 Y 1 A GLN 152 ? OE1 ? A GLN 153 OE1 
4 1 Y 1 A GLN 152 ? NE2 ? A GLN 153 NE2 
# 
loop_
_software.name 
_software.classification 
_software.version 
_software.citation_id 
_software.pdbx_ordinal 
DENZO     'data reduction' .        ? 1 
MOLREP    phasing          .        ? 2 
REFMAC    refinement       5.2.0019 ? 3 
SCALEPACK 'data scaling'   .        ? 4 
# 
_cell.entry_id           3ASE 
_cell.length_a           90.722 
_cell.length_b           90.722 
_cell.length_c           45.395 
_cell.angle_alpha        90.00 
_cell.angle_beta         90.00 
_cell.angle_gamma        120.00 
_cell.Z_PDB              6 
_cell.pdbx_unique_axis   ? 
_cell.length_a_esd       ? 
_cell.length_b_esd       ? 
_cell.length_c_esd       ? 
_cell.angle_alpha_esd    ? 
_cell.angle_beta_esd     ? 
_cell.angle_gamma_esd    ? 
# 
_symmetry.entry_id                         3ASE 
_symmetry.space_group_name_H-M             'P 6' 
_symmetry.pdbx_full_space_group_name_H-M   ? 
_symmetry.cell_setting                     ? 
_symmetry.Int_Tables_number                168 
_symmetry.space_group_name_Hall            ? 
# 
_exptl.entry_id          3ASE 
_exptl.method            'X-RAY DIFFRACTION' 
_exptl.crystals_number   1 
# 
_exptl_crystal.id                    1 
_exptl_crystal.density_meas          ? 
_exptl_crystal.density_Matthews      3.11 
_exptl_crystal.density_percent_sol   60.39 
_exptl_crystal.description           ? 
_exptl_crystal.F_000                 ? 
_exptl_crystal.preparation           ? 
# 
_exptl_crystal_grow.crystal_id      1 
_exptl_crystal_grow.method          'VAPOR DIFFUSION, SITTING DROP' 
_exptl_crystal_grow.temp            277 
_exptl_crystal_grow.temp_details    ? 
_exptl_crystal_grow.pH              6.4 
_exptl_crystal_grow.pdbx_details    
'3.2-2.9M ammonium sulfate in 0.1 M Bis-Tris-propane, pH 6.4, VAPOR DIFFUSION, SITTING DROP, temperature 277K' 
_exptl_crystal_grow.pdbx_pH_range   . 
# 
_diffrn.id                     1 
_diffrn.ambient_temp           100 
_diffrn.ambient_temp_details   ? 
_diffrn.crystal_id             1 
# 
_diffrn_detector.diffrn_id              1 
_diffrn_detector.detector               'IMAGE PLATE' 
_diffrn_detector.type                   'RIGAKU RAXIS VII' 
_diffrn_detector.pdbx_collection_date   2009-12-16 
_diffrn_detector.details                ? 
# 
_diffrn_radiation.diffrn_id                        1 
_diffrn_radiation.wavelength_id                    1 
_diffrn_radiation.pdbx_monochromatic_or_laue_m_l   M 
_diffrn_radiation.monochromator                    'CONFOCAL MIRRORS' 
_diffrn_radiation.pdbx_diffrn_protocol             'SINGLE WAVELENGTH' 
_diffrn_radiation.pdbx_scattering_type             x-ray 
# 
_diffrn_radiation_wavelength.id           1 
_diffrn_radiation_wavelength.wavelength   1.5418 
_diffrn_radiation_wavelength.wt           1.0 
# 
_diffrn_source.diffrn_id                   1 
_diffrn_source.source                      'ROTATING ANODE' 
_diffrn_source.type                        RIGAKU 
_diffrn_source.pdbx_synchrotron_site       ? 
_diffrn_source.pdbx_synchrotron_beamline   ? 
_diffrn_source.pdbx_wavelength             ? 
_diffrn_source.pdbx_wavelength_list        1.5418 
# 
_reflns.entry_id                     3ASE 
_reflns.observed_criterion_sigma_I   ? 
_reflns.observed_criterion_sigma_F   ? 
_reflns.d_resolution_low             100 
_reflns.d_resolution_high            1.75 
_reflns.number_obs                   21608 
_reflns.number_all                   ? 
_reflns.percent_possible_obs         99.6 
_reflns.pdbx_Rmerge_I_obs            0.054 
_reflns.pdbx_Rsym_value              ? 
_reflns.pdbx_netI_over_sigmaI        29.9 
_reflns.B_iso_Wilson_estimate        ? 
_reflns.pdbx_redundancy              8.2 
_reflns.R_free_details               ? 
_reflns.limit_h_max                  ? 
_reflns.limit_h_min                  ? 
_reflns.limit_k_max                  ? 
_reflns.limit_k_min                  ? 
_reflns.limit_l_max                  ? 
_reflns.limit_l_min                  ? 
_reflns.observed_criterion_F_max     ? 
_reflns.observed_criterion_F_min     ? 
_reflns.pdbx_chi_squared             ? 
_reflns.pdbx_scaling_rejects         ? 
_reflns.pdbx_diffrn_id               1 
_reflns.pdbx_ordinal                 1 
# 
_reflns_shell.d_res_high                  1.75 
_reflns_shell.d_res_low                   1.81 
_reflns_shell.percent_possible_all        99.4 
_reflns_shell.Rmerge_I_obs                0.325 
_reflns_shell.pdbx_Rsym_value             ? 
_reflns_shell.meanI_over_sigI_obs         3.8 
_reflns_shell.pdbx_redundancy             5.4 
_reflns_shell.percent_possible_obs        ? 
_reflns_shell.number_unique_all           ? 
_reflns_shell.number_measured_all         ? 
_reflns_shell.number_measured_obs         ? 
_reflns_shell.number_unique_obs           ? 
_reflns_shell.pdbx_chi_squared            ? 
_reflns_shell.pdbx_rejects                ? 
_reflns_shell.pdbx_netI_over_sigmaI_obs   ? 
_reflns_shell.number_possible             ? 
_reflns_shell.Rmerge_F_all                ? 
_reflns_shell.Rmerge_F_obs                ? 
_reflns_shell.Rmerge_I_all                ? 
_reflns_shell.meanI_over_sigI_all         ? 
_reflns_shell.pdbx_Rrim_I_all             ? 
_reflns_shell.pdbx_Rpim_I_all             ? 
_reflns_shell.pdbx_diffrn_id              ? 
_reflns_shell.pdbx_ordinal                1 
# 
_refine.entry_id                                 3ASE 
_refine.ls_number_reflns_obs                     20500 
_refine.ls_number_reflns_all                     ? 
_refine.pdbx_ls_sigma_I                          ? 
_refine.pdbx_ls_sigma_F                          ? 
_refine.pdbx_data_cutoff_high_absF               ? 
_refine.pdbx_data_cutoff_low_absF                ? 
_refine.pdbx_data_cutoff_high_rms_absF           ? 
_refine.ls_d_res_low                             19.65 
_refine.ls_d_res_high                            1.75 
_refine.ls_percent_reflns_obs                    99.70 
_refine.ls_R_factor_obs                          0.20275 
_refine.ls_R_factor_all                          ? 
_refine.ls_R_factor_R_work                       0.20118 
_refine.ls_R_factor_R_free                       0.23246 
_refine.ls_R_factor_R_free_error                 ? 
_refine.ls_R_factor_R_free_error_details         ? 
_refine.ls_percent_reflns_R_free                 5.1 
_refine.ls_number_reflns_R_free                  1106 
_refine.ls_number_parameters                     ? 
_refine.ls_number_restraints                     ? 
_refine.occupancy_min                            ? 
_refine.occupancy_max                            ? 
_refine.correlation_coeff_Fo_to_Fc               0.942 
_refine.correlation_coeff_Fo_to_Fc_free          0.923 
_refine.B_iso_mean                               18.328 
_refine.aniso_B[1][1]                            0.00 
_refine.aniso_B[2][2]                            0.00 
_refine.aniso_B[3][3]                            0.00 
_refine.aniso_B[1][2]                            0.00 
_refine.aniso_B[1][3]                            0.00 
_refine.aniso_B[2][3]                            0.00 
_refine.solvent_model_details                    MASK 
_refine.solvent_model_param_ksol                 ? 
_refine.solvent_model_param_bsol                 ? 
_refine.pdbx_solvent_vdw_probe_radii             1.20 
_refine.pdbx_solvent_ion_probe_radii             0.80 
_refine.pdbx_solvent_shrinkage_radii             0.80 
_refine.pdbx_ls_cross_valid_method               THROUGHOUT 
_refine.details                                  'HYDROGENS HAVE BEEN ADDED IN THE RIDING POSITIONS' 
_refine.pdbx_starting_model                      ? 
_refine.pdbx_method_to_determine_struct          'MOLECULAR REPLACEMENT' 
_refine.pdbx_isotropic_thermal_model             ? 
_refine.pdbx_stereochemistry_target_values       'MAXIMUM LIKELIHOOD' 
_refine.pdbx_stereochem_target_val_spec_case     ? 
_refine.pdbx_R_Free_selection_details            RANDOM 
_refine.pdbx_overall_ESU_R_Free                  0.106 
_refine.overall_SU_ML                            0.069 
_refine.overall_SU_B                             2.094 
_refine.overall_SU_R_Cruickshank_DPI             ? 
_refine.ls_redundancy_reflns_obs                 ? 
_refine.B_iso_min                                ? 
_refine.B_iso_max                                ? 
_refine.overall_SU_R_free                        ? 
_refine.ls_wR_factor_R_free                      ? 
_refine.ls_wR_factor_R_work                      ? 
_refine.overall_FOM_free_R_set                   ? 
_refine.overall_FOM_work_R_set                   ? 
_refine.pdbx_refine_id                           'X-RAY DIFFRACTION' 
_refine.pdbx_overall_phase_error                 ? 
_refine.pdbx_overall_ESU_R                       ? 
_refine.pdbx_diffrn_id                           1 
_refine.pdbx_TLS_residual_ADP_flag               ? 
_refine.pdbx_overall_SU_R_free_Cruickshank_DPI   ? 
_refine.pdbx_overall_SU_R_Blow_DPI               ? 
_refine.pdbx_overall_SU_R_free_Blow_DPI          ? 
# 
_refine_hist.pdbx_refine_id                   'X-RAY DIFFRACTION' 
_refine_hist.cycle_id                         LAST 
_refine_hist.pdbx_number_atoms_protein        1221 
_refine_hist.pdbx_number_atoms_nucleic_acid   0 
_refine_hist.pdbx_number_atoms_ligand         61 
_refine_hist.number_atoms_solvent             71 
_refine_hist.number_atoms_total               1353 
_refine_hist.d_res_high                       1.75 
_refine_hist.d_res_low                        19.65 
# 
loop_
_refine_ls_restr.type 
_refine_ls_restr.dev_ideal 
_refine_ls_restr.dev_ideal_target 
_refine_ls_restr.weight 
_refine_ls_restr.number 
_refine_ls_restr.pdbx_refine_id 
_refine_ls_restr.pdbx_restraint_function 
r_bond_refined_d             0.013  0.021  ? 1313 'X-RAY DIFFRACTION' ? 
r_bond_other_d               ?      ?      ? ?    'X-RAY DIFFRACTION' ? 
r_angle_refined_deg          3.019  2.011  ? 1778 'X-RAY DIFFRACTION' ? 
r_angle_other_deg            ?      ?      ? ?    'X-RAY DIFFRACTION' ? 
r_dihedral_angle_1_deg       4.535  5.000  ? 153  'X-RAY DIFFRACTION' ? 
r_dihedral_angle_2_deg       36.283 24.151 ? 53   'X-RAY DIFFRACTION' ? 
r_dihedral_angle_3_deg       15.541 15.000 ? 237  'X-RAY DIFFRACTION' ? 
r_dihedral_angle_4_deg       27.713 15.000 ? 4    'X-RAY DIFFRACTION' ? 
r_chiral_restr               0.084  0.200  ? 185  'X-RAY DIFFRACTION' ? 
r_gen_planes_refined         0.009  0.020  ? 962  'X-RAY DIFFRACTION' ? 
r_gen_planes_other           ?      ?      ? ?    'X-RAY DIFFRACTION' ? 
r_nbd_refined                0.204  0.200  ? 637  'X-RAY DIFFRACTION' ? 
r_nbd_other                  ?      ?      ? ?    'X-RAY DIFFRACTION' ? 
r_nbtor_refined              0.301  0.200  ? 877  'X-RAY DIFFRACTION' ? 
r_nbtor_other                ?      ?      ? ?    'X-RAY DIFFRACTION' ? 
r_xyhbond_nbd_refined        0.121  0.200  ? 73   'X-RAY DIFFRACTION' ? 
r_xyhbond_nbd_other          ?      ?      ? ?    'X-RAY DIFFRACTION' ? 
r_metal_ion_refined          ?      ?      ? ?    'X-RAY DIFFRACTION' ? 
r_metal_ion_other            ?      ?      ? ?    'X-RAY DIFFRACTION' ? 
r_symmetry_vdw_refined       0.188  0.200  ? 27   'X-RAY DIFFRACTION' ? 
r_symmetry_vdw_other         ?      ?      ? ?    'X-RAY DIFFRACTION' ? 
r_symmetry_hbond_refined     0.104  0.200  ? 10   'X-RAY DIFFRACTION' ? 
r_symmetry_hbond_other       ?      ?      ? ?    'X-RAY DIFFRACTION' ? 
r_symmetry_metal_ion_refined ?      ?      ? ?    'X-RAY DIFFRACTION' ? 
r_symmetry_metal_ion_other   ?      ?      ? ?    'X-RAY DIFFRACTION' ? 
r_mcbond_it                  0.887  1.500  ? 787  'X-RAY DIFFRACTION' ? 
r_mcbond_other               ?      ?      ? ?    'X-RAY DIFFRACTION' ? 
r_mcangle_it                 1.425  2.000  ? 1214 'X-RAY DIFFRACTION' ? 
r_scbond_it                  2.506  3.000  ? 612  'X-RAY DIFFRACTION' ? 
r_scangle_it                 3.952  4.500  ? 562  'X-RAY DIFFRACTION' ? 
r_rigid_bond_restr           ?      ?      ? ?    'X-RAY DIFFRACTION' ? 
r_sphericity_free            ?      ?      ? ?    'X-RAY DIFFRACTION' ? 
r_sphericity_bonded          ?      ?      ? ?    'X-RAY DIFFRACTION' ? 
# 
_refine_ls_shell.pdbx_refine_id                   'X-RAY DIFFRACTION' 
_refine_ls_shell.pdbx_total_number_of_bins_used   20 
_refine_ls_shell.d_res_high                       1.750 
_refine_ls_shell.d_res_low                        1.795 
_refine_ls_shell.number_reflns_R_work             1452 
_refine_ls_shell.R_factor_R_work                  0.238 
_refine_ls_shell.percent_reflns_obs               99.23 
_refine_ls_shell.R_factor_R_free                  0.291 
_refine_ls_shell.R_factor_R_free_error            ? 
_refine_ls_shell.percent_reflns_R_free            ? 
_refine_ls_shell.number_reflns_R_free             93 
_refine_ls_shell.number_reflns_all                ? 
_refine_ls_shell.R_factor_all                     ? 
_refine_ls_shell.number_reflns_obs                ? 
_refine_ls_shell.redundancy_reflns_obs            ? 
# 
_struct.entry_id                  3ASE 
_struct.title                     'Crystal Structure of Zinc myoglobin soaked with Ru3O cluster' 
_struct.pdbx_model_details        ? 
_struct.pdbx_CASP_flag            ? 
_struct.pdbx_model_type_details   ? 
# 
_struct_keywords.entry_id        3ASE 
_struct_keywords.pdbx_keywords   'OXYGEN TRANSPORT' 
_struct_keywords.text            'Electron transfer, OXYGEN TRANSPORT' 
# 
loop_
_struct_asym.id 
_struct_asym.pdbx_blank_PDB_chainid_flag 
_struct_asym.pdbx_modified 
_struct_asym.entity_id 
_struct_asym.details 
A N N 1 ? 
B N N 2 ? 
C N N 2 ? 
D N N 3 ? 
E N N 3 ? 
F N N 4 ? 
G N N 5 ? 
# 
_struct_ref.id                         1 
_struct_ref.db_name                    UNP 
_struct_ref.db_code                    MYG_PHYMC 
_struct_ref.pdbx_db_accession          P02185 
_struct_ref.entity_id                  1 
_struct_ref.pdbx_seq_one_letter_code   
;MVLSEGEWQLVLHVWAKVEADVAGHGQDILIRLFKSHPETLEKFDRFKHLKTEAEMKASEDLKKHGVTVLTALGAILKKK
GHHEAELKPLAQSHATKHKIPIKYLEFISEAIIHVLHSRHPGDFGADAQGAMNKALELFRKDIAAKYKELGYQG
;
_struct_ref.pdbx_align_begin           1 
_struct_ref.pdbx_db_isoform            ? 
# 
_struct_ref_seq.align_id                      1 
_struct_ref_seq.ref_id                        1 
_struct_ref_seq.pdbx_PDB_id_code              3ASE 
_struct_ref_seq.pdbx_strand_id                A 
_struct_ref_seq.seq_align_beg                 1 
_struct_ref_seq.pdbx_seq_align_beg_ins_code   ? 
_struct_ref_seq.seq_align_end                 154 
_struct_ref_seq.pdbx_seq_align_end_ins_code   ? 
_struct_ref_seq.pdbx_db_accession             P02185 
_struct_ref_seq.db_align_beg                  1 
_struct_ref_seq.pdbx_db_align_beg_ins_code    ? 
_struct_ref_seq.db_align_end                  154 
_struct_ref_seq.pdbx_db_align_end_ins_code    ? 
_struct_ref_seq.pdbx_auth_seq_align_beg       0 
_struct_ref_seq.pdbx_auth_seq_align_end       153 
# 
_struct_ref_seq_dif.align_id                     1 
_struct_ref_seq_dif.pdbx_pdb_id_code             3ASE 
_struct_ref_seq_dif.mon_id                       ASN 
_struct_ref_seq_dif.pdbx_pdb_strand_id           A 
_struct_ref_seq_dif.seq_num                      123 
_struct_ref_seq_dif.pdbx_pdb_ins_code            ? 
_struct_ref_seq_dif.pdbx_seq_db_name             UNP 
_struct_ref_seq_dif.pdbx_seq_db_accession_code   P02185 
_struct_ref_seq_dif.db_mon_id                    ASP 
_struct_ref_seq_dif.pdbx_seq_db_seq_num          123 
_struct_ref_seq_dif.details                      'SEE REMARK 999' 
_struct_ref_seq_dif.pdbx_auth_seq_num            122 
_struct_ref_seq_dif.pdbx_ordinal                 1 
# 
_pdbx_struct_assembly.id                   1 
_pdbx_struct_assembly.details              author_and_software_defined_assembly 
_pdbx_struct_assembly.method_details       PISA 
_pdbx_struct_assembly.oligomeric_details   monomeric 
_pdbx_struct_assembly.oligomeric_count     1 
# 
_pdbx_struct_assembly_gen.assembly_id       1 
_pdbx_struct_assembly_gen.oper_expression   1 
_pdbx_struct_assembly_gen.asym_id_list      A,B,C,D,E,F,G 
# 
_pdbx_struct_oper_list.id                   1 
_pdbx_struct_oper_list.type                 'identity operation' 
_pdbx_struct_oper_list.name                 1_555 
_pdbx_struct_oper_list.symmetry_operation   x,y,z 
_pdbx_struct_oper_list.matrix[1][1]         1.0000000000 
_pdbx_struct_oper_list.matrix[1][2]         0.0000000000 
_pdbx_struct_oper_list.matrix[1][3]         0.0000000000 
_pdbx_struct_oper_list.vector[1]            0.0000000000 
_pdbx_struct_oper_list.matrix[2][1]         0.0000000000 
_pdbx_struct_oper_list.matrix[2][2]         1.0000000000 
_pdbx_struct_oper_list.matrix[2][3]         0.0000000000 
_pdbx_struct_oper_list.vector[2]            0.0000000000 
_pdbx_struct_oper_list.matrix[3][1]         0.0000000000 
_pdbx_struct_oper_list.matrix[3][2]         0.0000000000 
_pdbx_struct_oper_list.matrix[3][3]         1.0000000000 
_pdbx_struct_oper_list.vector[3]            0.0000000000 
# 
_struct_biol.id        1 
_struct_biol.details   ? 
# 
loop_
_struct_conf.conf_type_id 
_struct_conf.id 
_struct_conf.pdbx_PDB_helix_id 
_struct_conf.beg_label_comp_id 
_struct_conf.beg_label_asym_id 
_struct_conf.beg_label_seq_id 
_struct_conf.pdbx_beg_PDB_ins_code 
_struct_conf.end_label_comp_id 
_struct_conf.end_label_asym_id 
_struct_conf.end_label_seq_id 
_struct_conf.pdbx_end_PDB_ins_code 
_struct_conf.beg_auth_comp_id 
_struct_conf.beg_auth_asym_id 
_struct_conf.beg_auth_seq_id 
_struct_conf.end_auth_comp_id 
_struct_conf.end_auth_asym_id 
_struct_conf.end_auth_seq_id 
_struct_conf.pdbx_PDB_helix_class 
_struct_conf.details 
_struct_conf.pdbx_PDB_helix_length 
HELX_P HELX_P1 1 SER A 4   ? GLU A 19  ? SER A 3   GLU A 18  1 ? 16 
HELX_P HELX_P2 2 ASP A 21  ? HIS A 37  ? ASP A 20  HIS A 36  1 ? 17 
HELX_P HELX_P3 3 PRO A 38  ? PHE A 44  ? PRO A 37  PHE A 43  5 ? 7  
HELX_P HELX_P4 4 THR A 52  ? SER A 59  ? THR A 51  SER A 58  1 ? 8  
HELX_P HELX_P5 5 SER A 59  ? LYS A 79  ? SER A 58  LYS A 78  1 ? 21 
HELX_P HELX_P6 6 HIS A 83  ? LYS A 97  ? HIS A 82  LYS A 96  1 ? 15 
HELX_P HELX_P7 7 PRO A 101 ? HIS A 120 ? PRO A 100 HIS A 119 1 ? 20 
HELX_P HELX_P8 8 GLY A 125 ? GLY A 151 ? GLY A 124 GLY A 150 1 ? 27 
# 
_struct_conf_type.id          HELX_P 
_struct_conf_type.criteria    ? 
_struct_conf_type.reference   ? 
# 
loop_
_struct_conn.id 
_struct_conn.conn_type_id 
_struct_conn.pdbx_leaving_atom_flag 
_struct_conn.pdbx_PDB_id 
_struct_conn.ptnr1_label_asym_id 
_struct_conn.ptnr1_label_comp_id 
_struct_conn.ptnr1_label_seq_id 
_struct_conn.ptnr1_label_atom_id 
_struct_conn.pdbx_ptnr1_label_alt_id 
_struct_conn.pdbx_ptnr1_PDB_ins_code 
_struct_conn.pdbx_ptnr1_standard_comp_id 
_struct_conn.ptnr1_symmetry 
_struct_conn.ptnr2_label_asym_id 
_struct_conn.ptnr2_label_comp_id 
_struct_conn.ptnr2_label_seq_id 
_struct_conn.ptnr2_label_atom_id 
_struct_conn.pdbx_ptnr2_label_alt_id 
_struct_conn.pdbx_ptnr2_PDB_ins_code 
_struct_conn.ptnr1_auth_asym_id 
_struct_conn.ptnr1_auth_comp_id 
_struct_conn.ptnr1_auth_seq_id 
_struct_conn.ptnr2_auth_asym_id 
_struct_conn.ptnr2_auth_comp_id 
_struct_conn.ptnr2_auth_seq_id 
_struct_conn.ptnr2_symmetry 
_struct_conn.pdbx_ptnr3_label_atom_id 
_struct_conn.pdbx_ptnr3_label_seq_id 
_struct_conn.pdbx_ptnr3_label_comp_id 
_struct_conn.pdbx_ptnr3_label_asym_id 
_struct_conn.pdbx_ptnr3_label_alt_id 
_struct_conn.pdbx_ptnr3_PDB_ins_code 
_struct_conn.details 
_struct_conn.pdbx_dist_value 
_struct_conn.pdbx_value_order 
_struct_conn.pdbx_role 
metalc1 metalc ? ? A HIS 13 ND1 ? ? ? 1_555 D RUO . RU2 ? ? A HIS 12  A RUO 154 1_555 ? ? ? ? ? ? ? 2.291 ? ? 
metalc2 metalc ? ? A HIS 94 NE2 ? ? ? 1_555 F ZNH . ZN  ? ? A HIS 93  A ZNH 156 1_555 ? ? ? ? ? ? ? 2.167 ? ? 
metalc3 metalc ? ? D RUO .  RU1 ? ? ? 1_555 G HOH . O   ? ? A RUO 154 A HOH 216 1_555 ? ? ? ? ? ? ? 2.597 ? ? 
# 
_struct_conn_type.id          metalc 
_struct_conn_type.criteria    ? 
_struct_conn_type.reference   ? 
# 
loop_
_pdbx_struct_conn_angle.id 
_pdbx_struct_conn_angle.ptnr1_label_atom_id 
_pdbx_struct_conn_angle.ptnr1_label_alt_id 
_pdbx_struct_conn_angle.ptnr1_label_asym_id 
_pdbx_struct_conn_angle.ptnr1_label_comp_id 
_pdbx_struct_conn_angle.ptnr1_label_seq_id 
_pdbx_struct_conn_angle.ptnr1_auth_atom_id 
_pdbx_struct_conn_angle.ptnr1_auth_asym_id 
_pdbx_struct_conn_angle.ptnr1_auth_comp_id 
_pdbx_struct_conn_angle.ptnr1_auth_seq_id 
_pdbx_struct_conn_angle.ptnr1_PDB_ins_code 
_pdbx_struct_conn_angle.ptnr1_symmetry 
_pdbx_struct_conn_angle.ptnr2_label_atom_id 
_pdbx_struct_conn_angle.ptnr2_label_alt_id 
_pdbx_struct_conn_angle.ptnr2_label_asym_id 
_pdbx_struct_conn_angle.ptnr2_label_comp_id 
_pdbx_struct_conn_angle.ptnr2_label_seq_id 
_pdbx_struct_conn_angle.ptnr2_auth_atom_id 
_pdbx_struct_conn_angle.ptnr2_auth_asym_id 
_pdbx_struct_conn_angle.ptnr2_auth_comp_id 
_pdbx_struct_conn_angle.ptnr2_auth_seq_id 
_pdbx_struct_conn_angle.ptnr2_PDB_ins_code 
_pdbx_struct_conn_angle.ptnr2_symmetry 
_pdbx_struct_conn_angle.ptnr3_label_atom_id 
_pdbx_struct_conn_angle.ptnr3_label_alt_id 
_pdbx_struct_conn_angle.ptnr3_label_asym_id 
_pdbx_struct_conn_angle.ptnr3_label_comp_id 
_pdbx_struct_conn_angle.ptnr3_label_seq_id 
_pdbx_struct_conn_angle.ptnr3_auth_atom_id 
_pdbx_struct_conn_angle.ptnr3_auth_asym_id 
_pdbx_struct_conn_angle.ptnr3_auth_comp_id 
_pdbx_struct_conn_angle.ptnr3_auth_seq_id 
_pdbx_struct_conn_angle.ptnr3_PDB_ins_code 
_pdbx_struct_conn_angle.ptnr3_symmetry 
_pdbx_struct_conn_angle.value 
_pdbx_struct_conn_angle.value_esd 
1  ND1 ? A HIS 13 ? A HIS 12  ? 1_555 RU2 ? D RUO . ? A RUO 154 ? 1_555 O1 ? D RUO . ? A RUO 154 ? 1_555 177.4 ? 
2  NE2 ? A HIS 94 ? A HIS 93  ? 1_555 ZN  ? F ZNH . ? A ZNH 156 ? 1_555 NA ? F ZNH . ? A ZNH 156 ? 1_555 94.3  ? 
3  NE2 ? A HIS 94 ? A HIS 93  ? 1_555 ZN  ? F ZNH . ? A ZNH 156 ? 1_555 NB ? F ZNH . ? A ZNH 156 ? 1_555 96.8  ? 
4  NA  ? F ZNH .  ? A ZNH 156 ? 1_555 ZN  ? F ZNH . ? A ZNH 156 ? 1_555 NB ? F ZNH . ? A ZNH 156 ? 1_555 87.8  ? 
5  NE2 ? A HIS 94 ? A HIS 93  ? 1_555 ZN  ? F ZNH . ? A ZNH 156 ? 1_555 NC ? F ZNH . ? A ZNH 156 ? 1_555 105.2 ? 
6  NA  ? F ZNH .  ? A ZNH 156 ? 1_555 ZN  ? F ZNH . ? A ZNH 156 ? 1_555 NC ? F ZNH . ? A ZNH 156 ? 1_555 160.5 ? 
7  NB  ? F ZNH .  ? A ZNH 156 ? 1_555 ZN  ? F ZNH . ? A ZNH 156 ? 1_555 NC ? F ZNH . ? A ZNH 156 ? 1_555 88.8  ? 
8  NE2 ? A HIS 94 ? A HIS 93  ? 1_555 ZN  ? F ZNH . ? A ZNH 156 ? 1_555 ND ? F ZNH . ? A ZNH 156 ? 1_555 102.3 ? 
9  NA  ? F ZNH .  ? A ZNH 156 ? 1_555 ZN  ? F ZNH . ? A ZNH 156 ? 1_555 ND ? F ZNH . ? A ZNH 156 ? 1_555 89.2  ? 
10 NB  ? F ZNH .  ? A ZNH 156 ? 1_555 ZN  ? F ZNH . ? A ZNH 156 ? 1_555 ND ? F ZNH . ? A ZNH 156 ? 1_555 160.8 ? 
11 NC  ? F ZNH .  ? A ZNH 156 ? 1_555 ZN  ? F ZNH . ? A ZNH 156 ? 1_555 ND ? F ZNH . ? A ZNH 156 ? 1_555 87.8  ? 
12 O   ? G HOH .  ? A HOH 216 ? 1_555 RU1 ? D RUO . ? A RUO 154 ? 1_555 O1 ? D RUO . ? A RUO 154 ? 1_555 166.2 ? 
# 
loop_
_struct_site.id 
_struct_site.pdbx_evidence_code 
_struct_site.pdbx_auth_asym_id 
_struct_site.pdbx_auth_comp_id 
_struct_site.pdbx_auth_seq_id 
_struct_site.pdbx_auth_ins_code 
_struct_site.pdbx_num_residues 
_struct_site.details 
AC1 Software A SO4 200 ? 6  'BINDING SITE FOR RESIDUE SO4 A 200' 
AC2 Software A SO4 201 ? 5  'BINDING SITE FOR RESIDUE SO4 A 201' 
AC3 Software A RUO 154 ? 2  'BINDING SITE FOR RESIDUE RUO A 154' 
AC4 Software A RUO 155 ? 2  'BINDING SITE FOR RESIDUE RUO A 155' 
AC5 Software A ZNH 156 ? 22 'BINDING SITE FOR RESIDUE ZNH A 156' 
# 
loop_
_struct_site_gen.id 
_struct_site_gen.site_id 
_struct_site_gen.pdbx_num_res 
_struct_site_gen.label_comp_id 
_struct_site_gen.label_asym_id 
_struct_site_gen.label_seq_id 
_struct_site_gen.pdbx_auth_ins_code 
_struct_site_gen.auth_comp_id 
_struct_site_gen.auth_asym_id 
_struct_site_gen.auth_seq_id 
_struct_site_gen.label_atom_id 
_struct_site_gen.label_alt_id 
_struct_site_gen.symmetry 
_struct_site_gen.details 
1  AC1 6  SER A 4   ? SER A 3   . ? 1_556 ? 
2  AC1 6  GLU A 5   ? GLU A 4   . ? 1_556 ? 
3  AC1 6  THR A 52  ? THR A 51  . ? 1_555 ? 
4  AC1 6  GLU A 53  ? GLU A 52  . ? 1_555 ? 
5  AC1 6  ALA A 54  ? ALA A 53  . ? 1_555 ? 
6  AC1 6  HOH G .   ? HOH A 192 . ? 1_555 ? 
7  AC2 5  LYS A 88  ? LYS A 87  . ? 6_555 ? 
8  AC2 5  GLY A 125 ? GLY A 124 . ? 1_555 ? 
9  AC2 5  ALA A 126 ? ALA A 125 . ? 1_555 ? 
10 AC2 5  ASP A 127 ? ASP A 126 . ? 1_555 ? 
11 AC2 5  HOH G .   ? HOH A 169 . ? 1_555 ? 
12 AC3 2  HIS A 13  ? HIS A 12  . ? 1_555 ? 
13 AC3 2  HOH G .   ? HOH A 216 . ? 1_555 ? 
14 AC4 2  HIS A 49  ? HIS A 48  . ? 1_554 ? 
15 AC4 2  HIS A 82  ? HIS A 81  . ? 1_555 ? 
16 AC5 22 LYS A 43  ? LYS A 42  . ? 1_555 ? 
17 AC5 22 PHE A 44  ? PHE A 43  . ? 1_555 ? 
18 AC5 22 ARG A 46  ? ARG A 45  . ? 1_555 ? 
19 AC5 22 HIS A 65  ? HIS A 64  . ? 1_555 ? 
20 AC5 22 THR A 68  ? THR A 67  . ? 1_555 ? 
21 AC5 22 VAL A 69  ? VAL A 68  . ? 1_555 ? 
22 AC5 22 ALA A 72  ? ALA A 71  . ? 1_555 ? 
23 AC5 22 LEU A 90  ? LEU A 89  . ? 1_555 ? 
24 AC5 22 SER A 93  ? SER A 92  . ? 1_555 ? 
25 AC5 22 HIS A 94  ? HIS A 93  . ? 1_555 ? 
26 AC5 22 HIS A 98  ? HIS A 97  . ? 1_555 ? 
27 AC5 22 ILE A 100 ? ILE A 99  . ? 1_555 ? 
28 AC5 22 TYR A 104 ? TYR A 103 . ? 1_555 ? 
29 AC5 22 LEU A 105 ? LEU A 104 . ? 1_555 ? 
30 AC5 22 ILE A 108 ? ILE A 107 . ? 1_555 ? 
31 AC5 22 PHE A 139 ? PHE A 138 . ? 1_555 ? 
32 AC5 22 HOH G .   ? HOH A 178 . ? 1_555 ? 
33 AC5 22 HOH G .   ? HOH A 180 . ? 1_555 ? 
34 AC5 22 HOH G .   ? HOH A 191 . ? 1_555 ? 
35 AC5 22 HOH G .   ? HOH A 204 . ? 1_555 ? 
36 AC5 22 HOH G .   ? HOH A 210 . ? 1_555 ? 
37 AC5 22 HOH G .   ? HOH A 224 . ? 1_555 ? 
# 
loop_
_pdbx_validate_torsion.id 
_pdbx_validate_torsion.PDB_model_num 
_pdbx_validate_torsion.auth_comp_id 
_pdbx_validate_torsion.auth_asym_id 
_pdbx_validate_torsion.auth_seq_id 
_pdbx_validate_torsion.PDB_ins_code 
_pdbx_validate_torsion.label_alt_id 
_pdbx_validate_torsion.phi 
_pdbx_validate_torsion.psi 
1 1 ASP A 20  ? ? -155.83 73.22 
2 1 HIS A 81  ? ? -92.93  58.21 
3 1 PHE A 123 ? ? -140.52 54.50 
# 
_pdbx_validate_chiral.id              1 
_pdbx_validate_chiral.PDB_model_num   1 
_pdbx_validate_chiral.auth_atom_id    NA 
_pdbx_validate_chiral.label_alt_id    ? 
_pdbx_validate_chiral.auth_asym_id    A 
_pdbx_validate_chiral.auth_comp_id    ZNH 
_pdbx_validate_chiral.auth_seq_id     156 
_pdbx_validate_chiral.PDB_ins_code    ? 
_pdbx_validate_chiral.details         PLANAR 
_pdbx_validate_chiral.omega           . 
# 
_pdbx_entry_details.entry_id                 3ASE 
_pdbx_entry_details.nonpolymer_details       ? 
_pdbx_entry_details.sequence_details         'THE SEQUENCE WAS BASED ON REFERENCE 2 OF DATABASE P02185 (MYG_PHYMC).' 
_pdbx_entry_details.compound_details         ? 
_pdbx_entry_details.source_details           ? 
_pdbx_entry_details.has_ligand_of_interest   ? 
# 
loop_
_chem_comp_atom.comp_id 
_chem_comp_atom.atom_id 
_chem_comp_atom.type_symbol 
_chem_comp_atom.pdbx_aromatic_flag 
_chem_comp_atom.pdbx_stereo_config 
_chem_comp_atom.pdbx_ordinal 
ALA N    N  N N 1   
ALA CA   C  N S 2   
ALA C    C  N N 3   
ALA O    O  N N 4   
ALA CB   C  N N 5   
ALA OXT  O  N N 6   
ALA H    H  N N 7   
ALA H2   H  N N 8   
ALA HA   H  N N 9   
ALA HB1  H  N N 10  
ALA HB2  H  N N 11  
ALA HB3  H  N N 12  
ALA HXT  H  N N 13  
ARG N    N  N N 14  
ARG CA   C  N S 15  
ARG C    C  N N 16  
ARG O    O  N N 17  
ARG CB   C  N N 18  
ARG CG   C  N N 19  
ARG CD   C  N N 20  
ARG NE   N  N N 21  
ARG CZ   C  N N 22  
ARG NH1  N  N N 23  
ARG NH2  N  N N 24  
ARG OXT  O  N N 25  
ARG H    H  N N 26  
ARG H2   H  N N 27  
ARG HA   H  N N 28  
ARG HB2  H  N N 29  
ARG HB3  H  N N 30  
ARG HG2  H  N N 31  
ARG HG3  H  N N 32  
ARG HD2  H  N N 33  
ARG HD3  H  N N 34  
ARG HE   H  N N 35  
ARG HH11 H  N N 36  
ARG HH12 H  N N 37  
ARG HH21 H  N N 38  
ARG HH22 H  N N 39  
ARG HXT  H  N N 40  
ASN N    N  N N 41  
ASN CA   C  N S 42  
ASN C    C  N N 43  
ASN O    O  N N 44  
ASN CB   C  N N 45  
ASN CG   C  N N 46  
ASN OD1  O  N N 47  
ASN ND2  N  N N 48  
ASN OXT  O  N N 49  
ASN H    H  N N 50  
ASN H2   H  N N 51  
ASN HA   H  N N 52  
ASN HB2  H  N N 53  
ASN HB3  H  N N 54  
ASN HD21 H  N N 55  
ASN HD22 H  N N 56  
ASN HXT  H  N N 57  
ASP N    N  N N 58  
ASP CA   C  N S 59  
ASP C    C  N N 60  
ASP O    O  N N 61  
ASP CB   C  N N 62  
ASP CG   C  N N 63  
ASP OD1  O  N N 64  
ASP OD2  O  N N 65  
ASP OXT  O  N N 66  
ASP H    H  N N 67  
ASP H2   H  N N 68  
ASP HA   H  N N 69  
ASP HB2  H  N N 70  
ASP HB3  H  N N 71  
ASP HD2  H  N N 72  
ASP HXT  H  N N 73  
GLN N    N  N N 74  
GLN CA   C  N S 75  
GLN C    C  N N 76  
GLN O    O  N N 77  
GLN CB   C  N N 78  
GLN CG   C  N N 79  
GLN CD   C  N N 80  
GLN OE1  O  N N 81  
GLN NE2  N  N N 82  
GLN OXT  O  N N 83  
GLN H    H  N N 84  
GLN H2   H  N N 85  
GLN HA   H  N N 86  
GLN HB2  H  N N 87  
GLN HB3  H  N N 88  
GLN HG2  H  N N 89  
GLN HG3  H  N N 90  
GLN HE21 H  N N 91  
GLN HE22 H  N N 92  
GLN HXT  H  N N 93  
GLU N    N  N N 94  
GLU CA   C  N S 95  
GLU C    C  N N 96  
GLU O    O  N N 97  
GLU CB   C  N N 98  
GLU CG   C  N N 99  
GLU CD   C  N N 100 
GLU OE1  O  N N 101 
GLU OE2  O  N N 102 
GLU OXT  O  N N 103 
GLU H    H  N N 104 
GLU H2   H  N N 105 
GLU HA   H  N N 106 
GLU HB2  H  N N 107 
GLU HB3  H  N N 108 
GLU HG2  H  N N 109 
GLU HG3  H  N N 110 
GLU HE2  H  N N 111 
GLU HXT  H  N N 112 
GLY N    N  N N 113 
GLY CA   C  N N 114 
GLY C    C  N N 115 
GLY O    O  N N 116 
GLY OXT  O  N N 117 
GLY H    H  N N 118 
GLY H2   H  N N 119 
GLY HA2  H  N N 120 
GLY HA3  H  N N 121 
GLY HXT  H  N N 122 
HIS N    N  N N 123 
HIS CA   C  N S 124 
HIS C    C  N N 125 
HIS O    O  N N 126 
HIS CB   C  N N 127 
HIS CG   C  Y N 128 
HIS ND1  N  Y N 129 
HIS CD2  C  Y N 130 
HIS CE1  C  Y N 131 
HIS NE2  N  Y N 132 
HIS OXT  O  N N 133 
HIS H    H  N N 134 
HIS H2   H  N N 135 
HIS HA   H  N N 136 
HIS HB2  H  N N 137 
HIS HB3  H  N N 138 
HIS HD1  H  N N 139 
HIS HD2  H  N N 140 
HIS HE1  H  N N 141 
HIS HE2  H  N N 142 
HIS HXT  H  N N 143 
HOH O    O  N N 144 
HOH H1   H  N N 145 
HOH H2   H  N N 146 
ILE N    N  N N 147 
ILE CA   C  N S 148 
ILE C    C  N N 149 
ILE O    O  N N 150 
ILE CB   C  N S 151 
ILE CG1  C  N N 152 
ILE CG2  C  N N 153 
ILE CD1  C  N N 154 
ILE OXT  O  N N 155 
ILE H    H  N N 156 
ILE H2   H  N N 157 
ILE HA   H  N N 158 
ILE HB   H  N N 159 
ILE HG12 H  N N 160 
ILE HG13 H  N N 161 
ILE HG21 H  N N 162 
ILE HG22 H  N N 163 
ILE HG23 H  N N 164 
ILE HD11 H  N N 165 
ILE HD12 H  N N 166 
ILE HD13 H  N N 167 
ILE HXT  H  N N 168 
LEU N    N  N N 169 
LEU CA   C  N S 170 
LEU C    C  N N 171 
LEU O    O  N N 172 
LEU CB   C  N N 173 
LEU CG   C  N N 174 
LEU CD1  C  N N 175 
LEU CD2  C  N N 176 
LEU OXT  O  N N 177 
LEU H    H  N N 178 
LEU H2   H  N N 179 
LEU HA   H  N N 180 
LEU HB2  H  N N 181 
LEU HB3  H  N N 182 
LEU HG   H  N N 183 
LEU HD11 H  N N 184 
LEU HD12 H  N N 185 
LEU HD13 H  N N 186 
LEU HD21 H  N N 187 
LEU HD22 H  N N 188 
LEU HD23 H  N N 189 
LEU HXT  H  N N 190 
LYS N    N  N N 191 
LYS CA   C  N S 192 
LYS C    C  N N 193 
LYS O    O  N N 194 
LYS CB   C  N N 195 
LYS CG   C  N N 196 
LYS CD   C  N N 197 
LYS CE   C  N N 198 
LYS NZ   N  N N 199 
LYS OXT  O  N N 200 
LYS H    H  N N 201 
LYS H2   H  N N 202 
LYS HA   H  N N 203 
LYS HB2  H  N N 204 
LYS HB3  H  N N 205 
LYS HG2  H  N N 206 
LYS HG3  H  N N 207 
LYS HD2  H  N N 208 
LYS HD3  H  N N 209 
LYS HE2  H  N N 210 
LYS HE3  H  N N 211 
LYS HZ1  H  N N 212 
LYS HZ2  H  N N 213 
LYS HZ3  H  N N 214 
LYS HXT  H  N N 215 
MET N    N  N N 216 
MET CA   C  N S 217 
MET C    C  N N 218 
MET O    O  N N 219 
MET CB   C  N N 220 
MET CG   C  N N 221 
MET SD   S  N N 222 
MET CE   C  N N 223 
MET OXT  O  N N 224 
MET H    H  N N 225 
MET H2   H  N N 226 
MET HA   H  N N 227 
MET HB2  H  N N 228 
MET HB3  H  N N 229 
MET HG2  H  N N 230 
MET HG3  H  N N 231 
MET HE1  H  N N 232 
MET HE2  H  N N 233 
MET HE3  H  N N 234 
MET HXT  H  N N 235 
PHE N    N  N N 236 
PHE CA   C  N S 237 
PHE C    C  N N 238 
PHE O    O  N N 239 
PHE CB   C  N N 240 
PHE CG   C  Y N 241 
PHE CD1  C  Y N 242 
PHE CD2  C  Y N 243 
PHE CE1  C  Y N 244 
PHE CE2  C  Y N 245 
PHE CZ   C  Y N 246 
PHE OXT  O  N N 247 
PHE H    H  N N 248 
PHE H2   H  N N 249 
PHE HA   H  N N 250 
PHE HB2  H  N N 251 
PHE HB3  H  N N 252 
PHE HD1  H  N N 253 
PHE HD2  H  N N 254 
PHE HE1  H  N N 255 
PHE HE2  H  N N 256 
PHE HZ   H  N N 257 
PHE HXT  H  N N 258 
PRO N    N  N N 259 
PRO CA   C  N S 260 
PRO C    C  N N 261 
PRO O    O  N N 262 
PRO CB   C  N N 263 
PRO CG   C  N N 264 
PRO CD   C  N N 265 
PRO OXT  O  N N 266 
PRO H    H  N N 267 
PRO HA   H  N N 268 
PRO HB2  H  N N 269 
PRO HB3  H  N N 270 
PRO HG2  H  N N 271 
PRO HG3  H  N N 272 
PRO HD2  H  N N 273 
PRO HD3  H  N N 274 
PRO HXT  H  N N 275 
RUO O1   O  N N 276 
RUO RU1  RU N N 277 
RUO RU2  RU N N 278 
RUO RU3  RU N N 279 
SER N    N  N N 280 
SER CA   C  N S 281 
SER C    C  N N 282 
SER O    O  N N 283 
SER CB   C  N N 284 
SER OG   O  N N 285 
SER OXT  O  N N 286 
SER H    H  N N 287 
SER H2   H  N N 288 
SER HA   H  N N 289 
SER HB2  H  N N 290 
SER HB3  H  N N 291 
SER HG   H  N N 292 
SER HXT  H  N N 293 
SO4 S    S  N N 294 
SO4 O1   O  N N 295 
SO4 O2   O  N N 296 
SO4 O3   O  N N 297 
SO4 O4   O  N N 298 
THR N    N  N N 299 
THR CA   C  N S 300 
THR C    C  N N 301 
THR O    O  N N 302 
THR CB   C  N R 303 
THR OG1  O  N N 304 
THR CG2  C  N N 305 
THR OXT  O  N N 306 
THR H    H  N N 307 
THR H2   H  N N 308 
THR HA   H  N N 309 
THR HB   H  N N 310 
THR HG1  H  N N 311 
THR HG21 H  N N 312 
THR HG22 H  N N 313 
THR HG23 H  N N 314 
THR HXT  H  N N 315 
TRP N    N  N N 316 
TRP CA   C  N S 317 
TRP C    C  N N 318 
TRP O    O  N N 319 
TRP CB   C  N N 320 
TRP CG   C  Y N 321 
TRP CD1  C  Y N 322 
TRP CD2  C  Y N 323 
TRP NE1  N  Y N 324 
TRP CE2  C  Y N 325 
TRP CE3  C  Y N 326 
TRP CZ2  C  Y N 327 
TRP CZ3  C  Y N 328 
TRP CH2  C  Y N 329 
TRP OXT  O  N N 330 
TRP H    H  N N 331 
TRP H2   H  N N 332 
TRP HA   H  N N 333 
TRP HB2  H  N N 334 
TRP HB3  H  N N 335 
TRP HD1  H  N N 336 
TRP HE1  H  N N 337 
TRP HE3  H  N N 338 
TRP HZ2  H  N N 339 
TRP HZ3  H  N N 340 
TRP HH2  H  N N 341 
TRP HXT  H  N N 342 
TYR N    N  N N 343 
TYR CA   C  N S 344 
TYR C    C  N N 345 
TYR O    O  N N 346 
TYR CB   C  N N 347 
TYR CG   C  Y N 348 
TYR CD1  C  Y N 349 
TYR CD2  C  Y N 350 
TYR CE1  C  Y N 351 
TYR CE2  C  Y N 352 
TYR CZ   C  Y N 353 
TYR OH   O  N N 354 
TYR OXT  O  N N 355 
TYR H    H  N N 356 
TYR H2   H  N N 357 
TYR HA   H  N N 358 
TYR HB2  H  N N 359 
TYR HB3  H  N N 360 
TYR HD1  H  N N 361 
TYR HD2  H  N N 362 
TYR HE1  H  N N 363 
TYR HE2  H  N N 364 
TYR HH   H  N N 365 
TYR HXT  H  N N 366 
VAL N    N  N N 367 
VAL CA   C  N S 368 
VAL C    C  N N 369 
VAL O    O  N N 370 
VAL CB   C  N N 371 
VAL CG1  C  N N 372 
VAL CG2  C  N N 373 
VAL OXT  O  N N 374 
VAL H    H  N N 375 
VAL H2   H  N N 376 
VAL HA   H  N N 377 
VAL HB   H  N N 378 
VAL HG11 H  N N 379 
VAL HG12 H  N N 380 
VAL HG13 H  N N 381 
VAL HG21 H  N N 382 
VAL HG22 H  N N 383 
VAL HG23 H  N N 384 
VAL HXT  H  N N 385 
ZNH ZN   ZN N N 386 
ZNH CHA  C  N N 387 
ZNH CHB  C  N N 388 
ZNH CHC  C  N N 389 
ZNH CHD  C  N N 390 
ZNH NA   N  N R 391 
ZNH C1A  C  N N 392 
ZNH C2A  C  N N 393 
ZNH C3A  C  N N 394 
ZNH C4A  C  N N 395 
ZNH CMA  C  N N 396 
ZNH CAA  C  N N 397 
ZNH CBA  C  N N 398 
ZNH CGA  C  N N 399 
ZNH O1A  O  N N 400 
ZNH O2A  O  N N 401 
ZNH NB   N  N N 402 
ZNH C1B  C  N N 403 
ZNH C2B  C  N N 404 
ZNH C3B  C  N N 405 
ZNH C4B  C  N N 406 
ZNH CMB  C  N N 407 
ZNH CAB  C  N N 408 
ZNH CBB  C  N N 409 
ZNH NC   N  Y N 410 
ZNH C1C  C  Y N 411 
ZNH C2C  C  Y N 412 
ZNH C3C  C  Y N 413 
ZNH C4C  C  Y N 414 
ZNH CMC  C  N N 415 
ZNH CAC  C  N N 416 
ZNH CBC  C  N N 417 
ZNH ND   N  N N 418 
ZNH C1D  C  N N 419 
ZNH C2D  C  N N 420 
ZNH C3D  C  N N 421 
ZNH C4D  C  N N 422 
ZNH CMD  C  N N 423 
ZNH CAD  C  N N 424 
ZNH CBD  C  N N 425 
ZNH CGD  C  N N 426 
ZNH O1D  O  N N 427 
ZNH O2D  O  N N 428 
ZNH HHA  H  N N 429 
ZNH HHB  H  N N 430 
ZNH HHC  H  N N 431 
ZNH HHD  H  N N 432 
ZNH HMA1 H  N N 433 
ZNH HMA2 H  N N 434 
ZNH HMA3 H  N N 435 
ZNH HAA1 H  N N 436 
ZNH HAA2 H  N N 437 
ZNH HBA1 H  N N 438 
ZNH HBA2 H  N N 439 
ZNH H2A  H  N N 440 
ZNH HMB1 H  N N 441 
ZNH HMB2 H  N N 442 
ZNH HMB3 H  N N 443 
ZNH HAB  H  N N 444 
ZNH HBB1 H  N N 445 
ZNH HBB2 H  N N 446 
ZNH HMC1 H  N N 447 
ZNH HMC2 H  N N 448 
ZNH HMC3 H  N N 449 
ZNH HAC  H  N N 450 
ZNH HBC1 H  N N 451 
ZNH HBC2 H  N N 452 
ZNH HMD1 H  N N 453 
ZNH HMD2 H  N N 454 
ZNH HMD3 H  N N 455 
ZNH HAD1 H  N N 456 
ZNH HAD2 H  N N 457 
ZNH HBD1 H  N N 458 
ZNH HBD2 H  N N 459 
ZNH H2D  H  N N 460 
# 
loop_
_chem_comp_bond.comp_id 
_chem_comp_bond.atom_id_1 
_chem_comp_bond.atom_id_2 
_chem_comp_bond.value_order 
_chem_comp_bond.pdbx_aromatic_flag 
_chem_comp_bond.pdbx_stereo_config 
_chem_comp_bond.pdbx_ordinal 
ALA N   CA   sing N N 1   
ALA N   H    sing N N 2   
ALA N   H2   sing N N 3   
ALA CA  C    sing N N 4   
ALA CA  CB   sing N N 5   
ALA CA  HA   sing N N 6   
ALA C   O    doub N N 7   
ALA C   OXT  sing N N 8   
ALA CB  HB1  sing N N 9   
ALA CB  HB2  sing N N 10  
ALA CB  HB3  sing N N 11  
ALA OXT HXT  sing N N 12  
ARG N   CA   sing N N 13  
ARG N   H    sing N N 14  
ARG N   H2   sing N N 15  
ARG CA  C    sing N N 16  
ARG CA  CB   sing N N 17  
ARG CA  HA   sing N N 18  
ARG C   O    doub N N 19  
ARG C   OXT  sing N N 20  
ARG CB  CG   sing N N 21  
ARG CB  HB2  sing N N 22  
ARG CB  HB3  sing N N 23  
ARG CG  CD   sing N N 24  
ARG CG  HG2  sing N N 25  
ARG CG  HG3  sing N N 26  
ARG CD  NE   sing N N 27  
ARG CD  HD2  sing N N 28  
ARG CD  HD3  sing N N 29  
ARG NE  CZ   sing N N 30  
ARG NE  HE   sing N N 31  
ARG CZ  NH1  sing N N 32  
ARG CZ  NH2  doub N N 33  
ARG NH1 HH11 sing N N 34  
ARG NH1 HH12 sing N N 35  
ARG NH2 HH21 sing N N 36  
ARG NH2 HH22 sing N N 37  
ARG OXT HXT  sing N N 38  
ASN N   CA   sing N N 39  
ASN N   H    sing N N 40  
ASN N   H2   sing N N 41  
ASN CA  C    sing N N 42  
ASN CA  CB   sing N N 43  
ASN CA  HA   sing N N 44  
ASN C   O    doub N N 45  
ASN C   OXT  sing N N 46  
ASN CB  CG   sing N N 47  
ASN CB  HB2  sing N N 48  
ASN CB  HB3  sing N N 49  
ASN CG  OD1  doub N N 50  
ASN CG  ND2  sing N N 51  
ASN ND2 HD21 sing N N 52  
ASN ND2 HD22 sing N N 53  
ASN OXT HXT  sing N N 54  
ASP N   CA   sing N N 55  
ASP N   H    sing N N 56  
ASP N   H2   sing N N 57  
ASP CA  C    sing N N 58  
ASP CA  CB   sing N N 59  
ASP CA  HA   sing N N 60  
ASP C   O    doub N N 61  
ASP C   OXT  sing N N 62  
ASP CB  CG   sing N N 63  
ASP CB  HB2  sing N N 64  
ASP CB  HB3  sing N N 65  
ASP CG  OD1  doub N N 66  
ASP CG  OD2  sing N N 67  
ASP OD2 HD2  sing N N 68  
ASP OXT HXT  sing N N 69  
GLN N   CA   sing N N 70  
GLN N   H    sing N N 71  
GLN N   H2   sing N N 72  
GLN CA  C    sing N N 73  
GLN CA  CB   sing N N 74  
GLN CA  HA   sing N N 75  
GLN C   O    doub N N 76  
GLN C   OXT  sing N N 77  
GLN CB  CG   sing N N 78  
GLN CB  HB2  sing N N 79  
GLN CB  HB3  sing N N 80  
GLN CG  CD   sing N N 81  
GLN CG  HG2  sing N N 82  
GLN CG  HG3  sing N N 83  
GLN CD  OE1  doub N N 84  
GLN CD  NE2  sing N N 85  
GLN NE2 HE21 sing N N 86  
GLN NE2 HE22 sing N N 87  
GLN OXT HXT  sing N N 88  
GLU N   CA   sing N N 89  
GLU N   H    sing N N 90  
GLU N   H2   sing N N 91  
GLU CA  C    sing N N 92  
GLU CA  CB   sing N N 93  
GLU CA  HA   sing N N 94  
GLU C   O    doub N N 95  
GLU C   OXT  sing N N 96  
GLU CB  CG   sing N N 97  
GLU CB  HB2  sing N N 98  
GLU CB  HB3  sing N N 99  
GLU CG  CD   sing N N 100 
GLU CG  HG2  sing N N 101 
GLU CG  HG3  sing N N 102 
GLU CD  OE1  doub N N 103 
GLU CD  OE2  sing N N 104 
GLU OE2 HE2  sing N N 105 
GLU OXT HXT  sing N N 106 
GLY N   CA   sing N N 107 
GLY N   H    sing N N 108 
GLY N   H2   sing N N 109 
GLY CA  C    sing N N 110 
GLY CA  HA2  sing N N 111 
GLY CA  HA3  sing N N 112 
GLY C   O    doub N N 113 
GLY C   OXT  sing N N 114 
GLY OXT HXT  sing N N 115 
HIS N   CA   sing N N 116 
HIS N   H    sing N N 117 
HIS N   H2   sing N N 118 
HIS CA  C    sing N N 119 
HIS CA  CB   sing N N 120 
HIS CA  HA   sing N N 121 
HIS C   O    doub N N 122 
HIS C   OXT  sing N N 123 
HIS CB  CG   sing N N 124 
HIS CB  HB2  sing N N 125 
HIS CB  HB3  sing N N 126 
HIS CG  ND1  sing Y N 127 
HIS CG  CD2  doub Y N 128 
HIS ND1 CE1  doub Y N 129 
HIS ND1 HD1  sing N N 130 
HIS CD2 NE2  sing Y N 131 
HIS CD2 HD2  sing N N 132 
HIS CE1 NE2  sing Y N 133 
HIS CE1 HE1  sing N N 134 
HIS NE2 HE2  sing N N 135 
HIS OXT HXT  sing N N 136 
HOH O   H1   sing N N 137 
HOH O   H2   sing N N 138 
ILE N   CA   sing N N 139 
ILE N   H    sing N N 140 
ILE N   H2   sing N N 141 
ILE CA  C    sing N N 142 
ILE CA  CB   sing N N 143 
ILE CA  HA   sing N N 144 
ILE C   O    doub N N 145 
ILE C   OXT  sing N N 146 
ILE CB  CG1  sing N N 147 
ILE CB  CG2  sing N N 148 
ILE CB  HB   sing N N 149 
ILE CG1 CD1  sing N N 150 
ILE CG1 HG12 sing N N 151 
ILE CG1 HG13 sing N N 152 
ILE CG2 HG21 sing N N 153 
ILE CG2 HG22 sing N N 154 
ILE CG2 HG23 sing N N 155 
ILE CD1 HD11 sing N N 156 
ILE CD1 HD12 sing N N 157 
ILE CD1 HD13 sing N N 158 
ILE OXT HXT  sing N N 159 
LEU N   CA   sing N N 160 
LEU N   H    sing N N 161 
LEU N   H2   sing N N 162 
LEU CA  C    sing N N 163 
LEU CA  CB   sing N N 164 
LEU CA  HA   sing N N 165 
LEU C   O    doub N N 166 
LEU C   OXT  sing N N 167 
LEU CB  CG   sing N N 168 
LEU CB  HB2  sing N N 169 
LEU CB  HB3  sing N N 170 
LEU CG  CD1  sing N N 171 
LEU CG  CD2  sing N N 172 
LEU CG  HG   sing N N 173 
LEU CD1 HD11 sing N N 174 
LEU CD1 HD12 sing N N 175 
LEU CD1 HD13 sing N N 176 
LEU CD2 HD21 sing N N 177 
LEU CD2 HD22 sing N N 178 
LEU CD2 HD23 sing N N 179 
LEU OXT HXT  sing N N 180 
LYS N   CA   sing N N 181 
LYS N   H    sing N N 182 
LYS N   H2   sing N N 183 
LYS CA  C    sing N N 184 
LYS CA  CB   sing N N 185 
LYS CA  HA   sing N N 186 
LYS C   O    doub N N 187 
LYS C   OXT  sing N N 188 
LYS CB  CG   sing N N 189 
LYS CB  HB2  sing N N 190 
LYS CB  HB3  sing N N 191 
LYS CG  CD   sing N N 192 
LYS CG  HG2  sing N N 193 
LYS CG  HG3  sing N N 194 
LYS CD  CE   sing N N 195 
LYS CD  HD2  sing N N 196 
LYS CD  HD3  sing N N 197 
LYS CE  NZ   sing N N 198 
LYS CE  HE2  sing N N 199 
LYS CE  HE3  sing N N 200 
LYS NZ  HZ1  sing N N 201 
LYS NZ  HZ2  sing N N 202 
LYS NZ  HZ3  sing N N 203 
LYS OXT HXT  sing N N 204 
MET N   CA   sing N N 205 
MET N   H    sing N N 206 
MET N   H2   sing N N 207 
MET CA  C    sing N N 208 
MET CA  CB   sing N N 209 
MET CA  HA   sing N N 210 
MET C   O    doub N N 211 
MET C   OXT  sing N N 212 
MET CB  CG   sing N N 213 
MET CB  HB2  sing N N 214 
MET CB  HB3  sing N N 215 
MET CG  SD   sing N N 216 
MET CG  HG2  sing N N 217 
MET CG  HG3  sing N N 218 
MET SD  CE   sing N N 219 
MET CE  HE1  sing N N 220 
MET CE  HE2  sing N N 221 
MET CE  HE3  sing N N 222 
MET OXT HXT  sing N N 223 
PHE N   CA   sing N N 224 
PHE N   H    sing N N 225 
PHE N   H2   sing N N 226 
PHE CA  C    sing N N 227 
PHE CA  CB   sing N N 228 
PHE CA  HA   sing N N 229 
PHE C   O    doub N N 230 
PHE C   OXT  sing N N 231 
PHE CB  CG   sing N N 232 
PHE CB  HB2  sing N N 233 
PHE CB  HB3  sing N N 234 
PHE CG  CD1  doub Y N 235 
PHE CG  CD2  sing Y N 236 
PHE CD1 CE1  sing Y N 237 
PHE CD1 HD1  sing N N 238 
PHE CD2 CE2  doub Y N 239 
PHE CD2 HD2  sing N N 240 
PHE CE1 CZ   doub Y N 241 
PHE CE1 HE1  sing N N 242 
PHE CE2 CZ   sing Y N 243 
PHE CE2 HE2  sing N N 244 
PHE CZ  HZ   sing N N 245 
PHE OXT HXT  sing N N 246 
PRO N   CA   sing N N 247 
PRO N   CD   sing N N 248 
PRO N   H    sing N N 249 
PRO CA  C    sing N N 250 
PRO CA  CB   sing N N 251 
PRO CA  HA   sing N N 252 
PRO C   O    doub N N 253 
PRO C   OXT  sing N N 254 
PRO CB  CG   sing N N 255 
PRO CB  HB2  sing N N 256 
PRO CB  HB3  sing N N 257 
PRO CG  CD   sing N N 258 
PRO CG  HG2  sing N N 259 
PRO CG  HG3  sing N N 260 
PRO CD  HD2  sing N N 261 
PRO CD  HD3  sing N N 262 
PRO OXT HXT  sing N N 263 
RUO O1  RU1  sing N N 264 
RUO O1  RU2  sing N N 265 
RUO O1  RU3  sing N N 266 
SER N   CA   sing N N 267 
SER N   H    sing N N 268 
SER N   H2   sing N N 269 
SER CA  C    sing N N 270 
SER CA  CB   sing N N 271 
SER CA  HA   sing N N 272 
SER C   O    doub N N 273 
SER C   OXT  sing N N 274 
SER CB  OG   sing N N 275 
SER CB  HB2  sing N N 276 
SER CB  HB3  sing N N 277 
SER OG  HG   sing N N 278 
SER OXT HXT  sing N N 279 
SO4 S   O1   doub N N 280 
SO4 S   O2   doub N N 281 
SO4 S   O3   sing N N 282 
SO4 S   O4   sing N N 283 
THR N   CA   sing N N 284 
THR N   H    sing N N 285 
THR N   H2   sing N N 286 
THR CA  C    sing N N 287 
THR CA  CB   sing N N 288 
THR CA  HA   sing N N 289 
THR C   O    doub N N 290 
THR C   OXT  sing N N 291 
THR CB  OG1  sing N N 292 
THR CB  CG2  sing N N 293 
THR CB  HB   sing N N 294 
THR OG1 HG1  sing N N 295 
THR CG2 HG21 sing N N 296 
THR CG2 HG22 sing N N 297 
THR CG2 HG23 sing N N 298 
THR OXT HXT  sing N N 299 
TRP N   CA   sing N N 300 
TRP N   H    sing N N 301 
TRP N   H2   sing N N 302 
TRP CA  C    sing N N 303 
TRP CA  CB   sing N N 304 
TRP CA  HA   sing N N 305 
TRP C   O    doub N N 306 
TRP C   OXT  sing N N 307 
TRP CB  CG   sing N N 308 
TRP CB  HB2  sing N N 309 
TRP CB  HB3  sing N N 310 
TRP CG  CD1  doub Y N 311 
TRP CG  CD2  sing Y N 312 
TRP CD1 NE1  sing Y N 313 
TRP CD1 HD1  sing N N 314 
TRP CD2 CE2  doub Y N 315 
TRP CD2 CE3  sing Y N 316 
TRP NE1 CE2  sing Y N 317 
TRP NE1 HE1  sing N N 318 
TRP CE2 CZ2  sing Y N 319 
TRP CE3 CZ3  doub Y N 320 
TRP CE3 HE3  sing N N 321 
TRP CZ2 CH2  doub Y N 322 
TRP CZ2 HZ2  sing N N 323 
TRP CZ3 CH2  sing Y N 324 
TRP CZ3 HZ3  sing N N 325 
TRP CH2 HH2  sing N N 326 
TRP OXT HXT  sing N N 327 
TYR N   CA   sing N N 328 
TYR N   H    sing N N 329 
TYR N   H2   sing N N 330 
TYR CA  C    sing N N 331 
TYR CA  CB   sing N N 332 
TYR CA  HA   sing N N 333 
TYR C   O    doub N N 334 
TYR C   OXT  sing N N 335 
TYR CB  CG   sing N N 336 
TYR CB  HB2  sing N N 337 
TYR CB  HB3  sing N N 338 
TYR CG  CD1  doub Y N 339 
TYR CG  CD2  sing Y N 340 
TYR CD1 CE1  sing Y N 341 
TYR CD1 HD1  sing N N 342 
TYR CD2 CE2  doub Y N 343 
TYR CD2 HD2  sing N N 344 
TYR CE1 CZ   doub Y N 345 
TYR CE1 HE1  sing N N 346 
TYR CE2 CZ   sing Y N 347 
TYR CE2 HE2  sing N N 348 
TYR CZ  OH   sing N N 349 
TYR OH  HH   sing N N 350 
TYR OXT HXT  sing N N 351 
VAL N   CA   sing N N 352 
VAL N   H    sing N N 353 
VAL N   H2   sing N N 354 
VAL CA  C    sing N N 355 
VAL CA  CB   sing N N 356 
VAL CA  HA   sing N N 357 
VAL C   O    doub N N 358 
VAL C   OXT  sing N N 359 
VAL CB  CG1  sing N N 360 
VAL CB  CG2  sing N N 361 
VAL CB  HB   sing N N 362 
VAL CG1 HG11 sing N N 363 
VAL CG1 HG12 sing N N 364 
VAL CG1 HG13 sing N N 365 
VAL CG2 HG21 sing N N 366 
VAL CG2 HG22 sing N N 367 
VAL CG2 HG23 sing N N 368 
VAL OXT HXT  sing N N 369 
ZNH ZN  NA   sing N N 370 
ZNH ZN  NB   sing N N 371 
ZNH ZN  NC   sing N N 372 
ZNH ZN  ND   sing N N 373 
ZNH CHA C1A  doub N N 374 
ZNH CHA C4D  sing N N 375 
ZNH CHA HHA  sing N N 376 
ZNH CHB C4A  doub N N 377 
ZNH CHB C1B  sing N N 378 
ZNH CHB HHB  sing N N 379 
ZNH CHC C4B  doub N N 380 
ZNH CHC C1C  sing N N 381 
ZNH CHC HHC  sing N N 382 
ZNH CHD C4C  sing N N 383 
ZNH CHD C1D  doub N N 384 
ZNH CHD HHD  sing N N 385 
ZNH NA  C1A  sing N N 386 
ZNH NA  C4A  sing N N 387 
ZNH C1A C2A  sing N N 388 
ZNH C2A C3A  doub N N 389 
ZNH C2A CAA  sing N N 390 
ZNH C3A C4A  sing N N 391 
ZNH C3A CMA  sing N N 392 
ZNH CMA HMA1 sing N N 393 
ZNH CMA HMA2 sing N N 394 
ZNH CMA HMA3 sing N N 395 
ZNH CAA CBA  sing N N 396 
ZNH CAA HAA1 sing N N 397 
ZNH CAA HAA2 sing N N 398 
ZNH CBA CGA  sing N N 399 
ZNH CBA HBA1 sing N N 400 
ZNH CBA HBA2 sing N N 401 
ZNH CGA O1A  doub N N 402 
ZNH CGA O2A  sing N N 403 
ZNH O2A H2A  sing N N 404 
ZNH NB  C1B  doub N N 405 
ZNH NB  C4B  sing N N 406 
ZNH C1B C2B  sing N N 407 
ZNH C2B C3B  doub N N 408 
ZNH C2B CMB  sing N N 409 
ZNH C3B C4B  sing N N 410 
ZNH C3B CAB  sing N N 411 
ZNH CMB HMB1 sing N N 412 
ZNH CMB HMB2 sing N N 413 
ZNH CMB HMB3 sing N N 414 
ZNH CAB CBB  doub N N 415 
ZNH CAB HAB  sing N N 416 
ZNH CBB HBB1 sing N N 417 
ZNH CBB HBB2 sing N N 418 
ZNH NC  C1C  sing Y N 419 
ZNH NC  C4C  sing Y N 420 
ZNH C1C C2C  doub Y N 421 
ZNH C2C C3C  sing Y N 422 
ZNH C2C CMC  sing N N 423 
ZNH C3C C4C  doub Y N 424 
ZNH C3C CAC  sing N N 425 
ZNH CMC HMC1 sing N N 426 
ZNH CMC HMC2 sing N N 427 
ZNH CMC HMC3 sing N N 428 
ZNH CAC CBC  doub N N 429 
ZNH CAC HAC  sing N N 430 
ZNH CBC HBC1 sing N N 431 
ZNH CBC HBC2 sing N N 432 
ZNH ND  C1D  sing N N 433 
ZNH ND  C4D  doub N N 434 
ZNH C1D C2D  sing N N 435 
ZNH C2D C3D  doub N N 436 
ZNH C2D CMD  sing N N 437 
ZNH C3D C4D  sing N N 438 
ZNH C3D CAD  sing N N 439 
ZNH CMD HMD1 sing N N 440 
ZNH CMD HMD2 sing N N 441 
ZNH CMD HMD3 sing N N 442 
ZNH CAD CBD  sing N N 443 
ZNH CAD HAD1 sing N N 444 
ZNH CAD HAD2 sing N N 445 
ZNH CBD CGD  sing N N 446 
ZNH CBD HBD1 sing N N 447 
ZNH CBD HBD2 sing N N 448 
ZNH CGD O1D  doub N N 449 
ZNH CGD O2D  sing N N 450 
ZNH O2D H2D  sing N N 451 
# 
_atom_sites.entry_id                    3ASE 
_atom_sites.fract_transf_matrix[1][1]   -0.00063332 
_atom_sites.fract_transf_matrix[1][2]   0.00657765 
_atom_sites.fract_transf_matrix[1][3]   0.01087844 
_atom_sites.fract_transf_matrix[2][1]   -0.01038654 
_atom_sites.fract_transf_matrix[2][2]   -0.00078328 
_atom_sites.fract_transf_matrix[2][3]   0.00731494 
_atom_sites.fract_transf_matrix[3][1]   0.00889257 
_atom_sites.fract_transf_matrix[3][2]   -0.01701336 
_atom_sites.fract_transf_matrix[3][3]   0.01080484 
_atom_sites.fract_transf_vector[1]      -0.433874 
_atom_sites.fract_transf_vector[2]      -0.142758 
_atom_sites.fract_transf_vector[3]      -0.016938 
# 
loop_
_atom_type.symbol 
C  
N  
O  
RU 
S  
ZN 
# 
loop_
_atom_site.group_PDB 
_atom_site.id 
_atom_site.type_symbol 
_atom_site.label_atom_id 
_atom_site.label_alt_id 
_atom_site.label_comp_id 
_atom_site.label_asym_id 
_atom_site.label_entity_id 
_atom_site.label_seq_id 
_atom_site.pdbx_PDB_ins_code 
_atom_site.Cartn_x 
_atom_site.Cartn_y 
_atom_site.Cartn_z 
_atom_site.occupancy 
_atom_site.B_iso_or_equiv 
_atom_site.pdbx_formal_charge 
_atom_site.auth_seq_id 
_atom_site.auth_comp_id 
_atom_site.auth_asym_id 
_atom_site.auth_atom_id 
_atom_site.pdbx_PDB_model_num 
ATOM   1    N  N   . MET A 1 1   ? -5.285  18.539  -0.448  1.00 33.96 ? 0   MET A N   1 
ATOM   2    C  CA  . MET A 1 1   ? -4.177  18.456  -1.458  1.00 33.70 ? 0   MET A CA  1 
ATOM   3    C  C   . MET A 1 1   ? -4.664  17.886  -2.791  1.00 32.11 ? 0   MET A C   1 
ATOM   4    O  O   . MET A 1 1   ? -5.610  17.089  -2.822  1.00 32.40 ? 0   MET A O   1 
ATOM   5    C  CB  . MET A 1 1   ? -3.023  17.604  -0.924  1.00 33.87 ? 0   MET A CB  1 
ATOM   6    C  CG  . MET A 1 1   ? -3.458  16.263  -0.315  1.00 34.92 ? 0   MET A CG  1 
ATOM   7    S  SD  . MET A 1 1   ? -2.074  15.278  0.294   1.00 35.76 ? 0   MET A SD  1 
ATOM   8    C  CE  . MET A 1 1   ? -1.219  14.910  -1.253  1.00 32.01 ? 0   MET A CE  1 
ATOM   9    N  N   . VAL A 1 2   ? -4.012  18.295  -3.880  1.00 30.17 ? 1   VAL A N   1 
ATOM   10   C  CA  . VAL A 1 2   ? -4.357  17.825  -5.231  1.00 28.12 ? 1   VAL A CA  1 
ATOM   11   C  C   . VAL A 1 2   ? -3.098  17.587  -6.076  1.00 26.10 ? 1   VAL A C   1 
ATOM   12   O  O   . VAL A 1 2   ? -2.222  18.428  -6.132  1.00 26.83 ? 1   VAL A O   1 
ATOM   13   C  CB  . VAL A 1 2   ? -5.322  18.809  -5.958  1.00 28.53 ? 1   VAL A CB  1 
ATOM   14   C  CG1 . VAL A 1 2   ? -5.551  18.393  -7.405  1.00 27.89 ? 1   VAL A CG1 1 
ATOM   15   C  CG2 . VAL A 1 2   ? -6.675  18.892  -5.240  1.00 29.47 ? 1   VAL A CG2 1 
ATOM   16   N  N   . LEU A 1 3   ? -3.006  16.426  -6.716  1.00 23.28 ? 2   LEU A N   1 
ATOM   17   C  CA  . LEU A 1 3   ? -1.906  16.138  -7.627  1.00 20.96 ? 2   LEU A CA  1 
ATOM   18   C  C   . LEU A 1 3   ? -2.183  16.705  -9.007  1.00 20.34 ? 2   LEU A C   1 
ATOM   19   O  O   . LEU A 1 3   ? -3.338  16.732  -9.462  1.00 20.56 ? 2   LEU A O   1 
ATOM   20   C  CB  . LEU A 1 3   ? -1.698  14.622  -7.764  1.00 20.57 ? 2   LEU A CB  1 
ATOM   21   C  CG  . LEU A 1 3   ? -0.857  13.936  -6.674  1.00 18.42 ? 2   LEU A CG  1 
ATOM   22   C  CD1 . LEU A 1 3   ? -1.664  13.679  -5.410  1.00 20.17 ? 2   LEU A CD1 1 
ATOM   23   C  CD2 . LEU A 1 3   ? -0.301  12.642  -7.235  1.00 16.80 ? 2   LEU A CD2 1 
ATOM   24   N  N   . SER A 1 4   ? -1.120  17.116  -9.686  1.00 19.54 ? 3   SER A N   1 
ATOM   25   C  CA  . SER A 1 4   ? -1.210  17.504  -11.087 1.00 19.15 ? 3   SER A CA  1 
ATOM   26   C  C   . SER A 1 4   ? -1.345  16.272  -11.988 1.00 18.55 ? 3   SER A C   1 
ATOM   27   O  O   . SER A 1 4   ? -1.043  15.158  -11.573 1.00 18.32 ? 3   SER A O   1 
ATOM   28   C  CB  . SER A 1 4   ? 0.006   18.334  -11.490 1.00 19.19 ? 3   SER A CB  1 
ATOM   29   O  OG  . SER A 1 4   ? 1.150   17.513  -11.615 1.00 20.07 ? 3   SER A OG  1 
ATOM   30   N  N   . GLU A 1 5   ? -1.820  16.467  -13.214 1.00 18.32 ? 4   GLU A N   1 
ATOM   31   C  CA  . GLU A 1 5   ? -1.843  15.385  -14.207 1.00 18.43 ? 4   GLU A CA  1 
ATOM   32   C  C   . GLU A 1 5   ? -0.435  14.801  -14.416 1.00 18.12 ? 4   GLU A C   1 
ATOM   33   O  O   . GLU A 1 5   ? -0.282  13.588  -14.542 1.00 17.90 ? 4   GLU A O   1 
ATOM   34   C  CB  . GLU A 1 5   ? -2.400  15.889  -15.555 1.00 19.16 ? 4   GLU A CB  1 
ATOM   35   C  CG  . GLU A 1 5   ? -2.368  14.865  -16.699 1.00 19.39 ? 4   GLU A CG  1 
ATOM   36   C  CD  . GLU A 1 5   ? -3.253  13.624  -16.486 1.00 22.43 ? 4   GLU A CD  1 
ATOM   37   O  OE1 . GLU A 1 5   ? -4.127  13.617  -15.596 1.00 25.29 ? 4   GLU A OE1 1 
ATOM   38   O  OE2 . GLU A 1 5   ? -3.076  12.639  -17.233 1.00 22.54 ? 4   GLU A OE2 1 
ATOM   39   N  N   . GLY A 1 6   ? 0.578   15.669  -14.474 1.00 17.21 ? 5   GLY A N   1 
ATOM   40   C  CA  . GLY A 1 6   ? 1.959   15.222  -14.650 1.00 16.96 ? 5   GLY A CA  1 
ATOM   41   C  C   . GLY A 1 6   ? 2.403   14.294  -13.508 1.00 15.39 ? 5   GLY A C   1 
ATOM   42   O  O   . GLY A 1 6   ? 3.095   13.300  -13.747 1.00 15.46 ? 5   GLY A O   1 
ATOM   43   N  N   . GLU A 1 7   ? 1.982   14.621  -12.286 1.00 15.11 ? 6   GLU A N   1 
ATOM   44   C  CA  . GLU A 1 7   ? 2.282   13.804  -11.089 1.00 15.14 ? 6   GLU A CA  1 
ATOM   45   C  C   . GLU A 1 7   ? 1.560   12.478  -11.204 1.00 14.86 ? 6   GLU A C   1 
ATOM   46   O  O   . GLU A 1 7   ? 2.162   11.420  -10.996 1.00 14.14 ? 6   GLU A O   1 
ATOM   47   C  CB  . GLU A 1 7   ? 1.917   14.535  -9.786  1.00 15.63 ? 6   GLU A CB  1 
ATOM   48   C  CG  . GLU A 1 7   ? 2.980   15.588  -9.402  1.00 16.14 ? 6   GLU A CG  1 
ATOM   49   C  CD  . GLU A 1 7   ? 2.538   16.622  -8.394  1.00 16.05 ? 6   GLU A CD  1 
ATOM   50   O  OE1 . GLU A 1 7   ? 1.329   16.761  -8.113  1.00 16.83 ? 6   GLU A OE1 1 
ATOM   51   O  OE2 . GLU A 1 7   ? 3.444   17.297  -7.849  1.00 18.58 ? 6   GLU A OE2 1 
ATOM   52   N  N   . TRP A 1 8   ? 0.277   12.526  -11.572 1.00 14.29 ? 7   TRP A N   1 
ATOM   53   C  CA  . TRP A 1 8   ? -0.458  11.281  -11.815 1.00 14.46 ? 7   TRP A CA  1 
ATOM   54   C  C   . TRP A 1 8   ? 0.224   10.410  -12.873 1.00 14.69 ? 7   TRP A C   1 
ATOM   55   O  O   . TRP A 1 8   ? 0.293   9.185   -12.721 1.00 13.95 ? 7   TRP A O   1 
ATOM   56   C  CB  . TRP A 1 8   ? -1.943  11.529  -12.176 1.00 14.44 ? 7   TRP A CB  1 
ATOM   57   C  CG  . TRP A 1 8   ? -2.754  11.930  -10.987 1.00 14.81 ? 7   TRP A CG  1 
ATOM   58   C  CD1 . TRP A 1 8   ? -3.441  13.099  -10.815 1.00 13.34 ? 7   TRP A CD1 1 
ATOM   59   C  CD2 . TRP A 1 8   ? -2.978  11.152  -9.806  1.00 13.72 ? 7   TRP A CD2 1 
ATOM   60   N  NE1 . TRP A 1 8   ? -4.071  13.105  -9.589  1.00 14.14 ? 7   TRP A NE1 1 
ATOM   61   C  CE2 . TRP A 1 8   ? -3.787  11.926  -8.943  1.00 14.89 ? 7   TRP A CE2 1 
ATOM   62   C  CE3 . TRP A 1 8   ? -2.555  9.874   -9.381  1.00 14.55 ? 7   TRP A CE3 1 
ATOM   63   C  CZ2 . TRP A 1 8   ? -4.199  11.466  -7.677  1.00 14.00 ? 7   TRP A CZ2 1 
ATOM   64   C  CZ3 . TRP A 1 8   ? -2.954  9.427   -8.129  1.00 14.34 ? 7   TRP A CZ3 1 
ATOM   65   C  CH2 . TRP A 1 8   ? -3.768  10.218  -7.290  1.00 14.30 ? 7   TRP A CH2 1 
ATOM   66   N  N   . GLN A 1 9   ? 0.723   11.021  -13.948 1.00 14.39 ? 8   GLN A N   1 
ATOM   67   C  CA  . GLN A 1 9   ? 1.360   10.217  -14.982 1.00 15.41 ? 8   GLN A CA  1 
ATOM   68   C  C   . GLN A 1 9   ? 2.640   9.513   -14.489 1.00 14.57 ? 8   GLN A C   1 
ATOM   69   O  O   . GLN A 1 9   ? 2.888   8.369   -14.863 1.00 14.30 ? 8   GLN A O   1 
ATOM   70   C  CB  . GLN A 1 9   ? 1.605   11.026  -16.272 1.00 16.57 ? 8   GLN A CB  1 
ATOM   71   C  CG  . GLN A 1 9   ? 0.291   11.340  -17.034 1.00 20.21 ? 8   GLN A CG  1 
ATOM   72   C  CD  . GLN A 1 9   ? -0.490  10.073  -17.388 1.00 26.68 ? 8   GLN A CD  1 
ATOM   73   O  OE1 . GLN A 1 9   ? 0.092   9.083   -17.836 1.00 31.47 ? 8   GLN A OE1 1 
ATOM   74   N  NE2 . GLN A 1 9   ? -1.804  10.086  -17.159 1.00 28.55 ? 8   GLN A NE2 1 
ATOM   75   N  N   . LEU A 1 10  ? 3.415   10.182  -13.644 1.00 14.54 ? 9   LEU A N   1 
ATOM   76   C  CA  . LEU A 1 10  ? 4.621   9.569   -13.047 1.00 14.09 ? 9   LEU A CA  1 
ATOM   77   C  C   . LEU A 1 10  ? 4.225   8.379   -12.172 1.00 13.40 ? 9   LEU A C   1 
ATOM   78   O  O   . LEU A 1 10  ? 4.908   7.352   -12.161 1.00 13.40 ? 9   LEU A O   1 
ATOM   79   C  CB  . LEU A 1 10  ? 5.415   10.576  -12.211 1.00 14.35 ? 9   LEU A CB  1 
ATOM   80   C  CG  . LEU A 1 10  ? 6.119   11.722  -12.949 1.00 15.45 ? 9   LEU A CG  1 
ATOM   81   C  CD1 . LEU A 1 10  ? 6.765   12.663  -11.931 1.00 14.85 ? 9   LEU A CD1 1 
ATOM   82   C  CD2 . LEU A 1 10  ? 7.137   11.240  -13.959 1.00 18.16 ? 9   LEU A CD2 1 
ATOM   83   N  N   . VAL A 1 11  ? 3.128   8.536   -11.438 1.00 12.31 ? 10  VAL A N   1 
ATOM   84   C  CA  . VAL A 1 11  ? 2.606   7.489   -10.560 1.00 12.06 ? 10  VAL A CA  1 
ATOM   85   C  C   . VAL A 1 11  ? 2.162   6.272   -11.398 1.00 12.58 ? 10  VAL A C   1 
ATOM   86   O  O   . VAL A 1 11  ? 2.561   5.119   -11.140 1.00 12.44 ? 10  VAL A O   1 
ATOM   87   C  CB  . VAL A 1 11  ? 1.431   8.031   -9.679  1.00 11.21 ? 10  VAL A CB  1 
ATOM   88   C  CG1 . VAL A 1 11  ? 0.609   6.892   -9.040  1.00 12.34 ? 10  VAL A CG1 1 
ATOM   89   C  CG2 . VAL A 1 11  ? 1.950   9.054   -8.614  1.00 10.69 ? 10  VAL A CG2 1 
ATOM   90   N  N   . LEU A 1 12  ? 1.353   6.532   -12.418 1.00 13.33 ? 11  LEU A N   1 
ATOM   91   C  CA  . LEU A 1 12  ? 0.798   5.461   -13.227 1.00 13.87 ? 11  LEU A CA  1 
ATOM   92   C  C   . LEU A 1 12  ? 1.840   4.795   -14.142 1.00 14.00 ? 11  LEU A C   1 
ATOM   93   O  O   . LEU A 1 12  ? 1.726   3.599   -14.429 1.00 14.66 ? 11  LEU A O   1 
ATOM   94   C  CB  . LEU A 1 12  ? -0.454  5.946   -13.992 1.00 14.36 ? 11  LEU A CB  1 
ATOM   95   C  CG  . LEU A 1 12  ? -1.608  6.426   -13.102 1.00 13.78 ? 11  LEU A CG  1 
ATOM   96   C  CD1 . LEU A 1 12  ? -2.705  7.114   -13.926 1.00 18.15 ? 11  LEU A CD1 1 
ATOM   97   C  CD2 . LEU A 1 12  ? -2.170  5.306   -12.217 1.00 14.32 ? 11  LEU A CD2 1 
ATOM   98   N  N   . HIS A 1 13  ? 2.886   5.535   -14.535 1.00 14.03 ? 12  HIS A N   1 
ATOM   99   C  CA  . HIS A 1 13  ? 3.925   4.941   -15.374 1.00 15.73 ? 12  HIS A CA  1 
ATOM   100  C  C   . HIS A 1 13  ? 4.779   3.955   -14.574 1.00 14.38 ? 12  HIS A C   1 
ATOM   101  O  O   . HIS A 1 13  ? 5.142   2.908   -15.073 1.00 14.05 ? 12  HIS A O   1 
ATOM   102  C  CB  . HIS A 1 13  ? 4.761   5.990   -16.101 1.00 17.89 ? 12  HIS A CB  1 
ATOM   103  C  CG  . HIS A 1 13  ? 3.949   6.845   -17.034 1.00 22.96 ? 12  HIS A CG  1 
ATOM   104  N  ND1 . HIS A 1 13  ? 4.374   8.076   -17.483 1.00 30.00 ? 12  HIS A ND1 1 
ATOM   105  C  CD2 . HIS A 1 13  ? 2.719   6.653   -17.570 1.00 27.95 ? 12  HIS A CD2 1 
ATOM   106  C  CE1 . HIS A 1 13  ? 3.449   8.602   -18.274 1.00 31.32 ? 12  HIS A CE1 1 
ATOM   107  N  NE2 . HIS A 1 13  ? 2.432   7.757   -18.340 1.00 31.77 ? 12  HIS A NE2 1 
ATOM   108  N  N   . VAL A 1 14  ? 5.057   4.256   -13.310 1.00 13.50 ? 13  VAL A N   1 
ATOM   109  C  CA  . VAL A 1 14  ? 5.728   3.225   -12.497 1.00 12.29 ? 13  VAL A CA  1 
ATOM   110  C  C   . VAL A 1 14  ? 4.765   2.086   -12.113 1.00 11.99 ? 13  VAL A C   1 
ATOM   111  O  O   . VAL A 1 14  ? 5.161   0.918   -12.075 1.00 10.12 ? 13  VAL A O   1 
ATOM   112  C  CB  . VAL A 1 14  ? 6.488   3.778   -11.256 1.00 13.34 ? 13  VAL A CB  1 
ATOM   113  C  CG1 . VAL A 1 14  ? 5.539   4.210   -10.154 1.00 14.45 ? 13  VAL A CG1 1 
ATOM   114  C  CG2 . VAL A 1 14  ? 7.471   2.695   -10.726 1.00 14.48 ? 13  VAL A CG2 1 
ATOM   115  N  N   . TRP A 1 15  ? 3.501   2.411   -11.871 1.00 11.09 ? 14  TRP A N   1 
ATOM   116  C  CA  . TRP A 1 15  ? 2.525   1.356   -11.540 1.00 11.67 ? 14  TRP A CA  1 
ATOM   117  C  C   . TRP A 1 15  ? 2.397   0.344   -12.688 1.00 11.92 ? 14  TRP A C   1 
ATOM   118  O  O   . TRP A 1 15  ? 2.190   -0.852  -12.464 1.00 12.11 ? 14  TRP A O   1 
ATOM   119  C  CB  . TRP A 1 15  ? 1.148   1.936   -11.127 1.00 12.09 ? 14  TRP A CB  1 
ATOM   120  C  CG  . TRP A 1 15  ? 0.455   0.982   -10.224 1.00 12.47 ? 14  TRP A CG  1 
ATOM   121  C  CD1 . TRP A 1 15  ? -0.557  0.142   -10.536 1.00 14.23 ? 14  TRP A CD1 1 
ATOM   122  C  CD2 . TRP A 1 15  ? 0.822   0.687   -8.859  1.00 13.84 ? 14  TRP A CD2 1 
ATOM   123  N  NE1 . TRP A 1 15  ? -0.876  -0.640  -9.441  1.00 13.80 ? 14  TRP A NE1 1 
ATOM   124  C  CE2 . TRP A 1 15  ? -0.049  -0.314  -8.399  1.00 13.30 ? 14  TRP A CE2 1 
ATOM   125  C  CE3 . TRP A 1 15  ? 1.781   1.205   -7.981  1.00 12.05 ? 14  TRP A CE3 1 
ATOM   126  C  CZ2 . TRP A 1 15  ? 0.017   -0.824  -7.094  1.00 13.34 ? 14  TRP A CZ2 1 
ATOM   127  C  CZ3 . TRP A 1 15  ? 1.852   0.687   -6.667  1.00 14.40 ? 14  TRP A CZ3 1 
ATOM   128  C  CH2 . TRP A 1 15  ? 0.967   -0.309  -6.249  1.00 14.44 ? 14  TRP A CH2 1 
ATOM   129  N  N   . ALA A 1 16  ? 2.545   0.827   -13.915 1.00 11.85 ? 15  ALA A N   1 
ATOM   130  C  CA  . ALA A 1 16  ? 2.506   -0.038  -15.107 1.00 12.02 ? 15  ALA A CA  1 
ATOM   131  C  C   . ALA A 1 16  ? 3.592   -1.113  -15.041 1.00 12.28 ? 15  ALA A C   1 
ATOM   132  O  O   . ALA A 1 16  ? 3.419   -2.234  -15.525 1.00 11.57 ? 15  ALA A O   1 
ATOM   133  C  CB  . ALA A 1 16  ? 2.664   0.800   -16.363 1.00 12.91 ? 15  ALA A CB  1 
ATOM   134  N  N   . LYS A 1 17  ? 4.729   -0.768  -14.446 1.00 12.51 ? 16  LYS A N   1 
ATOM   135  C  CA  . LYS A 1 17  ? 5.812   -1.761  -14.303 1.00 12.07 ? 16  LYS A CA  1 
ATOM   136  C  C   . LYS A 1 17  ? 5.491   -2.724  -13.178 1.00 12.24 ? 16  LYS A C   1 
ATOM   137  O  O   . LYS A 1 17  ? 5.747   -3.915  -13.282 1.00 11.56 ? 16  LYS A O   1 
ATOM   138  C  CB  . LYS A 1 17  ? 7.155   -1.087  -14.042 1.00 12.14 ? 16  LYS A CB  1 
ATOM   139  C  CG  . LYS A 1 17  ? 7.554   -0.009  -15.043 1.00 14.17 ? 16  LYS A CG  1 
ATOM   140  C  CD  . LYS A 1 17  ? 7.568   -0.541  -16.471 1.00 16.34 ? 16  LYS A CD  1 
ATOM   141  C  CE  . LYS A 1 17  ? 7.877   0.584   -17.461 1.00 22.40 ? 16  LYS A CE  1 
ATOM   142  N  NZ  . LYS A 1 17  ? 7.366   0.372   -18.844 1.00 26.86 ? 16  LYS A NZ  1 
ATOM   143  N  N   . VAL A 1 18  ? 4.975   -2.206  -12.060 1.00 11.90 ? 17  VAL A N   1 
ATOM   144  C  CA  . VAL A 1 18  ? 4.477   -3.076  -11.009 1.00 11.99 ? 17  VAL A CA  1 
ATOM   145  C  C   . VAL A 1 18  ? 3.511   -4.145  -11.535 1.00 11.54 ? 17  VAL A C   1 
ATOM   146  O  O   . VAL A 1 18  ? 3.544   -5.318  -11.130 1.00 11.80 ? 17  VAL A O   1 
ATOM   147  C  CB  . VAL A 1 18  ? 3.774   -2.231  -9.922  1.00 12.15 ? 17  VAL A CB  1 
ATOM   148  C  CG1 . VAL A 1 18  ? 3.094   -3.126  -8.888  1.00 12.54 ? 17  VAL A CG1 1 
ATOM   149  C  CG2 . VAL A 1 18  ? 4.779   -1.312  -9.298  1.00 11.64 ? 17  VAL A CG2 1 
ATOM   150  N  N   . GLU A 1 19  ? 2.645   -3.738  -12.445 1.00 11.87 ? 18  GLU A N   1 
ATOM   151  C  CA  . GLU A 1 19  ? 1.635   -4.662  -13.013 1.00 11.95 ? 18  GLU A CA  1 
ATOM   152  C  C   . GLU A 1 19  ? 2.158   -5.801  -13.893 1.00 11.25 ? 18  GLU A C   1 
ATOM   153  O  O   . GLU A 1 19  ? 1.421   -6.716  -14.234 1.00 11.83 ? 18  GLU A O   1 
ATOM   154  C  CB  . GLU A 1 19  ? 0.537   -3.869  -13.709 1.00 11.67 ? 18  GLU A CB  1 
ATOM   155  C  CG  . GLU A 1 19  ? -0.327  -3.158  -12.700 1.00 12.55 ? 18  GLU A CG  1 
ATOM   156  C  CD  . GLU A 1 19  ? -1.441  -2.360  -13.336 1.00 13.41 ? 18  GLU A CD  1 
ATOM   157  O  OE1 . GLU A 1 19  ? -1.323  -1.999  -14.518 1.00 13.53 ? 18  GLU A OE1 1 
ATOM   158  O  OE2 . GLU A 1 19  ? -2.441  -2.122  -12.628 1.00 13.59 ? 18  GLU A OE2 1 
ATOM   159  N  N   . ALA A 1 20  ? 3.430   -5.744  -14.276 1.00 11.55 ? 19  ALA A N   1 
ATOM   160  C  CA  . ALA A 1 20  ? 4.069   -6.862  -14.960 1.00 12.24 ? 19  ALA A CA  1 
ATOM   161  C  C   . ALA A 1 20  ? 4.120   -8.092  -14.059 1.00 12.13 ? 19  ALA A C   1 
ATOM   162  O  O   . ALA A 1 20  ? 4.088   -9.243  -14.535 1.00 12.53 ? 19  ALA A O   1 
ATOM   163  C  CB  . ALA A 1 20  ? 5.475   -6.476  -15.382 1.00 12.27 ? 19  ALA A CB  1 
ATOM   164  N  N   . ASP A 1 21  ? 4.181   -7.855  -12.746 1.00 12.20 ? 20  ASP A N   1 
ATOM   165  C  CA  . ASP A 1 21  ? 4.288   -8.948  -11.782 1.00 12.06 ? 20  ASP A CA  1 
ATOM   166  C  C   . ASP A 1 21  ? 3.753   -8.493  -10.435 1.00 11.26 ? 20  ASP A C   1 
ATOM   167  O  O   . ASP A 1 21  ? 4.527   -8.288  -9.492  1.00 9.91  ? 20  ASP A O   1 
ATOM   168  C  CB  . ASP A 1 21  ? 5.752   -9.416  -11.610 1.00 13.35 ? 20  ASP A CB  1 
ATOM   169  C  CG  . ASP A 1 21  ? 5.900   -10.613 -10.616 1.00 14.20 ? 20  ASP A CG  1 
ATOM   170  O  OD1 . ASP A 1 21  ? 4.896   -11.241 -10.217 1.00 15.43 ? 20  ASP A OD1 1 
ATOM   171  O  OD2 . ASP A 1 21  ? 7.045   -10.929 -10.245 1.00 19.15 ? 20  ASP A OD2 1 
ATOM   172  N  N   . VAL A 1 22  ? 2.431   -8.363  -10.328 1.00 10.06 ? 21  VAL A N   1 
ATOM   173  C  CA  . VAL A 1 22  ? 1.867   -7.796  -9.093  1.00 10.30 ? 21  VAL A CA  1 
ATOM   174  C  C   . VAL A 1 22  ? 2.190   -8.714  -7.912  1.00 9.93  ? 21  VAL A C   1 
ATOM   175  O  O   . VAL A 1 22  ? 2.551   -8.249  -6.846  1.00 9.49  ? 21  VAL A O   1 
ATOM   176  C  CB  . VAL A 1 22  ? 0.355   -7.548  -9.180  1.00 11.87 ? 21  VAL A CB  1 
ATOM   177  C  CG1 . VAL A 1 22  ? -0.069  -6.764  -7.965  1.00 12.57 ? 21  VAL A CG1 1 
ATOM   178  C  CG2 . VAL A 1 22  ? 0.066   -6.695  -10.382 1.00 15.26 ? 21  VAL A CG2 1 
ATOM   179  N  N   . ALA A 1 23  ? 2.129   -10.025 -8.143  1.00 9.52  ? 22  ALA A N   1 
ATOM   180  C  CA  . ALA A 1 23  ? 2.383   -10.989 -7.083  1.00 10.37 ? 22  ALA A CA  1 
ATOM   181  C  C   . ALA A 1 23  ? 3.790   -10.826 -6.457  1.00 10.58 ? 22  ALA A C   1 
ATOM   182  O  O   . ALA A 1 23  ? 3.914   -10.765 -5.231  1.00 10.78 ? 22  ALA A O   1 
ATOM   183  C  CB  . ALA A 1 23  ? 2.170   -12.410 -7.593  1.00 10.92 ? 22  ALA A CB  1 
ATOM   184  N  N   . GLY A 1 24  ? 4.826   -10.759 -7.302  1.00 9.91  ? 23  GLY A N   1 
ATOM   185  C  CA  . GLY A 1 24  ? 6.208   -10.554 -6.851  1.00 9.64  ? 23  GLY A CA  1 
ATOM   186  C  C   . GLY A 1 24  ? 6.415   -9.254  -6.095  1.00 8.91  ? 23  GLY A C   1 
ATOM   187  O  O   . GLY A 1 24  ? 7.097   -9.237  -5.061  1.00 8.93  ? 23  GLY A O   1 
ATOM   188  N  N   . HIS A 1 25  ? 5.800   -8.167  -6.583  1.00 7.99  ? 24  HIS A N   1 
ATOM   189  C  CA  . HIS A 1 25  ? 5.936   -6.873  -5.921  1.00 8.01  ? 24  HIS A CA  1 
ATOM   190  C  C   . HIS A 1 25  ? 5.210   -6.926  -4.580  1.00 8.29  ? 24  HIS A C   1 
ATOM   191  O  O   . HIS A 1 25  ? 5.689   -6.368  -3.615  1.00 8.56  ? 24  HIS A O   1 
ATOM   192  C  CB  . HIS A 1 25  ? 5.354   -5.733  -6.770  1.00 8.06  ? 24  HIS A CB  1 
ATOM   193  C  CG  . HIS A 1 25  ? 6.195   -5.363  -7.954  1.00 9.53  ? 24  HIS A CG  1 
ATOM   194  N  ND1 . HIS A 1 25  ? 6.183   -6.086  -9.133  1.00 11.17 ? 24  HIS A ND1 1 
ATOM   195  C  CD2 . HIS A 1 25  ? 7.055   -4.330  -8.152  1.00 12.09 ? 24  HIS A CD2 1 
ATOM   196  C  CE1 . HIS A 1 25  ? 7.028   -5.532  -9.992  1.00 11.99 ? 24  HIS A CE1 1 
ATOM   197  N  NE2 . HIS A 1 25  ? 7.547   -4.452  -9.434  1.00 11.47 ? 24  HIS A NE2 1 
ATOM   198  N  N   . GLY A 1 26  ? 4.060   -7.594  -4.534  1.00 7.50  ? 25  GLY A N   1 
ATOM   199  C  CA  . GLY A 1 26  ? 3.320   -7.737  -3.275  1.00 8.50  ? 25  GLY A CA  1 
ATOM   200  C  C   . GLY A 1 26  ? 4.150   -8.458  -2.230  1.00 8.27  ? 25  GLY A C   1 
ATOM   201  O  O   . GLY A 1 26  ? 4.161   -8.066  -1.057  1.00 8.60  ? 25  GLY A O   1 
ATOM   202  N  N   . GLN A 1 27  ? 4.804   -9.551  -2.616  1.00 8.92  ? 26  GLN A N   1 
ATOM   203  C  CA  . GLN A 1 27  ? 5.631   -10.299 -1.656  1.00 9.86  ? 26  GLN A CA  1 
ATOM   204  C  C   . GLN A 1 27  ? 6.741   -9.414  -1.104  1.00 9.97  ? 26  GLN A C   1 
ATOM   205  O  O   . GLN A 1 27  ? 6.929   -9.334  0.110   1.00 10.38 ? 26  GLN A O   1 
ATOM   206  C  CB  . GLN A 1 27  ? 6.260   -11.515 -2.331  1.00 9.45  ? 26  GLN A CB  1 
ATOM   207  C  CG  . GLN A 1 27  ? 5.232   -12.610 -2.656  1.00 12.97 ? 26  GLN A CG  1 
ATOM   208  C  CD  . GLN A 1 27  ? 5.867   -13.722 -3.418  1.00 16.91 ? 26  GLN A CD  1 
ATOM   209  O  OE1 . GLN A 1 27  ? 6.366   -13.500 -4.521  1.00 18.50 ? 26  GLN A OE1 1 
ATOM   210  N  NE2 . GLN A 1 27  ? 5.915   -14.924 -2.822  1.00 17.23 ? 26  GLN A NE2 1 
ATOM   211  N  N   . ASP A 1 28  ? 7.453   -8.729  -1.992  1.00 9.79  ? 27  ASP A N   1 
ATOM   212  C  CA  . ASP A 1 28  ? 8.575   -7.864  -1.580  1.00 10.85 ? 27  ASP A CA  1 
ATOM   213  C  C   . ASP A 1 28  ? 8.104   -6.774  -0.623  1.00 10.97 ? 27  ASP A C   1 
ATOM   214  O  O   . ASP A 1 28  ? 8.740   -6.510  0.380   1.00 10.65 ? 27  ASP A O   1 
ATOM   215  C  CB  . ASP A 1 28  ? 9.239   -7.182  -2.792  1.00 11.54 ? 27  ASP A CB  1 
ATOM   216  C  CG  . ASP A 1 28  ? 10.115  -8.101  -3.597  1.00 13.68 ? 27  ASP A CG  1 
ATOM   217  O  OD1 . ASP A 1 28  ? 10.272  -9.281  -3.245  1.00 14.18 ? 27  ASP A OD1 1 
ATOM   218  O  OD2 . ASP A 1 28  ? 10.648  -7.624  -4.618  1.00 13.54 ? 27  ASP A OD2 1 
ATOM   219  N  N   . ILE A 1 29  ? 6.970   -6.146  -0.951  1.00 10.18 ? 28  ILE A N   1 
ATOM   220  C  CA  . ILE A 1 29  ? 6.412   -5.077  -0.128  1.00 9.74  ? 28  ILE A CA  1 
ATOM   221  C  C   . ILE A 1 29  ? 5.980   -5.552  1.267   1.00 10.39 ? 28  ILE A C   1 
ATOM   222  O  O   . ILE A 1 29  ? 6.348   -4.947  2.278   1.00 10.56 ? 28  ILE A O   1 
ATOM   223  C  CB  . ILE A 1 29  ? 5.268   -4.367  -0.893  1.00 8.98  ? 28  ILE A CB  1 
ATOM   224  C  CG1 . ILE A 1 29  ? 5.908   -3.486  -1.978  1.00 9.07  ? 28  ILE A CG1 1 
ATOM   225  C  CG2 . ILE A 1 29  ? 4.460   -3.454  0.041   1.00 9.08  ? 28  ILE A CG2 1 
ATOM   226  C  CD1 . ILE A 1 29  ? 4.968   -3.075  -3.096  1.00 8.03  ? 28  ILE A CD1 1 
ATOM   227  N  N   . LEU A 1 30  ? 5.204   -6.633  1.332   1.00 10.16 ? 29  LEU A N   1 
ATOM   228  C  CA  . LEU A 1 30  ? 4.789   -7.169  2.645   1.00 10.93 ? 29  LEU A CA  1 
ATOM   229  C  C   . LEU A 1 30  ? 5.990   -7.609  3.493   1.00 11.31 ? 29  LEU A C   1 
ATOM   230  O  O   . LEU A 1 30  ? 6.037   -7.355  4.696   1.00 11.60 ? 29  LEU A O   1 
ATOM   231  C  CB  . LEU A 1 30  ? 3.786   -8.313  2.484   1.00 10.44 ? 29  LEU A CB  1 
ATOM   232  C  CG  . LEU A 1 30  ? 2.414   -7.917  1.911   1.00 10.71 ? 29  LEU A CG  1 
ATOM   233  C  CD1 . LEU A 1 30  ? 1.579   -9.161  1.643   1.00 10.07 ? 29  LEU A CD1 1 
ATOM   234  C  CD2 . LEU A 1 30  ? 1.614   -6.933  2.846   1.00 11.31 ? 29  LEU A CD2 1 
ATOM   235  N  N   . ILE A 1 31  ? 6.950   -8.269  2.866   1.00 11.52 ? 30  ILE A N   1 
ATOM   236  C  CA  . ILE A 1 31  ? 8.128   -8.747  3.586   1.00 12.38 ? 30  ILE A CA  1 
ATOM   237  C  C   . ILE A 1 31  ? 8.916   -7.552  4.138   1.00 13.21 ? 30  ILE A C   1 
ATOM   238  O  O   . ILE A 1 31  ? 9.306   -7.565  5.298   1.00 12.33 ? 30  ILE A O   1 
ATOM   239  C  CB  . ILE A 1 31  ? 8.987   -9.694  2.714   1.00 13.11 ? 30  ILE A CB  1 
ATOM   240  C  CG1 . ILE A 1 31  ? 8.256   -11.042 2.533   1.00 12.50 ? 30  ILE A CG1 1 
ATOM   241  C  CG2 . ILE A 1 31  ? 10.381  -9.894  3.354   1.00 12.66 ? 30  ILE A CG2 1 
ATOM   242  C  CD1 . ILE A 1 31  ? 8.864   -11.944 1.436   1.00 13.02 ? 30  ILE A CD1 1 
ATOM   243  N  N   . ARG A 1 32  ? 9.094   -6.503  3.332   1.00 13.48 ? 31  ARG A N   1 
ATOM   244  C  CA  . ARG A 1 32  ? 9.803   -5.286  3.760   1.00 13.67 ? 31  ARG A CA  1 
ATOM   245  C  C   . ARG A 1 32  ? 9.063   -4.708  4.965   1.00 14.53 ? 31  ARG A C   1 
ATOM   246  O  O   . ARG A 1 32  ? 9.675   -4.423  6.006   1.00 14.67 ? 31  ARG A O   1 
ATOM   247  C  CB  . ARG A 1 32  ? 9.894   -4.292  2.594   1.00 13.97 ? 31  ARG A CB  1 
ATOM   248  C  CG  . ARG A 1 32  ? 10.420  -2.830  2.862   1.00 15.88 ? 31  ARG A CG  1 
ATOM   249  C  CD  . ARG A 1 32  ? 11.364  -2.678  4.009   1.00 26.22 ? 31  ARG A CD  1 
ATOM   250  N  NE  . ARG A 1 32  ? 12.740  -2.961  3.685   1.00 29.71 ? 31  ARG A NE  1 
ATOM   251  C  CZ  . ARG A 1 32  ? 13.776  -2.152  3.914   1.00 31.18 ? 31  ARG A CZ  1 
ATOM   252  N  NH1 . ARG A 1 32  ? 13.629  -0.943  4.459   1.00 32.37 ? 31  ARG A NH1 1 
ATOM   253  N  NH2 . ARG A 1 32  ? 14.987  -2.567  3.579   1.00 32.45 ? 31  ARG A NH2 1 
ATOM   254  N  N   . LEU A 1 33  ? 7.744   -4.573  4.832   1.00 14.29 ? 32  LEU A N   1 
ATOM   255  C  CA  . LEU A 1 33  ? 6.899   -4.087  5.936   1.00 14.07 ? 32  LEU A CA  1 
ATOM   256  C  C   . LEU A 1 33  ? 7.101   -4.867  7.242   1.00 15.30 ? 32  LEU A C   1 
ATOM   257  O  O   . LEU A 1 33  ? 7.346   -4.268  8.301   1.00 16.29 ? 32  LEU A O   1 
ATOM   258  C  CB  . LEU A 1 33  ? 5.415   -4.166  5.537   1.00 13.71 ? 32  LEU A CB  1 
ATOM   259  C  CG  . LEU A 1 33  ? 4.400   -3.839  6.650   1.00 13.34 ? 32  LEU A CG  1 
ATOM   260  C  CD1 . LEU A 1 33  ? 4.496   -2.384  7.076   1.00 12.80 ? 32  LEU A CD1 1 
ATOM   261  C  CD2 . LEU A 1 33  ? 2.974   -4.207  6.174   1.00 12.61 ? 32  LEU A CD2 1 
ATOM   262  N  N   . PHE A 1 34  ? 6.977   -6.191  7.166   1.00 16.27 ? 33  PHE A N   1 
ATOM   263  C  CA  . PHE A 1 34  ? 7.072   -7.053  8.344   1.00 17.87 ? 33  PHE A CA  1 
ATOM   264  C  C   . PHE A 1 34  ? 8.475   -7.058  8.934   1.00 19.95 ? 33  PHE A C   1 
ATOM   265  O  O   . PHE A 1 34  ? 8.641   -7.196  10.155  1.00 20.46 ? 33  PHE A O   1 
ATOM   266  C  CB  . PHE A 1 34  ? 6.644   -8.476  8.003   1.00 17.20 ? 33  PHE A CB  1 
ATOM   267  C  CG  . PHE A 1 34  ? 5.207   -8.606  7.546   1.00 17.60 ? 33  PHE A CG  1 
ATOM   268  C  CD1 . PHE A 1 34  ? 4.206   -7.748  8.034   1.00 17.67 ? 33  PHE A CD1 1 
ATOM   269  C  CD2 . PHE A 1 34  ? 4.845   -9.615  6.654   1.00 17.84 ? 33  PHE A CD2 1 
ATOM   270  C  CE1 . PHE A 1 34  ? 2.874   -7.894  7.617   1.00 17.77 ? 33  PHE A CE1 1 
ATOM   271  C  CE2 . PHE A 1 34  ? 3.510   -9.767  6.226   1.00 19.67 ? 33  PHE A CE2 1 
ATOM   272  C  CZ  . PHE A 1 34  ? 2.521   -8.896  6.718   1.00 17.16 ? 33  PHE A CZ  1 
ATOM   273  N  N   . LYS A 1 35  ? 9.483   -6.894  8.082   1.00 20.63 ? 34  LYS A N   1 
ATOM   274  C  CA  . LYS A 1 35  ? 10.869  -6.797  8.553   1.00 23.26 ? 34  LYS A CA  1 
ATOM   275  C  C   . LYS A 1 35  ? 11.180  -5.464  9.235   1.00 22.88 ? 34  LYS A C   1 
ATOM   276  O  O   . LYS A 1 35  ? 11.836  -5.446  10.279  1.00 23.83 ? 34  LYS A O   1 
ATOM   277  C  CB  . LYS A 1 35  ? 11.876  -7.102  7.427   1.00 22.96 ? 34  LYS A CB  1 
ATOM   278  C  CG  . LYS A 1 35  ? 11.807  -8.567  6.943   1.00 24.96 ? 34  LYS A CG  1 
ATOM   279  C  CD  . LYS A 1 35  ? 13.078  -9.059  6.194   1.00 26.60 ? 34  LYS A CD  1 
ATOM   280  C  CE  . LYS A 1 35  ? 13.682  -8.028  5.217   1.00 30.49 ? 34  LYS A CE  1 
ATOM   281  N  NZ  . LYS A 1 35  ? 14.273  -8.646  3.968   1.00 32.35 ? 34  LYS A NZ  1 
ATOM   282  N  N   . SER A 1 36  ? 10.719  -4.356  8.652   1.00 22.74 ? 35  SER A N   1 
ATOM   283  C  CA  . SER A 1 36  ? 10.963  -3.028  9.191   1.00 22.42 ? 35  SER A CA  1 
ATOM   284  C  C   . SER A 1 36  ? 10.105  -2.697  10.404  1.00 22.25 ? 35  SER A C   1 
ATOM   285  O  O   . SER A 1 36  ? 10.538  -1.939  11.270  1.00 21.83 ? 35  SER A O   1 
ATOM   286  C  CB  . SER A 1 36  ? 10.723  -1.958  8.128   1.00 22.60 ? 35  SER A CB  1 
ATOM   287  O  OG  . SER A 1 36  ? 11.611  -2.134  7.045   1.00 24.57 ? 35  SER A OG  1 
ATOM   288  N  N   . HIS A 1 37  ? 8.891   -3.254  10.441  1.00 21.79 ? 36  HIS A N   1 
ATOM   289  C  CA  . HIS A 1 37  ? 7.913   -2.976  11.495  1.00 21.31 ? 36  HIS A CA  1 
ATOM   290  C  C   . HIS A 1 37  ? 7.197   -4.257  11.893  1.00 21.64 ? 36  HIS A C   1 
ATOM   291  O  O   . HIS A 1 37  ? 6.011   -4.437  11.594  1.00 21.68 ? 36  HIS A O   1 
ATOM   292  C  CB  . HIS A 1 37  ? 6.936   -1.876  11.047  1.00 21.30 ? 36  HIS A CB  1 
ATOM   293  C  CG  . HIS A 1 37  ? 7.615   -0.651  10.517  1.00 20.48 ? 36  HIS A CG  1 
ATOM   294  N  ND1 . HIS A 1 37  ? 8.144   0.323   11.338  1.00 20.37 ? 36  HIS A ND1 1 
ATOM   295  C  CD2 . HIS A 1 37  ? 7.883   -0.258  9.250   1.00 18.11 ? 36  HIS A CD2 1 
ATOM   296  C  CE1 . HIS A 1 37  ? 8.681   1.277   10.599  1.00 20.81 ? 36  HIS A CE1 1 
ATOM   297  N  NE2 . HIS A 1 37  ? 8.530   0.949   9.327   1.00 21.87 ? 36  HIS A NE2 1 
ATOM   298  N  N   . PRO A 1 38  ? 7.916   -5.165  12.592  1.00 21.48 ? 37  PRO A N   1 
ATOM   299  C  CA  . PRO A 1 38  ? 7.431   -6.503  12.942  1.00 21.64 ? 37  PRO A CA  1 
ATOM   300  C  C   . PRO A 1 38  ? 6.074   -6.514  13.661  1.00 21.74 ? 37  PRO A C   1 
ATOM   301  O  O   . PRO A 1 38  ? 5.340   -7.509  13.575  1.00 21.24 ? 37  PRO A O   1 
ATOM   302  C  CB  . PRO A 1 38  ? 8.546   -7.047  13.849  1.00 21.67 ? 37  PRO A CB  1 
ATOM   303  C  CG  . PRO A 1 38  ? 9.750   -6.334  13.382  1.00 22.24 ? 37  PRO A CG  1 
ATOM   304  C  CD  . PRO A 1 38  ? 9.289   -4.952  13.096  1.00 21.74 ? 37  PRO A CD  1 
ATOM   305  N  N   . GLU A 1 39  ? 5.744   -5.411  14.328  1.00 22.11 ? 38  GLU A N   1 
ATOM   306  C  CA  . GLU A 1 39  ? 4.459   -5.295  15.039  1.00 22.63 ? 38  GLU A CA  1 
ATOM   307  C  C   . GLU A 1 39  ? 3.277   -5.384  14.074  1.00 22.55 ? 38  GLU A C   1 
ATOM   308  O  O   . GLU A 1 39  ? 2.203   -5.850  14.448  1.00 23.10 ? 38  GLU A O   1 
ATOM   309  C  CB  . GLU A 1 39  ? 4.394   -4.012  15.893  1.00 22.72 ? 38  GLU A CB  1 
ATOM   310  C  CG  . GLU A 1 39  ? 4.390   -2.678  15.121  1.00 23.89 ? 38  GLU A CG  1 
ATOM   311  C  CD  . GLU A 1 39  ? 5.786   -2.114  14.883  1.00 26.11 ? 38  GLU A CD  1 
ATOM   312  O  OE1 . GLU A 1 39  ? 6.758   -2.901  14.764  1.00 27.59 ? 38  GLU A OE1 1 
ATOM   313  O  OE2 . GLU A 1 39  ? 5.913   -0.870  14.820  1.00 29.74 ? 38  GLU A OE2 1 
ATOM   314  N  N   . THR A 1 40  ? 3.483   -4.969  12.820  1.00 21.79 ? 39  THR A N   1 
ATOM   315  C  CA  . THR A 1 40  ? 2.394   -4.981  11.842  1.00 21.19 ? 39  THR A CA  1 
ATOM   316  C  C   . THR A 1 40  ? 1.932   -6.410  11.543  1.00 21.90 ? 39  THR A C   1 
ATOM   317  O  O   . THR A 1 40  ? 0.764   -6.640  11.228  1.00 22.18 ? 39  THR A O   1 
ATOM   318  C  CB  . THR A 1 40  ? 2.777   -4.263  10.543  1.00 21.14 ? 39  THR A CB  1 
ATOM   319  O  OG1 . THR A 1 40  ? 3.910   -4.921  9.967   1.00 18.86 ? 39  THR A OG1 1 
ATOM   320  C  CG2 . THR A 1 40  ? 3.117   -2.818  10.813  1.00 18.63 ? 39  THR A CG2 1 
ATOM   321  N  N   . LEU A 1 41  ? 2.852   -7.369  11.645  1.00 22.53 ? 40  LEU A N   1 
ATOM   322  C  CA  . LEU A 1 41  ? 2.534   -8.782  11.401  1.00 24.02 ? 40  LEU A CA  1 
ATOM   323  C  C   . LEU A 1 41  ? 1.491   -9.328  12.390  1.00 24.57 ? 40  LEU A C   1 
ATOM   324  O  O   . LEU A 1 41  ? 0.724   -10.247 12.061  1.00 24.31 ? 40  LEU A O   1 
ATOM   325  C  CB  . LEU A 1 41  ? 3.825   -9.612  11.454  1.00 23.61 ? 40  LEU A CB  1 
ATOM   326  C  CG  . LEU A 1 41  ? 3.835   -11.093 11.067  1.00 24.87 ? 40  LEU A CG  1 
ATOM   327  C  CD1 . LEU A 1 41  ? 3.241   -11.393 9.671   1.00 25.35 ? 40  LEU A CD1 1 
ATOM   328  C  CD2 . LEU A 1 41  ? 5.260   -11.615 11.168  1.00 25.12 ? 40  LEU A CD2 1 
ATOM   329  N  N   . GLU A 1 42  ? 1.473   -8.744  13.588  1.00 26.18 ? 41  GLU A N   1 
ATOM   330  C  CA  . GLU A 1 42  ? 0.543   -9.123  14.663  1.00 28.15 ? 41  GLU A CA  1 
ATOM   331  C  C   . GLU A 1 42  ? -0.916  -8.864  14.315  1.00 28.21 ? 41  GLU A C   1 
ATOM   332  O  O   . GLU A 1 42  ? -1.808  -9.419  14.960  1.00 28.32 ? 41  GLU A O   1 
ATOM   333  C  CB  . GLU A 1 42  ? 0.907   -8.411  15.964  1.00 28.21 ? 41  GLU A CB  1 
ATOM   334  C  CG  . GLU A 1 42  ? 2.236   -8.883  16.549  1.00 30.42 ? 41  GLU A CG  1 
ATOM   335  C  CD  . GLU A 1 42  ? 2.625   -8.177  17.833  1.00 31.93 ? 41  GLU A CD  1 
ATOM   336  O  OE1 . GLU A 1 42  ? 1.816   -7.383  18.369  1.00 37.13 ? 41  GLU A OE1 1 
ATOM   337  O  OE2 . GLU A 1 42  ? 3.763   -8.420  18.308  1.00 38.02 ? 41  GLU A OE2 1 
ATOM   338  N  N   . LYS A 1 43  ? -1.162  -8.045  13.286  1.00 28.16 ? 42  LYS A N   1 
ATOM   339  C  CA  . LYS A 1 43  ? -2.519  -7.801  12.800  1.00 28.18 ? 42  LYS A CA  1 
ATOM   340  C  C   . LYS A 1 43  ? -3.072  -8.940  11.946  1.00 28.52 ? 42  LYS A C   1 
ATOM   341  O  O   . LYS A 1 43  ? -4.268  -9.034  11.719  1.00 28.85 ? 42  LYS A O   1 
ATOM   342  C  CB  . LYS A 1 43  ? -2.596  -6.468  12.040  1.00 27.68 ? 42  LYS A CB  1 
ATOM   343  C  CG  . LYS A 1 43  ? -2.431  -5.238  12.924  1.00 28.87 ? 42  LYS A CG  1 
ATOM   344  C  CD  . LYS A 1 43  ? -3.654  -4.980  13.817  1.00 25.98 ? 42  LYS A CD  1 
ATOM   345  C  CE  . LYS A 1 43  ? -3.398  -3.810  14.753  1.00 27.40 ? 42  LYS A CE  1 
ATOM   346  N  NZ  . LYS A 1 43  ? -4.591  -3.535  15.613  1.00 27.92 ? 42  LYS A NZ  1 
ATOM   347  N  N   . PHE A 1 44  ? -2.197  -9.817  11.476  1.00 29.03 ? 43  PHE A N   1 
ATOM   348  C  CA  . PHE A 1 44  ? -2.604  -10.904 10.600  1.00 29.38 ? 43  PHE A CA  1 
ATOM   349  C  C   . PHE A 1 44  ? -2.664  -12.217 11.366  1.00 31.12 ? 43  PHE A C   1 
ATOM   350  O  O   . PHE A 1 44  ? -1.652  -12.889 11.529  1.00 31.08 ? 43  PHE A O   1 
ATOM   351  C  CB  . PHE A 1 44  ? -1.623  -11.030 9.429   1.00 28.02 ? 43  PHE A CB  1 
ATOM   352  C  CG  . PHE A 1 44  ? -1.590  -9.824  8.533   1.00 25.93 ? 43  PHE A CG  1 
ATOM   353  C  CD1 . PHE A 1 44  ? -0.735  -8.759  8.807   1.00 24.66 ? 43  PHE A CD1 1 
ATOM   354  C  CD2 . PHE A 1 44  ? -2.416  -9.750  7.425   1.00 23.71 ? 43  PHE A CD2 1 
ATOM   355  C  CE1 . PHE A 1 44  ? -0.703  -7.646  7.993   1.00 24.88 ? 43  PHE A CE1 1 
ATOM   356  C  CE2 . PHE A 1 44  ? -2.388  -8.639  6.601   1.00 22.28 ? 43  PHE A CE2 1 
ATOM   357  C  CZ  . PHE A 1 44  ? -1.539  -7.592  6.882   1.00 23.64 ? 43  PHE A CZ  1 
ATOM   358  N  N   . ASP A 1 45  ? -3.850  -12.599 11.831  1.00 33.08 ? 44  ASP A N   1 
ATOM   359  C  CA  . ASP A 1 45  ? -3.973  -13.879 12.549  1.00 34.93 ? 44  ASP A CA  1 
ATOM   360  C  C   . ASP A 1 45  ? -3.700  -15.054 11.612  1.00 35.53 ? 44  ASP A C   1 
ATOM   361  O  O   . ASP A 1 45  ? -3.418  -16.169 12.056  1.00 35.96 ? 44  ASP A O   1 
ATOM   362  C  CB  . ASP A 1 45  ? -5.336  -14.007 13.248  1.00 35.60 ? 44  ASP A CB  1 
ATOM   363  C  CG  . ASP A 1 45  ? -5.599  -12.867 14.232  1.00 37.61 ? 44  ASP A CG  1 
ATOM   364  O  OD1 . ASP A 1 45  ? -4.656  -12.097 14.561  1.00 38.52 ? 44  ASP A OD1 1 
ATOM   365  O  OD2 . ASP A 1 45  ? -6.764  -12.732 14.664  1.00 40.92 ? 44  ASP A OD2 1 
ATOM   366  N  N   . ARG A 1 46  ? -3.759  -14.764 10.314  1.00 35.90 ? 45  ARG A N   1 
ATOM   367  C  CA  . ARG A 1 46  ? -3.439  -15.695 9.241   1.00 36.51 ? 45  ARG A CA  1 
ATOM   368  C  C   . ARG A 1 46  ? -1.918  -15.854 9.034   1.00 36.04 ? 45  ARG A C   1 
ATOM   369  O  O   . ARG A 1 46  ? -1.471  -16.918 8.599   1.00 36.00 ? 45  ARG A O   1 
ATOM   370  C  CB  . ARG A 1 46  ? -4.072  -15.175 7.945   1.00 36.86 ? 45  ARG A CB  1 
ATOM   371  C  CG  . ARG A 1 46  ? -4.865  -16.194 7.120   1.00 38.23 ? 45  ARG A CG  1 
ATOM   372  C  CD  . ARG A 1 46  ? -5.594  -15.505 5.946   1.00 38.31 ? 45  ARG A CD  1 
ATOM   373  N  NE  . ARG A 1 46  ? -4.722  -15.350 4.776   1.00 43.14 ? 45  ARG A NE  1 
ATOM   374  C  CZ  . ARG A 1 46  ? -5.064  -14.749 3.633   1.00 43.90 ? 45  ARG A CZ  1 
ATOM   375  N  NH1 . ARG A 1 46  ? -6.270  -14.221 3.490   1.00 45.01 ? 45  ARG A NH1 1 
ATOM   376  N  NH2 . ARG A 1 46  ? -4.201  -14.679 2.618   1.00 43.64 ? 45  ARG A NH2 1 
ATOM   377  N  N   . PHE A 1 47  ? -1.137  -14.801 9.325   1.00 35.59 ? 46  PHE A N   1 
ATOM   378  C  CA  . PHE A 1 47  ? 0.317   -14.788 9.024   1.00 35.20 ? 46  PHE A CA  1 
ATOM   379  C  C   . PHE A 1 47  ? 1.263   -14.583 10.203  1.00 35.35 ? 46  PHE A C   1 
ATOM   380  O  O   . PHE A 1 47  ? 2.480   -14.702 10.040  1.00 35.10 ? 46  PHE A O   1 
ATOM   381  C  CB  . PHE A 1 47  ? 0.677   -13.718 7.974   1.00 35.26 ? 46  PHE A CB  1 
ATOM   382  C  CG  . PHE A 1 47  ? -0.212  -13.710 6.772   1.00 34.86 ? 46  PHE A CG  1 
ATOM   383  C  CD1 . PHE A 1 47  ? -0.434  -14.867 6.044   1.00 33.58 ? 46  PHE A CD1 1 
ATOM   384  C  CD2 . PHE A 1 47  ? -0.818  -12.526 6.355   1.00 34.98 ? 46  PHE A CD2 1 
ATOM   385  C  CE1 . PHE A 1 47  ? -1.263  -14.848 4.943   1.00 34.58 ? 46  PHE A CE1 1 
ATOM   386  C  CE2 . PHE A 1 47  ? -1.644  -12.503 5.257   1.00 34.01 ? 46  PHE A CE2 1 
ATOM   387  C  CZ  . PHE A 1 47  ? -1.868  -13.658 4.551   1.00 34.69 ? 46  PHE A CZ  1 
ATOM   388  N  N   . LYS A 1 48  ? 0.727   -14.259 11.376  1.00 34.90 ? 47  LYS A N   1 
ATOM   389  C  CA  . LYS A 1 48  ? 1.572   -13.899 12.515  1.00 35.39 ? 47  LYS A CA  1 
ATOM   390  C  C   . LYS A 1 48  ? 2.528   -15.019 12.979  1.00 34.85 ? 47  LYS A C   1 
ATOM   391  O  O   . LYS A 1 48  ? 3.461   -14.755 13.732  1.00 35.35 ? 47  LYS A O   1 
ATOM   392  C  CB  . LYS A 1 48  ? 0.727   -13.358 13.681  1.00 35.40 ? 47  LYS A CB  1 
ATOM   393  C  CG  . LYS A 1 48  ? -0.240  -14.370 14.283  1.00 36.32 ? 47  LYS A CG  1 
ATOM   394  C  CD  . LYS A 1 48  ? -1.143  -13.713 15.322  1.00 36.75 ? 47  LYS A CD  1 
ATOM   395  C  CE  . LYS A 1 48  ? -2.097  -14.727 15.944  1.00 38.25 ? 47  LYS A CE  1 
ATOM   396  N  NZ  . LYS A 1 48  ? -3.239  -14.058 16.633  1.00 40.76 ? 47  LYS A NZ  1 
ATOM   397  N  N   . HIS A 1 49  ? 2.297   -16.253 12.525  1.00 34.27 ? 48  HIS A N   1 
ATOM   398  C  CA  . HIS A 1 49  ? 3.165   -17.387 12.870  1.00 33.50 ? 48  HIS A CA  1 
ATOM   399  C  C   . HIS A 1 49  ? 4.457   -17.444 12.052  1.00 32.48 ? 48  HIS A C   1 
ATOM   400  O  O   . HIS A 1 49  ? 5.455   -18.018 12.507  1.00 32.36 ? 48  HIS A O   1 
ATOM   401  C  CB  . HIS A 1 49  ? 2.404   -18.707 12.742  1.00 33.97 ? 48  HIS A CB  1 
ATOM   402  C  CG  . HIS A 1 49  ? 1.984   -19.033 11.343  1.00 35.83 ? 48  HIS A CG  1 
ATOM   403  N  ND1 . HIS A 1 49  ? 0.995   -18.337 10.678  1.00 38.15 ? 48  HIS A ND1 1 
ATOM   404  C  CD2 . HIS A 1 49  ? 2.419   -19.984 10.480  1.00 37.70 ? 48  HIS A CD2 1 
ATOM   405  C  CE1 . HIS A 1 49  ? 0.839   -18.846 9.467   1.00 38.24 ? 48  HIS A CE1 1 
ATOM   406  N  NE2 . HIS A 1 49  ? 1.692   -19.844 9.321   1.00 39.32 ? 48  HIS A NE2 1 
ATOM   407  N  N   . LEU A 1 50  ? 4.433   -16.874 10.843  1.00 30.55 ? 49  LEU A N   1 
ATOM   408  C  CA  . LEU A 1 50  ? 5.596   -16.851 9.947   1.00 29.25 ? 49  LEU A CA  1 
ATOM   409  C  C   . LEU A 1 50  ? 6.784   -16.176 10.643  1.00 27.96 ? 49  LEU A C   1 
ATOM   410  O  O   . LEU A 1 50  ? 6.657   -15.072 11.159  1.00 27.34 ? 49  LEU A O   1 
ATOM   411  C  CB  . LEU A 1 50  ? 5.253   -16.144 8.618   1.00 29.28 ? 49  LEU A CB  1 
ATOM   412  C  CG  . LEU A 1 50  ? 4.062   -16.632 7.777   1.00 29.47 ? 49  LEU A CG  1 
ATOM   413  C  CD1 . LEU A 1 50  ? 3.803   -15.723 6.574   1.00 30.26 ? 49  LEU A CD1 1 
ATOM   414  C  CD2 . LEU A 1 50  ? 4.240   -18.077 7.296   1.00 29.08 ? 49  LEU A CD2 1 
ATOM   415  N  N   . LYS A 1 51  ? 7.925   -16.868 10.681  1.00 27.24 ? 50  LYS A N   1 
ATOM   416  C  CA  . LYS A 1 51  ? 9.057   -16.479 11.550  1.00 26.77 ? 50  LYS A CA  1 
ATOM   417  C  C   . LYS A 1 51  ? 10.238  -15.876 10.793  1.00 26.03 ? 50  LYS A C   1 
ATOM   418  O  O   . LYS A 1 51  ? 11.057  -15.165 11.381  1.00 26.76 ? 50  LYS A O   1 
ATOM   419  C  CB  . LYS A 1 51  ? 9.574   -17.692 12.352  1.00 26.92 ? 50  LYS A CB  1 
ATOM   420  C  CG  . LYS A 1 51  ? 8.565   -18.349 13.280  1.00 26.44 ? 50  LYS A CG  1 
ATOM   421  C  CD  . LYS A 1 51  ? 9.219   -19.497 14.057  1.00 26.91 ? 50  LYS A CD  1 
ATOM   422  C  CE  . LYS A 1 51  ? 8.215   -20.176 14.971  1.00 27.07 ? 50  LYS A CE  1 
ATOM   423  N  NZ  . LYS A 1 51  ? 7.945   -19.380 16.198  1.00 28.53 ? 50  LYS A NZ  1 
ATOM   424  N  N   . THR A 1 52  ? 10.351  -16.202 9.510   1.00 24.76 ? 51  THR A N   1 
ATOM   425  C  CA  . THR A 1 52  ? 11.503  -15.819 8.700   1.00 23.76 ? 51  THR A CA  1 
ATOM   426  C  C   . THR A 1 52  ? 11.053  -15.289 7.342   1.00 22.89 ? 51  THR A C   1 
ATOM   427  O  O   . THR A 1 52  ? 9.911   -15.508 6.943   1.00 21.75 ? 51  THR A O   1 
ATOM   428  C  CB  . THR A 1 52  ? 12.475  -17.021 8.474   1.00 23.80 ? 51  THR A CB  1 
ATOM   429  O  OG1 . THR A 1 52  ? 11.852  -18.019 7.660   1.00 22.69 ? 51  THR A OG1 1 
ATOM   430  C  CG2 . THR A 1 52  ? 12.918  -17.646 9.805   1.00 24.90 ? 51  THR A CG2 1 
ATOM   431  N  N   . GLU A 1 53  ? 11.951  -14.597 6.638   1.00 22.25 ? 52  GLU A N   1 
ATOM   432  C  CA  . GLU A 1 53  ? 11.692  -14.155 5.268   1.00 21.91 ? 52  GLU A CA  1 
ATOM   433  C  C   . GLU A 1 53  ? 11.428  -15.346 4.361   1.00 21.56 ? 52  GLU A C   1 
ATOM   434  O  O   . GLU A 1 53  ? 10.555  -15.302 3.486   1.00 20.11 ? 52  GLU A O   1 
ATOM   435  C  CB  . GLU A 1 53  ? 12.865  -13.323 4.749   1.00 22.44 ? 52  GLU A CB  1 
ATOM   436  C  CG  . GLU A 1 53  ? 12.815  -13.033 3.265   1.00 24.88 ? 52  GLU A CG  1 
ATOM   437  C  CD  . GLU A 1 53  ? 13.679  -11.846 2.870   1.00 28.50 ? 52  GLU A CD  1 
ATOM   438  O  OE1 . GLU A 1 53  ? 14.509  -11.402 3.703   1.00 29.25 ? 52  GLU A OE1 1 
ATOM   439  O  OE2 . GLU A 1 53  ? 13.497  -11.351 1.736   1.00 27.61 ? 52  GLU A OE2 1 
ATOM   440  N  N   . ALA A 1 54  ? 12.203  -16.411 4.573   1.00 20.76 ? 53  ALA A N   1 
ATOM   441  C  CA  . ALA A 1 54  ? 12.063  -17.639 3.817   1.00 21.04 ? 53  ALA A CA  1 
ATOM   442  C  C   . ALA A 1 54  ? 10.645  -18.193 3.910   1.00 20.61 ? 53  ALA A C   1 
ATOM   443  O  O   . ALA A 1 54  ? 10.062  -18.567 2.891   1.00 20.66 ? 53  ALA A O   1 
ATOM   444  C  CB  . ALA A 1 54  ? 13.070  -18.671 4.316   1.00 20.95 ? 53  ALA A CB  1 
ATOM   445  N  N   . GLU A 1 55  ? 10.112  -18.246 5.130   1.00 20.52 ? 54  GLU A N   1 
ATOM   446  C  CA  . GLU A 1 55  ? 8.749   -18.729 5.382   1.00 20.44 ? 54  GLU A CA  1 
ATOM   447  C  C   . GLU A 1 55  ? 7.729   -17.807 4.714   1.00 19.33 ? 54  GLU A C   1 
ATOM   448  O  O   . GLU A 1 55  ? 6.745   -18.266 4.110   1.00 18.98 ? 54  GLU A O   1 
ATOM   449  C  CB  . GLU A 1 55  ? 8.474   -18.847 6.885   1.00 20.19 ? 54  GLU A CB  1 
ATOM   450  C  CG  . GLU A 1 55  ? 9.130   -20.094 7.520   1.00 22.04 ? 54  GLU A CG  1 
ATOM   451  C  CD  . GLU A 1 55  ? 8.812   -20.269 9.004   1.00 23.42 ? 54  GLU A CD  1 
ATOM   452  O  OE1 . GLU A 1 55  ? 8.102   -19.413 9.592   1.00 25.38 ? 54  GLU A OE1 1 
ATOM   453  O  OE2 . GLU A 1 55  ? 9.262   -21.293 9.581   1.00 27.97 ? 54  GLU A OE2 1 
ATOM   454  N  N   . MET A 1 56  ? 7.990   -16.513 4.812   1.00 19.13 ? 55  MET A N   1 
ATOM   455  C  CA  . MET A 1 56  ? 7.160   -15.502 4.148   1.00 18.65 ? 55  MET A CA  1 
ATOM   456  C  C   . MET A 1 56  ? 7.109   -15.673 2.623   1.00 19.05 ? 55  MET A C   1 
ATOM   457  O  O   . MET A 1 56  ? 6.032   -15.597 2.039   1.00 18.33 ? 55  MET A O   1 
ATOM   458  C  CB  . MET A 1 56  ? 7.618   -14.098 4.521   1.00 18.93 ? 55  MET A CB  1 
ATOM   459  C  CG  . MET A 1 56  ? 7.267   -13.681 5.949   1.00 18.42 ? 55  MET A CG  1 
ATOM   460  S  SD  . MET A 1 56  ? 8.052   -12.129 6.388   1.00 18.24 ? 55  MET A SD  1 
ATOM   461  C  CE  . MET A 1 56  ? 8.110   -12.287 8.176   1.00 20.33 ? 55  MET A CE  1 
ATOM   462  N  N   . LYS A 1 57  ? 8.260   -15.925 1.990   1.00 19.43 ? 56  LYS A N   1 
ATOM   463  C  CA  . LYS A 1 57  ? 8.335   -16.068 0.522   1.00 21.08 ? 56  LYS A CA  1 
ATOM   464  C  C   . LYS A 1 57  ? 7.629   -17.314 0.007   1.00 20.64 ? 56  LYS A C   1 
ATOM   465  O  O   . LYS A 1 57  ? 7.126   -17.341 -1.128  1.00 21.42 ? 56  LYS A O   1 
ATOM   466  C  CB  . LYS A 1 57  ? 9.799   -16.086 0.037   1.00 21.30 ? 56  LYS A CB  1 
ATOM   467  C  CG  . LYS A 1 57  ? 10.532  -14.769 0.149   1.00 25.22 ? 56  LYS A CG  1 
ATOM   468  C  CD  . LYS A 1 57  ? 11.955  -14.922 -0.357  1.00 29.79 ? 56  LYS A CD  1 
ATOM   469  C  CE  . LYS A 1 57  ? 12.638  -13.575 -0.517  1.00 32.69 ? 56  LYS A CE  1 
ATOM   470  N  NZ  . LYS A 1 57  ? 14.095  -13.686 -0.218  1.00 34.55 ? 56  LYS A NZ  1 
ATOM   471  N  N   . ALA A 1 58  ? 7.590   -18.350 0.842   1.00 20.35 ? 57  ALA A N   1 
ATOM   472  C  CA  . ALA A 1 58  ? 6.976   -19.618 0.461   1.00 19.90 ? 57  ALA A CA  1 
ATOM   473  C  C   . ALA A 1 58  ? 5.475   -19.677 0.776   1.00 19.82 ? 57  ALA A C   1 
ATOM   474  O  O   . ALA A 1 58  ? 4.792   -20.649 0.411   1.00 19.94 ? 57  ALA A O   1 
ATOM   475  C  CB  . ALA A 1 58  ? 7.714   -20.780 1.136   1.00 19.99 ? 57  ALA A CB  1 
ATOM   476  N  N   . SER A 1 59  ? 4.953   -18.649 1.454   1.00 18.81 ? 58  SER A N   1 
ATOM   477  C  CA  . SER A 1 59  ? 3.559   -18.643 1.867   1.00 18.36 ? 58  SER A CA  1 
ATOM   478  C  C   . SER A 1 59  ? 2.653   -18.226 0.723   1.00 18.85 ? 58  SER A C   1 
ATOM   479  O  O   . SER A 1 59  ? 2.698   -17.074 0.277   1.00 17.82 ? 58  SER A O   1 
ATOM   480  C  CB  . SER A 1 59  ? 3.328   -17.690 3.026   1.00 18.24 ? 58  SER A CB  1 
ATOM   481  O  OG  . SER A 1 59  ? 1.923   -17.499 3.199   1.00 16.45 ? 58  SER A OG  1 
ATOM   482  N  N   . GLU A 1 60  ? 1.820   -19.155 0.267   1.00 18.99 ? 59  GLU A N   1 
ATOM   483  C  CA  . GLU A 1 60  ? 0.869   -18.850 -0.796  1.00 20.08 ? 59  GLU A CA  1 
ATOM   484  C  C   . GLU A 1 60  ? -0.201  -17.842 -0.364  1.00 19.43 ? 59  GLU A C   1 
ATOM   485  O  O   . GLU A 1 60  ? -0.562  -16.953 -1.144  1.00 18.87 ? 59  GLU A O   1 
ATOM   486  C  CB  . GLU A 1 60  ? 0.239   -20.135 -1.340  1.00 20.76 ? 59  GLU A CB  1 
ATOM   487  C  CG  . GLU A 1 60  ? -0.073  -20.056 -2.867  1.00 25.46 ? 59  GLU A CG  1 
ATOM   488  C  CD  . GLU A 1 60  ? 1.193   -19.895 -3.732  1.00 31.40 ? 59  GLU A CD  1 
ATOM   489  O  OE1 . GLU A 1 60  ? 2.262   -20.471 -3.385  1.00 35.59 ? 59  GLU A OE1 1 
ATOM   490  O  OE2 . GLU A 1 60  ? 1.129   -19.191 -4.759  1.00 34.97 ? 59  GLU A OE2 1 
ATOM   491  N  N   . ASP A 1 61  ? -0.676  -17.963 0.876   1.00 18.83 ? 60  ASP A N   1 
ATOM   492  C  CA  . ASP A 1 61  ? -1.650  -17.027 1.458   1.00 19.25 ? 60  ASP A CA  1 
ATOM   493  C  C   . ASP A 1 61  ? -1.112  -15.608 1.528   1.00 17.66 ? 60  ASP A C   1 
ATOM   494  O  O   . ASP A 1 61  ? -1.837  -14.671 1.220   1.00 16.78 ? 60  ASP A O   1 
ATOM   495  C  CB  . ASP A 1 61  ? -2.060  -17.465 2.866   1.00 19.91 ? 60  ASP A CB  1 
ATOM   496  C  CG  . ASP A 1 61  ? -3.088  -18.580 2.856   1.00 23.09 ? 60  ASP A CG  1 
ATOM   497  O  OD1 . ASP A 1 61  ? -3.602  -18.929 1.768   1.00 26.31 ? 60  ASP A OD1 1 
ATOM   498  O  OD2 . ASP A 1 61  ? -3.383  -19.102 3.951   1.00 26.18 ? 60  ASP A OD2 1 
ATOM   499  N  N   . LEU A 1 62  ? 0.147   -15.453 1.945   1.00 16.55 ? 61  LEU A N   1 
ATOM   500  C  CA  . LEU A 1 62  ? 0.785   -14.125 1.955   1.00 15.26 ? 61  LEU A CA  1 
ATOM   501  C  C   . LEU A 1 62  ? 0.862   -13.539 0.543   1.00 14.57 ? 61  LEU A C   1 
ATOM   502  O  O   . LEU A 1 62  ? 0.564   -12.357 0.362   1.00 13.07 ? 61  LEU A O   1 
ATOM   503  C  CB  . LEU A 1 62  ? 2.178   -14.142 2.586   1.00 16.02 ? 61  LEU A CB  1 
ATOM   504  C  CG  . LEU A 1 62  ? 2.947   -12.819 2.762   1.00 17.16 ? 61  LEU A CG  1 
ATOM   505  C  CD1 . LEU A 1 62  ? 3.928   -12.904 3.915   1.00 17.63 ? 61  LEU A CD1 1 
ATOM   506  C  CD2 . LEU A 1 62  ? 3.724   -12.419 1.469   1.00 20.88 ? 61  LEU A CD2 1 
ATOM   507  N  N   . LYS A 1 63  ? 1.267   -14.358 -0.438  1.00 13.36 ? 62  LYS A N   1 
ATOM   508  C  CA  . LYS A 1 63  ? 1.305   -13.922 -1.845  1.00 13.11 ? 62  LYS A CA  1 
ATOM   509  C  C   . LYS A 1 63  ? -0.065  -13.457 -2.311  1.00 12.77 ? 62  LYS A C   1 
ATOM   510  O  O   . LYS A 1 63  ? -0.191  -12.389 -2.912  1.00 11.49 ? 62  LYS A O   1 
ATOM   511  C  CB  . LYS A 1 63  ? 1.797   -15.049 -2.753  1.00 13.82 ? 62  LYS A CB  1 
ATOM   512  C  CG  . LYS A 1 63  ? 1.920   -14.644 -4.201  1.00 14.79 ? 62  LYS A CG  1 
ATOM   513  C  CD  . LYS A 1 63  ? 1.733   -15.832 -5.114  1.00 25.25 ? 62  LYS A CD  1 
ATOM   514  C  CE  . LYS A 1 63  ? 3.021   -16.521 -5.417  1.00 31.02 ? 62  LYS A CE  1 
ATOM   515  N  NZ  . LYS A 1 63  ? 3.377   -17.528 -4.377  1.00 35.96 ? 62  LYS A NZ  1 
ATOM   516  N  N   . LYS A 1 64  ? -1.084  -14.272 -2.033  1.00 12.88 ? 63  LYS A N   1 
ATOM   517  C  CA  . LYS A 1 64  ? -2.464  -13.925 -2.343  1.00 13.96 ? 63  LYS A CA  1 
ATOM   518  C  C   . LYS A 1 64  ? -2.849  -12.584 -1.710  1.00 13.02 ? 63  LYS A C   1 
ATOM   519  O  O   . LYS A 1 64  ? -3.488  -11.742 -2.359  1.00 12.85 ? 63  LYS A O   1 
ATOM   520  C  CB  . LYS A 1 64  ? -3.410  -15.024 -1.865  1.00 14.30 ? 63  LYS A CB  1 
ATOM   521  C  CG  . LYS A 1 64  ? -3.325  -16.306 -2.708  1.00 16.96 ? 63  LYS A CG  1 
ATOM   522  C  CD  . LYS A 1 64  ? -4.355  -17.351 -2.189  1.00 17.05 ? 63  LYS A CD  1 
ATOM   523  C  CE  . LYS A 1 64  ? -4.151  -18.764 -2.773  1.00 22.87 ? 63  LYS A CE  1 
ATOM   524  N  NZ  . LYS A 1 64  ? -3.480  -18.806 -4.111  1.00 25.70 ? 63  LYS A NZ  1 
ATOM   525  N  N   . HIS A 1 65  ? -2.465  -12.374 -0.458  1.00 12.17 ? 64  HIS A N   1 
ATOM   526  C  CA  . HIS A 1 65  ? -2.786  -11.102 0.191   1.00 11.95 ? 64  HIS A CA  1 
ATOM   527  C  C   . HIS A 1 65  ? -2.121  -9.889  -0.478  1.00 11.20 ? 64  HIS A C   1 
ATOM   528  O  O   . HIS A 1 65  ? -2.764  -8.840  -0.684  1.00 11.15 ? 64  HIS A O   1 
ATOM   529  C  CB  . HIS A 1 65  ? -2.515  -11.139 1.701   1.00 12.52 ? 64  HIS A CB  1 
ATOM   530  C  CG  . HIS A 1 65  ? -2.858  -9.855  2.382   1.00 14.55 ? 64  HIS A CG  1 
ATOM   531  N  ND1 . HIS A 1 65  ? -4.152  -9.399  2.499   1.00 15.27 ? 64  HIS A ND1 1 
ATOM   532  C  CD2 . HIS A 1 65  ? -2.072  -8.914  2.960   1.00 14.79 ? 64  HIS A CD2 1 
ATOM   533  C  CE1 . HIS A 1 65  ? -4.151  -8.239  3.128   1.00 12.91 ? 64  HIS A CE1 1 
ATOM   534  N  NE2 . HIS A 1 65  ? -2.900  -7.916  3.404   1.00 14.49 ? 64  HIS A NE2 1 
ATOM   535  N  N   . GLY A 1 66  ? -0.846  -10.033 -0.845  1.00 10.39 ? 65  GLY A N   1 
ATOM   536  C  CA  . GLY A 1 66  ? -0.131  -8.956  -1.516  1.00 9.40  ? 65  GLY A CA  1 
ATOM   537  C  C   . GLY A 1 66  ? -0.825  -8.582  -2.820  1.00 9.16  ? 65  GLY A C   1 
ATOM   538  O  O   . GLY A 1 66  ? -0.916  -7.421  -3.139  1.00 8.77  ? 65  GLY A O   1 
ATOM   539  N  N   . VAL A 1 67  ? -1.302  -9.576  -3.567  1.00 8.71  ? 66  VAL A N   1 
ATOM   540  C  CA  . VAL A 1 67  ? -2.026  -9.332  -4.820  1.00 9.08  ? 66  VAL A CA  1 
ATOM   541  C  C   . VAL A 1 67  ? -3.333  -8.578  -4.535  1.00 9.39  ? 66  VAL A C   1 
ATOM   542  O  O   . VAL A 1 67  ? -3.677  -7.610  -5.212  1.00 8.43  ? 66  VAL A O   1 
ATOM   543  C  CB  . VAL A 1 67  ? -2.331  -10.643 -5.546  1.00 9.01  ? 66  VAL A CB  1 
ATOM   544  C  CG1 . VAL A 1 67  ? -3.310  -10.401 -6.701  1.00 9.30  ? 66  VAL A CG1 1 
ATOM   545  C  CG2 . VAL A 1 67  ? -1.055  -11.272 -6.083  1.00 9.70  ? 66  VAL A CG2 1 
ATOM   546  N  N   . THR A 1 68  ? -4.037  -9.002  -3.500  1.00 9.51  ? 67  THR A N   1 
ATOM   547  C  CA  . THR A 1 68  ? -5.269  -8.309  -3.100  1.00 10.45 ? 67  THR A CA  1 
ATOM   548  C  C   . THR A 1 68  ? -5.008  -6.830  -2.719  1.00 9.69  ? 67  THR A C   1 
ATOM   549  O  O   . THR A 1 68  ? -5.692  -5.928  -3.201  1.00 9.91  ? 67  THR A O   1 
ATOM   550  C  CB  . THR A 1 68  ? -5.916  -9.079  -1.948  1.00 10.69 ? 67  THR A CB  1 
ATOM   551  O  OG1 . THR A 1 68  ? -6.369  -10.334 -2.461  1.00 10.64 ? 67  THR A OG1 1 
ATOM   552  C  CG2 . THR A 1 68  ? -7.086  -8.292  -1.346  1.00 12.76 ? 67  THR A CG2 1 
ATOM   553  N  N   . VAL A 1 69  ? -4.007  -6.593  -1.874  1.00 8.93  ? 68  VAL A N   1 
ATOM   554  C  CA  . VAL A 1 69  ? -3.637  -5.227  -1.447  1.00 8.68  ? 68  VAL A CA  1 
ATOM   555  C  C   . VAL A 1 69  ? -3.222  -4.352  -2.646  1.00 8.96  ? 68  VAL A C   1 
ATOM   556  O  O   . VAL A 1 69  ? -3.754  -3.252  -2.849  1.00 8.94  ? 68  VAL A O   1 
ATOM   557  C  CB  . VAL A 1 69  ? -2.501  -5.302  -0.390  1.00 8.92  ? 68  VAL A CB  1 
ATOM   558  C  CG1 . VAL A 1 69  ? -1.875  -3.948  -0.117  1.00 8.35  ? 68  VAL A CG1 1 
ATOM   559  C  CG2 . VAL A 1 69  ? -3.021  -5.977  0.917   1.00 8.31  ? 68  VAL A CG2 1 
ATOM   560  N  N   . LEU A 1 70  ? -2.283  -4.840  -3.444  1.00 9.06  ? 69  LEU A N   1 
ATOM   561  C  CA  . LEU A 1 70  ? -1.791  -4.040  -4.576  1.00 9.16  ? 69  LEU A CA  1 
ATOM   562  C  C   . LEU A 1 70  ? -2.833  -3.795  -5.666  1.00 8.71  ? 69  LEU A C   1 
ATOM   563  O  O   . LEU A 1 70  ? -2.817  -2.737  -6.287  1.00 9.50  ? 69  LEU A O   1 
ATOM   564  C  CB  . LEU A 1 70  ? -0.493  -4.613  -5.168  1.00 9.04  ? 69  LEU A CB  1 
ATOM   565  C  CG  . LEU A 1 70  ? 0.768   -4.560  -4.290  1.00 9.75  ? 69  LEU A CG  1 
ATOM   566  C  CD1 . LEU A 1 70  ? 1.969   -4.937  -5.211  1.00 11.44 ? 69  LEU A CD1 1 
ATOM   567  C  CD2 . LEU A 1 70  ? 0.966   -3.227  -3.599  1.00 13.77 ? 69  LEU A CD2 1 
ATOM   568  N  N   . THR A 1 71  ? -3.754  -4.743  -5.865  1.00 9.54  ? 70  THR A N   1 
ATOM   569  C  CA  . THR A 1 71  ? -4.817  -4.584  -6.862  1.00 10.25 ? 70  THR A CA  1 
ATOM   570  C  C   . THR A 1 71  ? -5.806  -3.494  -6.382  1.00 9.94  ? 70  THR A C   1 
ATOM   571  O  O   . THR A 1 71  ? -6.173  -2.609  -7.154  1.00 8.00  ? 70  THR A O   1 
ATOM   572  C  CB  . THR A 1 71  ? -5.497  -5.951  -7.151  1.00 10.96 ? 70  THR A CB  1 
ATOM   573  O  OG1 . THR A 1 71  ? -4.512  -6.842  -7.680  1.00 12.68 ? 70  THR A OG1 1 
ATOM   574  C  CG2 . THR A 1 71  ? -6.670  -5.829  -8.106  1.00 12.33 ? 70  THR A CG2 1 
ATOM   575  N  N   . ALA A 1 72  ? -6.193  -3.551  -5.108  1.00 9.36  ? 71  ALA A N   1 
ATOM   576  C  CA  . ALA A 1 72  ? -6.978  -2.469  -4.485  1.00 9.41  ? 71  ALA A CA  1 
ATOM   577  C  C   . ALA A 1 72  ? -6.288  -1.110  -4.583  1.00 9.28  ? 71  ALA A C   1 
ATOM   578  O  O   . ALA A 1 72  ? -6.910  -0.115  -4.965  1.00 9.67  ? 71  ALA A O   1 
ATOM   579  C  CB  . ALA A 1 72  ? -7.273  -2.799  -3.020  1.00 9.59  ? 71  ALA A CB  1 
ATOM   580  N  N   . LEU A 1 73  ? -4.996  -1.053  -4.233  1.00 9.09  ? 72  LEU A N   1 
ATOM   581  C  CA  . LEU A 1 73  ? -4.254  0.211   -4.336  1.00 9.04  ? 72  LEU A CA  1 
ATOM   582  C  C   . LEU A 1 73  ? -4.148  0.717   -5.777  1.00 8.99  ? 72  LEU A C   1 
ATOM   583  O  O   . LEU A 1 73  ? -4.287  1.918   -6.027  1.00 9.52  ? 72  LEU A O   1 
ATOM   584  C  CB  . LEU A 1 73  ? -2.854  0.063   -3.730  1.00 8.83  ? 72  LEU A CB  1 
ATOM   585  C  CG  . LEU A 1 73  ? -2.048  1.355   -3.709  1.00 10.76 ? 72  LEU A CG  1 
ATOM   586  C  CD1 . LEU A 1 73  ? -2.745  2.418   -2.860  1.00 10.26 ? 72  LEU A CD1 1 
ATOM   587  C  CD2 . LEU A 1 73  ? -0.655  1.063   -3.167  1.00 10.86 ? 72  LEU A CD2 1 
ATOM   588  N  N   . GLY A 1 74  ? -3.898  -0.201  -6.709  1.00 8.65  ? 73  GLY A N   1 
ATOM   589  C  CA  . GLY A 1 74  ? -3.822  0.130   -8.145  1.00 9.60  ? 73  GLY A CA  1 
ATOM   590  C  C   . GLY A 1 74  ? -5.115  0.786   -8.615  1.00 9.28  ? 73  GLY A C   1 
ATOM   591  O  O   . GLY A 1 74  ? -5.089  1.775   -9.365  1.00 10.60 ? 73  GLY A O   1 
ATOM   592  N  N   . ALA A 1 75  ? -6.246  0.218   -8.197  1.00 10.18 ? 74  ALA A N   1 
ATOM   593  C  CA  . ALA A 1 75  ? -7.585  0.754   -8.557  1.00 11.15 ? 74  ALA A CA  1 
ATOM   594  C  C   . ALA A 1 75  ? -7.791  2.176   -8.044  1.00 11.74 ? 74  ALA A C   1 
ATOM   595  O  O   . ALA A 1 75  ? -8.318  3.042   -8.759  1.00 12.77 ? 74  ALA A O   1 
ATOM   596  C  CB  . ALA A 1 75  ? -8.692  -0.187  -8.052  1.00 11.00 ? 74  ALA A CB  1 
ATOM   597  N  N   . ILE A 1 76  ? -7.371  2.406   -6.805  1.00 10.93 ? 75  ILE A N   1 
ATOM   598  C  CA  . ILE A 1 76  ? -7.417  3.736   -6.181  1.00 12.29 ? 75  ILE A CA  1 
ATOM   599  C  C   . ILE A 1 76  ? -6.516  4.739   -6.935  1.00 12.41 ? 75  ILE A C   1 
ATOM   600  O  O   . ILE A 1 76  ? -6.949  5.855   -7.275  1.00 13.22 ? 75  ILE A O   1 
ATOM   601  C  CB  . ILE A 1 76  ? -7.060  3.651   -4.683  1.00 11.40 ? 75  ILE A CB  1 
ATOM   602  C  CG1 . ILE A 1 76  ? -8.208  2.979   -3.908  1.00 13.58 ? 75  ILE A CG1 1 
ATOM   603  C  CG2 . ILE A 1 76  ? -6.707  5.047   -4.112  1.00 13.53 ? 75  ILE A CG2 1 
ATOM   604  C  CD1 . ILE A 1 76  ? -7.810  2.347   -2.575  1.00 14.51 ? 75  ILE A CD1 1 
ATOM   605  N  N   . LEU A 1 77  ? -5.279  4.335   -7.224  1.00 12.09 ? 76  LEU A N   1 
ATOM   606  C  CA  . LEU A 1 77  ? -4.351  5.202   -7.976  1.00 11.84 ? 76  LEU A CA  1 
ATOM   607  C  C   . LEU A 1 77  ? -4.888  5.588   -9.347  1.00 12.26 ? 76  LEU A C   1 
ATOM   608  O  O   . LEU A 1 77  ? -4.801  6.757   -9.737  1.00 12.58 ? 76  LEU A O   1 
ATOM   609  C  CB  . LEU A 1 77  ? -2.976  4.544   -8.082  1.00 11.87 ? 76  LEU A CB  1 
ATOM   610  C  CG  . LEU A 1 77  ? -2.229  4.396   -6.758  1.00 11.86 ? 76  LEU A CG  1 
ATOM   611  C  CD1 . LEU A 1 77  ? -0.965  3.556   -7.060  1.00 9.95  ? 76  LEU A CD1 1 
ATOM   612  C  CD2 . LEU A 1 77  ? -1.880  5.719   -6.086  1.00 11.83 ? 76  LEU A CD2 1 
ATOM   613  N  N   . LYS A 1 78  ? -5.488  4.617   -10.042 1.00 11.79 ? 77  LYS A N   1 
ATOM   614  C  CA  . LYS A 1 78  ? -6.065  4.846   -11.377 1.00 12.12 ? 77  LYS A CA  1 
ATOM   615  C  C   . LYS A 1 78  ? -7.228  5.840   -11.421 1.00 12.92 ? 77  LYS A C   1 
ATOM   616  O  O   . LYS A 1 78  ? -7.484  6.410   -12.482 1.00 13.20 ? 77  LYS A O   1 
ATOM   617  C  CB  . LYS A 1 78  ? -6.444  3.531   -12.029 1.00 12.60 ? 77  LYS A CB  1 
ATOM   618  C  CG  . LYS A 1 78  ? -5.218  2.727   -12.418 1.00 12.17 ? 77  LYS A CG  1 
ATOM   619  C  CD  . LYS A 1 78  ? -5.626  1.310   -12.753 1.00 13.13 ? 77  LYS A CD  1 
ATOM   620  C  CE  . LYS A 1 78  ? -4.401  0.439   -12.873 1.00 14.43 ? 77  LYS A CE  1 
ATOM   621  N  NZ  . LYS A 1 78  ? -4.707  -0.834  -13.559 1.00 14.79 ? 77  LYS A NZ  1 
ATOM   622  N  N   . LYS A 1 79  ? -7.892  6.052   -10.276 1.00 13.98 ? 78  LYS A N   1 
ATOM   623  C  CA  . LYS A 1 79  ? -8.949  7.065   -10.121 1.00 15.23 ? 78  LYS A CA  1 
ATOM   624  C  C   . LYS A 1 79  ? -8.405  8.476   -10.049 1.00 15.58 ? 78  LYS A C   1 
ATOM   625  O  O   . LYS A 1 79  ? -9.172  9.442   -10.205 1.00 15.91 ? 78  LYS A O   1 
ATOM   626  C  CB  . LYS A 1 79  ? -9.825  6.802   -8.892  1.00 15.25 ? 78  LYS A CB  1 
ATOM   627  C  CG  . LYS A 1 79  ? -10.653 5.506   -8.956  1.00 19.14 ? 78  LYS A CG  1 
ATOM   628  C  CD  . LYS A 1 79  ? -11.432 5.386   -10.260 1.00 23.15 ? 78  LYS A CD  1 
ATOM   629  C  CE  . LYS A 1 79  ? -12.594 6.354   -10.303 1.00 26.37 ? 78  LYS A CE  1 
ATOM   630  N  NZ  . LYS A 1 79  ? -13.560 6.070   -9.189  1.00 30.87 ? 78  LYS A NZ  1 
ATOM   631  N  N   . LYS A 1 80  ? -7.098  8.600   -9.812  1.00 15.65 ? 79  LYS A N   1 
ATOM   632  C  CA  . LYS A 1 80  ? -6.425  9.908   -9.832  1.00 15.88 ? 79  LYS A CA  1 
ATOM   633  C  C   . LYS A 1 80  ? -7.090  10.897  -8.880  1.00 16.84 ? 79  LYS A C   1 
ATOM   634  O  O   . LYS A 1 80  ? -7.316  12.061  -9.222  1.00 16.93 ? 79  LYS A O   1 
ATOM   635  C  CB  . LYS A 1 80  ? -6.310  10.454  -11.266 1.00 16.07 ? 79  LYS A CB  1 
ATOM   636  C  CG  . LYS A 1 80  ? -5.430  9.556   -12.162 1.00 16.88 ? 79  LYS A CG  1 
ATOM   637  C  CD  . LYS A 1 80  ? -5.755  9.671   -13.639 1.00 22.91 ? 79  LYS A CD  1 
ATOM   638  C  CE  . LYS A 1 80  ? -5.373  11.015  -14.190 1.00 24.38 ? 79  LYS A CE  1 
ATOM   639  N  NZ  . LYS A 1 80  ? -5.565  11.126  -15.701 1.00 24.94 ? 79  LYS A NZ  1 
ATOM   640  N  N   . GLY A 1 81  ? -7.375  10.427  -7.670  1.00 16.46 ? 80  GLY A N   1 
ATOM   641  C  CA  . GLY A 1 81  ? -7.954  11.289  -6.646  1.00 18.03 ? 80  GLY A CA  1 
ATOM   642  C  C   . GLY A 1 81  ? -9.471  11.205  -6.557  1.00 18.85 ? 80  GLY A C   1 
ATOM   643  O  O   . GLY A 1 81  ? -10.063 11.655  -5.570  1.00 20.04 ? 80  GLY A O   1 
ATOM   644  N  N   . HIS A 1 82  ? -10.107 10.605  -7.555  1.00 19.49 ? 81  HIS A N   1 
ATOM   645  C  CA  . HIS A 1 82  ? -11.569 10.424  -7.524  1.00 20.79 ? 81  HIS A CA  1 
ATOM   646  C  C   . HIS A 1 82  ? -11.939 9.073   -6.934  1.00 21.16 ? 81  HIS A C   1 
ATOM   647  O  O   . HIS A 1 82  ? -12.609 8.266   -7.584  1.00 22.51 ? 81  HIS A O   1 
ATOM   648  C  CB  . HIS A 1 82  ? -12.122 10.520  -8.939  1.00 20.86 ? 81  HIS A CB  1 
ATOM   649  C  CG  . HIS A 1 82  ? -11.868 11.839  -9.586  1.00 21.55 ? 81  HIS A CG  1 
ATOM   650  N  ND1 . HIS A 1 82  ? -12.682 12.934  -9.386  1.00 24.18 ? 81  HIS A ND1 1 
ATOM   651  C  CD2 . HIS A 1 82  ? -10.883 12.244  -10.417 1.00 23.37 ? 81  HIS A CD2 1 
ATOM   652  C  CE1 . HIS A 1 82  ? -12.215 13.955  -10.084 1.00 27.16 ? 81  HIS A CE1 1 
ATOM   653  N  NE2 . HIS A 1 82  ? -11.123 13.564  -10.720 1.00 27.34 ? 81  HIS A NE2 1 
ATOM   654  N  N   . HIS A 1 83  ? -11.513 8.821   -5.708  1.00 22.10 ? 82  HIS A N   1 
ATOM   655  C  CA  . HIS A 1 83  ? -11.499 7.455   -5.172  1.00 23.05 ? 82  HIS A CA  1 
ATOM   656  C  C   . HIS A 1 83  ? -12.495 7.172   -4.029  1.00 24.30 ? 82  HIS A C   1 
ATOM   657  O  O   . HIS A 1 83  ? -12.353 6.170   -3.316  1.00 23.13 ? 82  HIS A O   1 
ATOM   658  C  CB  . HIS A 1 83  ? -10.065 7.086   -4.745  1.00 23.27 ? 82  HIS A CB  1 
ATOM   659  C  CG  . HIS A 1 83  ? -9.440  8.072   -3.809  1.00 23.19 ? 82  HIS A CG  1 
ATOM   660  N  ND1 . HIS A 1 83  ? -8.129  8.479   -3.931  1.00 24.92 ? 82  HIS A ND1 1 
ATOM   661  C  CD2 . HIS A 1 83  ? -9.948  8.745   -2.747  1.00 24.48 ? 82  HIS A CD2 1 
ATOM   662  C  CE1 . HIS A 1 83  ? -7.847  9.344   -2.970  1.00 26.17 ? 82  HIS A CE1 1 
ATOM   663  N  NE2 . HIS A 1 83  ? -8.939  9.531   -2.242  1.00 23.59 ? 82  HIS A NE2 1 
ATOM   664  N  N   . GLU A 1 84  ? -13.518 8.025   -3.875  1.00 25.47 ? 83  GLU A N   1 
ATOM   665  C  CA  . GLU A 1 84  ? -14.511 7.865   -2.793  1.00 26.14 ? 83  GLU A CA  1 
ATOM   666  C  C   . GLU A 1 84  ? -15.165 6.473   -2.748  1.00 25.81 ? 83  GLU A C   1 
ATOM   667  O  O   . GLU A 1 84  ? -15.294 5.893   -1.668  1.00 26.23 ? 83  GLU A O   1 
ATOM   668  C  CB  . GLU A 1 84  ? -15.592 8.974   -2.863  1.00 26.63 ? 83  GLU A CB  1 
ATOM   669  C  CG  . GLU A 1 84  ? -16.757 8.836   -1.836  1.00 27.83 ? 83  GLU A CG  1 
ATOM   670  C  CD  . GLU A 1 84  ? -16.338 9.116   -0.389  1.00 33.99 ? 83  GLU A CD  1 
ATOM   671  O  OE1 . GLU A 1 84  ? -15.317 9.812   -0.183  1.00 35.99 ? 83  GLU A OE1 1 
ATOM   672  O  OE2 . GLU A 1 84  ? -17.034 8.647   0.552   1.00 36.08 ? 83  GLU A OE2 1 
ATOM   673  N  N   . ALA A 1 85  ? -15.560 5.943   -3.905  1.00 25.46 ? 84  ALA A N   1 
ATOM   674  C  CA  . ALA A 1 85  ? -16.253 4.644   -3.973  1.00 25.57 ? 84  ALA A CA  1 
ATOM   675  C  C   . ALA A 1 85  ? -15.379 3.494   -3.502  1.00 25.46 ? 84  ALA A C   1 
ATOM   676  O  O   . ALA A 1 85  ? -15.846 2.602   -2.785  1.00 25.42 ? 84  ALA A O   1 
ATOM   677  C  CB  . ALA A 1 85  ? -16.762 4.371   -5.374  1.00 25.52 ? 84  ALA A CB  1 
ATOM   678  N  N   . GLU A 1 86  ? -14.107 3.523   -3.905  1.00 24.70 ? 85  GLU A N   1 
ATOM   679  C  CA  . GLU A 1 86  ? -13.148 2.467   -3.565  1.00 23.56 ? 85  GLU A CA  1 
ATOM   680  C  C   . GLU A 1 86  ? -12.777 2.569   -2.081  1.00 22.90 ? 85  GLU A C   1 
ATOM   681  O  O   . GLU A 1 86  ? -12.554 1.563   -1.403  1.00 21.83 ? 85  GLU A O   1 
ATOM   682  C  CB  . GLU A 1 86  ? -11.877 2.604   -4.427  1.00 24.30 ? 85  GLU A CB  1 
ATOM   683  C  CG  . GLU A 1 86  ? -12.047 2.293   -5.926  1.00 24.99 ? 85  GLU A CG  1 
ATOM   684  C  CD  . GLU A 1 86  ? -12.811 3.376   -6.682  1.00 26.84 ? 85  GLU A CD  1 
ATOM   685  O  OE1 . GLU A 1 86  ? -12.857 4.537   -6.212  1.00 27.01 ? 85  GLU A OE1 1 
ATOM   686  O  OE2 . GLU A 1 86  ? -13.373 3.073   -7.755  1.00 28.75 ? 85  GLU A OE2 1 
ATOM   687  N  N   . LEU A 1 87  ? -12.711 3.798   -1.588  1.00 21.61 ? 86  LEU A N   1 
ATOM   688  C  CA  . LEU A 1 87  ? -12.287 4.048   -0.231  1.00 20.69 ? 86  LEU A CA  1 
ATOM   689  C  C   . LEU A 1 87  ? -13.320 3.681   0.832   1.00 19.91 ? 86  LEU A C   1 
ATOM   690  O  O   . LEU A 1 87  ? -12.952 3.311   1.931   1.00 18.93 ? 86  LEU A O   1 
ATOM   691  C  CB  . LEU A 1 87  ? -11.857 5.497   -0.069  1.00 21.79 ? 86  LEU A CB  1 
ATOM   692  C  CG  . LEU A 1 87  ? -10.366 5.741   0.175   1.00 24.02 ? 86  LEU A CG  1 
ATOM   693  C  CD1 . LEU A 1 87  ? -9.473  5.257   -0.956  1.00 24.50 ? 86  LEU A CD1 1 
ATOM   694  C  CD2 . LEU A 1 87  ? -10.149 7.227   0.437   1.00 24.91 ? 86  LEU A CD2 1 
ATOM   695  N  N   . LYS A 1 88  ? -14.602 3.781   0.504   1.00 19.21 ? 87  LYS A N   1 
ATOM   696  C  CA  . LYS A 1 88  ? -15.650 3.471   1.488   1.00 18.98 ? 87  LYS A CA  1 
ATOM   697  C  C   . LYS A 1 88  ? -15.545 2.106   2.170   1.00 17.46 ? 87  LYS A C   1 
ATOM   698  O  O   . LYS A 1 88  ? -15.393 2.062   3.391   1.00 17.46 ? 87  LYS A O   1 
ATOM   699  C  CB  . LYS A 1 88  ? -17.058 3.721   0.927   1.00 19.78 ? 87  LYS A CB  1 
ATOM   700  C  CG  . LYS A 1 88  ? -17.529 5.125   1.236   1.00 23.02 ? 87  LYS A CG  1 
ATOM   701  C  CD  . LYS A 1 88  ? -18.671 5.564   0.344   1.00 27.45 ? 87  LYS A CD  1 
ATOM   702  C  CE  . LYS A 1 88  ? -19.647 4.445   0.115   1.00 30.56 ? 87  LYS A CE  1 
ATOM   703  N  NZ  . LYS A 1 88  ? -20.962 4.992   -0.344  1.00 32.97 ? 87  LYS A NZ  1 
ATOM   704  N  N   . PRO A 1 89  ? -15.617 0.998   1.399   1.00 16.14 ? 88  PRO A N   1 
ATOM   705  C  CA  . PRO A 1 89  ? -15.532 -0.328  2.015   1.00 15.44 ? 88  PRO A CA  1 
ATOM   706  C  C   . PRO A 1 89  ? -14.175 -0.592  2.642   1.00 14.43 ? 88  PRO A C   1 
ATOM   707  O  O   . PRO A 1 89  ? -14.086 -1.314  3.628   1.00 12.80 ? 88  PRO A O   1 
ATOM   708  C  CB  . PRO A 1 89  ? -15.807 -1.284  0.848   1.00 15.88 ? 88  PRO A CB  1 
ATOM   709  C  CG  . PRO A 1 89  ? -15.423 -0.478  -0.392  1.00 16.29 ? 88  PRO A CG  1 
ATOM   710  C  CD  . PRO A 1 89  ? -15.853 0.911   -0.058  1.00 16.23 ? 88  PRO A CD  1 
ATOM   711  N  N   . LEU A 1 90  ? -13.126 0.016   2.086   1.00 13.32 ? 89  LEU A N   1 
ATOM   712  C  CA  . LEU A 1 90  ? -11.786 -0.231  2.589   1.00 13.27 ? 89  LEU A CA  1 
ATOM   713  C  C   . LEU A 1 90  ? -11.621 0.420   3.972   1.00 12.84 ? 89  LEU A C   1 
ATOM   714  O  O   . LEU A 1 90  ? -11.152 -0.217  4.901   1.00 13.39 ? 89  LEU A O   1 
ATOM   715  C  CB  . LEU A 1 90  ? -10.751 0.293   1.591   1.00 13.49 ? 89  LEU A CB  1 
ATOM   716  C  CG  . LEU A 1 90  ? -9.300  -0.054  1.907   1.00 16.08 ? 89  LEU A CG  1 
ATOM   717  C  CD1 . LEU A 1 90  ? -9.044  -1.527  1.666   1.00 18.71 ? 89  LEU A CD1 1 
ATOM   718  C  CD2 . LEU A 1 90  ? -8.387  0.825   1.057   1.00 19.63 ? 89  LEU A CD2 1 
ATOM   719  N  N   . ALA A 1 91  ? -12.009 1.694   4.069   1.00 12.34 ? 90  ALA A N   1 
ATOM   720  C  CA  . ALA A 1 91  ? -12.047 2.424   5.313   1.00 11.98 ? 90  ALA A CA  1 
ATOM   721  C  C   . ALA A 1 91  ? -12.880 1.677   6.358   1.00 12.19 ? 90  ALA A C   1 
ATOM   722  O  O   . ALA A 1 91  ? -12.444 1.555   7.495   1.00 12.08 ? 90  ALA A O   1 
ATOM   723  C  CB  . ALA A 1 91  ? -12.620 3.822   5.084   1.00 12.61 ? 90  ALA A CB  1 
ATOM   724  N  N   . GLN A 1 92  ? -14.068 1.198   5.986   1.00 11.37 ? 91  GLN A N   1 
ATOM   725  C  CA  . GLN A 1 92  ? -14.888 0.467   6.992   1.00 11.67 ? 91  GLN A CA  1 
ATOM   726  C  C   . GLN A 1 92  ? -14.238 -0.829  7.519   1.00 12.03 ? 91  GLN A C   1 
ATOM   727  O  O   . GLN A 1 92  ? -14.179 -1.058  8.740   1.00 12.55 ? 91  GLN A O   1 
ATOM   728  C  CB  . GLN A 1 92  ? -16.302 0.189   6.499   1.00 11.68 ? 91  GLN A CB  1 
ATOM   729  C  CG  . GLN A 1 92  ? -17.153 -0.490  7.578   1.00 12.72 ? 91  GLN A CG  1 
ATOM   730  C  CD  . GLN A 1 92  ? -18.564 -0.751  7.119   1.00 13.93 ? 91  GLN A CD  1 
ATOM   731  O  OE1 . GLN A 1 92  ? -18.814 -1.191  5.987   1.00 15.69 ? 91  GLN A OE1 1 
ATOM   732  N  NE2 . GLN A 1 92  ? -19.507 -0.508  8.007   1.00 12.41 ? 91  GLN A NE2 1 
ATOM   733  N  N   . SER A 1 93  ? -13.732 -1.677  6.626   1.00 12.68 ? 92  SER A N   1 
ATOM   734  C  CA  . SER A 1 93  ? -13.117 -2.908  7.104   1.00 12.52 ? 92  SER A CA  1 
ATOM   735  C  C   . SER A 1 93  ? -11.856 -2.642  7.919   1.00 13.65 ? 92  SER A C   1 
ATOM   736  O  O   . SER A 1 93  ? -11.596 -3.344  8.898   1.00 13.57 ? 92  SER A O   1 
ATOM   737  C  CB  . SER A 1 93  ? -12.853 -3.905  5.980   1.00 13.81 ? 92  SER A CB  1 
ATOM   738  O  OG  . SER A 1 93  ? -11.827 -3.449  5.108   1.00 14.51 ? 92  SER A OG  1 
ATOM   739  N  N   . HIS A 1 94  ? -11.078 -1.635  7.525   1.00 13.08 ? 93  HIS A N   1 
ATOM   740  C  CA  . HIS A 1 94  ? -9.794  -1.380  8.202   1.00 13.50 ? 93  HIS A CA  1 
ATOM   741  C  C   . HIS A 1 94  ? -9.962  -0.636  9.514   1.00 13.78 ? 93  HIS A C   1 
ATOM   742  O  O   . HIS A 1 94  ? -9.140  -0.787  10.407  1.00 14.24 ? 93  HIS A O   1 
ATOM   743  C  CB  . HIS A 1 94  ? -8.842  -0.660  7.267   1.00 12.50 ? 93  HIS A CB  1 
ATOM   744  C  CG  . HIS A 1 94  ? -8.253  -1.573  6.248   1.00 12.91 ? 93  HIS A CG  1 
ATOM   745  N  ND1 . HIS A 1 94  ? -9.027  -2.259  5.334   1.00 12.54 ? 93  HIS A ND1 1 
ATOM   746  C  CD2 . HIS A 1 94  ? -6.986  -2.024  6.088   1.00 12.17 ? 93  HIS A CD2 1 
ATOM   747  C  CE1 . HIS A 1 94  ? -8.250  -3.051  4.614   1.00 14.65 ? 93  HIS A CE1 1 
ATOM   748  N  NE2 . HIS A 1 94  ? -7.014  -2.944  5.071   1.00 12.08 ? 93  HIS A NE2 1 
ATOM   749  N  N   . ALA A 1 95  ? -11.018 0.172   9.615   1.00 14.96 ? 94  ALA A N   1 
ATOM   750  C  CA  . ALA A 1 95  ? -11.362 0.826   10.877  1.00 16.41 ? 94  ALA A CA  1 
ATOM   751  C  C   . ALA A 1 95  ? -11.951 -0.172  11.895  1.00 17.49 ? 94  ALA A C   1 
ATOM   752  O  O   . ALA A 1 95  ? -11.555 -0.183  13.065  1.00 18.31 ? 94  ALA A O   1 
ATOM   753  C  CB  . ALA A 1 95  ? -12.332 2.009   10.641  1.00 16.02 ? 94  ALA A CB  1 
ATOM   754  N  N   . THR A 1 96  ? -12.852 -1.031  11.423  1.00 17.91 ? 95  THR A N   1 
ATOM   755  C  CA  . THR A 1 96  ? -13.802 -1.741  12.281  1.00 18.39 ? 95  THR A CA  1 
ATOM   756  C  C   . THR A 1 96  ? -13.440 -3.190  12.536  1.00 19.33 ? 95  THR A C   1 
ATOM   757  O  O   . THR A 1 96  ? -13.573 -3.672  13.674  1.00 20.40 ? 95  THR A O   1 
ATOM   758  C  CB  . THR A 1 96  ? -15.239 -1.660  11.695  1.00 18.41 ? 95  THR A CB  1 
ATOM   759  O  OG1 . THR A 1 96  ? -15.522 -0.302  11.336  1.00 18.82 ? 95  THR A OG1 1 
ATOM   760  C  CG2 . THR A 1 96  ? -16.311 -2.177  12.698  1.00 18.32 ? 95  THR A CG2 1 
ATOM   761  N  N   . LYS A 1 97  ? -12.979 -3.882  11.490  1.00 19.04 ? 96  LYS A N   1 
ATOM   762  C  CA  . LYS A 1 97  ? -12.601 -5.286  11.589  1.00 20.15 ? 96  LYS A CA  1 
ATOM   763  C  C   . LYS A 1 97  ? -11.108 -5.437  11.833  1.00 19.36 ? 96  LYS A C   1 
ATOM   764  O  O   . LYS A 1 97  ? -10.716 -6.026  12.829  1.00 20.23 ? 96  LYS A O   1 
ATOM   765  C  CB  . LYS A 1 97  ? -13.017 -6.048  10.324  1.00 20.04 ? 96  LYS A CB  1 
ATOM   766  C  CG  . LYS A 1 97  ? -12.809 -7.571  10.359  1.00 22.11 ? 96  LYS A CG  1 
ATOM   767  C  CD  . LYS A 1 97  ? -13.772 -8.292  9.394   1.00 23.55 ? 96  LYS A CD  1 
ATOM   768  C  CE  . LYS A 1 97  ? -15.269 -7.993  9.770   1.00 28.18 ? 96  LYS A CE  1 
ATOM   769  N  NZ  . LYS A 1 97  ? -16.366 -8.272  8.742   1.00 26.31 ? 96  LYS A NZ  1 
ATOM   770  N  N   . HIS A 1 98  ? -10.272 -4.891  10.946  1.00 18.10 ? 97  HIS A N   1 
ATOM   771  C  CA  . HIS A 1 98  ? -8.815  -5.151  11.030  1.00 17.46 ? 97  HIS A CA  1 
ATOM   772  C  C   . HIS A 1 98  ? -8.085  -4.295  12.059  1.00 17.49 ? 97  HIS A C   1 
ATOM   773  O  O   . HIS A 1 98  ? -7.060  -4.711  12.597  1.00 17.86 ? 97  HIS A O   1 
ATOM   774  C  CB  . HIS A 1 98  ? -8.152  -4.967  9.663   1.00 16.92 ? 97  HIS A CB  1 
ATOM   775  C  CG  . HIS A 1 98  ? -8.836  -5.709  8.565   1.00 17.08 ? 97  HIS A CG  1 
ATOM   776  N  ND1 . HIS A 1 98  ? -9.236  -7.020  8.696   1.00 17.14 ? 97  HIS A ND1 1 
ATOM   777  C  CD2 . HIS A 1 98  ? -9.204  -5.325  7.321   1.00 16.29 ? 97  HIS A CD2 1 
ATOM   778  C  CE1 . HIS A 1 98  ? -9.810  -7.420  7.575   1.00 18.07 ? 97  HIS A CE1 1 
ATOM   779  N  NE2 . HIS A 1 98  ? -9.793  -6.413  6.722   1.00 14.62 ? 97  HIS A NE2 1 
ATOM   780  N  N   . LYS A 1 99  ? -8.635  -3.110  12.309  1.00 17.00 ? 98  LYS A N   1 
ATOM   781  C  CA  . LYS A 1 99  ? -8.093  -2.069  13.195  1.00 18.15 ? 98  LYS A CA  1 
ATOM   782  C  C   . LYS A 1 99  ? -6.670  -1.632  12.858  1.00 17.36 ? 98  LYS A C   1 
ATOM   783  O  O   . LYS A 1 99  ? -5.735  -1.836  13.634  1.00 16.84 ? 98  LYS A O   1 
ATOM   784  C  CB  . LYS A 1 99  ? -8.271  -2.452  14.671  1.00 18.36 ? 98  LYS A CB  1 
ATOM   785  C  CG  . LYS A 1 99  ? -9.615  -1.989  15.211  1.00 22.89 ? 98  LYS A CG  1 
ATOM   786  C  CD  . LYS A 1 99  ? -10.373 -3.105  15.874  1.00 29.35 ? 98  LYS A CD  1 
ATOM   787  C  CE  . LYS A 1 99  ? -11.684 -2.561  16.475  1.00 32.70 ? 98  LYS A CE  1 
ATOM   788  N  NZ  . LYS A 1 99  ? -12.852 -3.467  16.260  1.00 35.67 ? 98  LYS A NZ  1 
ATOM   789  N  N   . ILE A 1 100 ? -6.534  -1.036  11.673  1.00 16.79 ? 99  ILE A N   1 
ATOM   790  C  CA  . ILE A 1 100 ? -5.250  -0.603  11.155  1.00 16.02 ? 99  ILE A CA  1 
ATOM   791  C  C   . ILE A 1 100 ? -5.058  0.883   11.361  1.00 16.39 ? 99  ILE A C   1 
ATOM   792  O  O   . ILE A 1 100 ? -5.680  1.692   10.654  1.00 16.58 ? 99  ILE A O   1 
ATOM   793  C  CB  . ILE A 1 100 ? -5.111  -0.946  9.633   1.00 15.86 ? 99  ILE A CB  1 
ATOM   794  C  CG1 . ILE A 1 100 ? -5.412  -2.435  9.396   1.00 14.30 ? 99  ILE A CG1 1 
ATOM   795  C  CG2 . ILE A 1 100 ? -3.744  -0.476  9.099   1.00 15.85 ? 99  ILE A CG2 1 
ATOM   796  C  CD1 . ILE A 1 100 ? -4.665  -3.409  10.338  1.00 15.37 ? 99  ILE A CD1 1 
ATOM   797  N  N   . PRO A 1 101 ? -4.148  1.264   12.286  1.00 16.10 ? 100 PRO A N   1 
ATOM   798  C  CA  . PRO A 1 101 ? -3.943  2.702   12.482  1.00 16.97 ? 100 PRO A CA  1 
ATOM   799  C  C   . PRO A 1 101 ? -3.291  3.389   11.275  1.00 16.59 ? 100 PRO A C   1 
ATOM   800  O  O   . PRO A 1 101 ? -2.594  2.742   10.492  1.00 15.98 ? 100 PRO A O   1 
ATOM   801  C  CB  . PRO A 1 101 ? -3.028  2.778   13.717  1.00 16.91 ? 100 PRO A CB  1 
ATOM   802  C  CG  . PRO A 1 101 ? -2.441  1.450   13.874  1.00 17.37 ? 100 PRO A CG  1 
ATOM   803  C  CD  . PRO A 1 101 ? -3.290  0.442   13.151  1.00 16.95 ? 100 PRO A CD  1 
ATOM   804  N  N   . ILE A 1 102 ? -3.520  4.683   11.131  1.00 17.12 ? 101 ILE A N   1 
ATOM   805  C  CA  . ILE A 1 102 ? -2.862  5.470   10.089  1.00 17.75 ? 101 ILE A CA  1 
ATOM   806  C  C   . ILE A 1 102 ? -1.337  5.237   10.119  1.00 17.60 ? 101 ILE A C   1 
ATOM   807  O  O   . ILE A 1 102 ? -0.705  5.132   9.075   1.00 16.75 ? 101 ILE A O   1 
ATOM   808  C  CB  . ILE A 1 102 ? -3.207  6.991   10.188  1.00 18.49 ? 101 ILE A CB  1 
ATOM   809  C  CG1 . ILE A 1 102 ? -4.728  7.229   10.022  1.00 18.84 ? 101 ILE A CG1 1 
ATOM   810  C  CG2 . ILE A 1 102 ? -2.411  7.799   9.157   1.00 17.89 ? 101 ILE A CG2 1 
ATOM   811  C  CD1 . ILE A 1 102 ? -5.269  6.840   8.615   1.00 20.58 ? 101 ILE A CD1 1 
ATOM   812  N  N   . LYS A 1 103 ? -0.755  5.170   11.318  1.00 17.35 ? 102 LYS A N   1 
ATOM   813  C  CA  . LYS A 1 103 ? 0.675   4.895   11.462  1.00 17.39 ? 102 LYS A CA  1 
ATOM   814  C  C   . LYS A 1 103 ? 1.101   3.655   10.656  1.00 16.00 ? 102 LYS A C   1 
ATOM   815  O  O   . LYS A 1 103 ? 2.179   3.660   10.051  1.00 15.22 ? 102 LYS A O   1 
ATOM   816  C  CB  . LYS A 1 103 ? 1.019   4.705   12.953  1.00 18.75 ? 102 LYS A CB  1 
ATOM   817  C  CG  . LYS A 1 103 ? 2.466   4.391   13.260  1.00 23.55 ? 102 LYS A CG  1 
ATOM   818  C  CD  . LYS A 1 103 ? 3.385   5.618   13.080  1.00 30.18 ? 102 LYS A CD  1 
ATOM   819  C  CE  . LYS A 1 103 ? 4.720   5.420   13.816  1.00 31.26 ? 102 LYS A CE  1 
ATOM   820  N  NZ  . LYS A 1 103 ? 5.774   6.373   13.346  1.00 32.17 ? 102 LYS A NZ  1 
ATOM   821  N  N   . TYR A 1 104 ? 0.283   2.601   10.665  1.00 14.67 ? 103 TYR A N   1 
ATOM   822  C  CA  . TYR A 1 104 ? 0.606   1.393   9.910   1.00 14.35 ? 103 TYR A CA  1 
ATOM   823  C  C   . TYR A 1 104 ? 0.484   1.592   8.394   1.00 12.96 ? 103 TYR A C   1 
ATOM   824  O  O   . TYR A 1 104 ? 1.198   0.931   7.615   1.00 12.09 ? 103 TYR A O   1 
ATOM   825  C  CB  . TYR A 1 104 ? -0.227  0.199   10.352  1.00 15.67 ? 103 TYR A CB  1 
ATOM   826  C  CG  . TYR A 1 104 ? 0.142   -0.412  11.708  1.00 16.10 ? 103 TYR A CG  1 
ATOM   827  C  CD1 . TYR A 1 104 ? 1.014   0.233   12.592  1.00 19.18 ? 103 TYR A CD1 1 
ATOM   828  C  CD2 . TYR A 1 104 ? -0.401  -1.623  12.093  1.00 18.14 ? 103 TYR A CD2 1 
ATOM   829  C  CE1 . TYR A 1 104 ? 1.328   -0.341  13.842  1.00 19.98 ? 103 TYR A CE1 1 
ATOM   830  C  CE2 . TYR A 1 104 ? -0.103  -2.204  13.330  1.00 19.96 ? 103 TYR A CE2 1 
ATOM   831  C  CZ  . TYR A 1 104 ? 0.764   -1.557  14.193  1.00 19.72 ? 103 TYR A CZ  1 
ATOM   832  O  OH  . TYR A 1 104 ? 1.058   -2.125  15.413  1.00 22.17 ? 103 TYR A OH  1 
ATOM   833  N  N   . LEU A 1 105 ? -0.404  2.501   7.991   1.00 12.46 ? 104 LEU A N   1 
ATOM   834  C  CA  . LEU A 1 105 ? -0.548  2.833   6.579   1.00 11.57 ? 104 LEU A CA  1 
ATOM   835  C  C   . LEU A 1 105 ? 0.663   3.655   6.131   1.00 12.09 ? 104 LEU A C   1 
ATOM   836  O  O   . LEU A 1 105 ? 1.121   3.522   4.976   1.00 11.30 ? 104 LEU A O   1 
ATOM   837  C  CB  . LEU A 1 105 ? -1.862  3.596   6.300   1.00 11.59 ? 104 LEU A CB  1 
ATOM   838  C  CG  . LEU A 1 105 ? -3.153  2.815   6.548   1.00 11.48 ? 104 LEU A CG  1 
ATOM   839  C  CD1 . LEU A 1 105 ? -4.353  3.674   6.144   1.00 11.08 ? 104 LEU A CD1 1 
ATOM   840  C  CD2 . LEU A 1 105 ? -3.157  1.471   5.798   1.00 12.99 ? 104 LEU A CD2 1 
ATOM   841  N  N   . GLU A 1 106 ? 1.186   4.490   7.037   1.00 11.82 ? 105 GLU A N   1 
ATOM   842  C  CA  . GLU A 1 106 ? 2.464   5.159   6.789   1.00 12.37 ? 105 GLU A CA  1 
ATOM   843  C  C   . GLU A 1 106 ? 3.568   4.134   6.577   1.00 11.58 ? 105 GLU A C   1 
ATOM   844  O  O   . GLU A 1 106 ? 4.309   4.243   5.608   1.00 11.41 ? 105 GLU A O   1 
ATOM   845  C  CB  . GLU A 1 106 ? 2.814   6.139   7.919   1.00 12.86 ? 105 GLU A CB  1 
ATOM   846  C  CG  . GLU A 1 106 ? 1.906   7.369   7.918   1.00 15.87 ? 105 GLU A CG  1 
ATOM   847  C  CD  . GLU A 1 106 ? 1.933   8.135   9.228   1.00 20.20 ? 105 GLU A CD  1 
ATOM   848  O  OE1 . GLU A 1 106 ? 2.742   7.797   10.120  1.00 19.53 ? 105 GLU A OE1 1 
ATOM   849  O  OE2 . GLU A 1 106 ? 1.114   9.063   9.351   1.00 21.53 ? 105 GLU A OE2 1 
ATOM   850  N  N   . PHE A 1 107 ? 3.646   3.122   7.451   1.00 11.36 ? 106 PHE A N   1 
ATOM   851  C  CA  . PHE A 1 107 ? 4.641   2.028   7.313   1.00 10.79 ? 106 PHE A CA  1 
ATOM   852  C  C   . PHE A 1 107 ? 4.574   1.292   5.977   1.00 10.50 ? 106 PHE A C   1 
ATOM   853  O  O   . PHE A 1 107 ? 5.606   1.065   5.328   1.00 10.16 ? 106 PHE A O   1 
ATOM   854  C  CB  . PHE A 1 107 ? 4.489   0.987   8.428   1.00 10.76 ? 106 PHE A CB  1 
ATOM   855  C  CG  . PHE A 1 107 ? 4.790   1.518   9.816   1.00 12.80 ? 106 PHE A CG  1 
ATOM   856  C  CD1 . PHE A 1 107 ? 5.498   2.705   10.000  1.00 14.00 ? 106 PHE A CD1 1 
ATOM   857  C  CD2 . PHE A 1 107 ? 4.394   0.785   10.936  1.00 12.28 ? 106 PHE A CD2 1 
ATOM   858  C  CE1 . PHE A 1 107 ? 5.788   3.172   11.321  1.00 15.52 ? 106 PHE A CE1 1 
ATOM   859  C  CE2 . PHE A 1 107 ? 4.689   1.234   12.243  1.00 14.30 ? 106 PHE A CE2 1 
ATOM   860  C  CZ  . PHE A 1 107 ? 5.373   2.424   12.420  1.00 14.91 ? 106 PHE A CZ  1 
ATOM   861  N  N   . ILE A 1 108 ? 3.374   0.907   5.548   1.00 10.12 ? 107 ILE A N   1 
ATOM   862  C  CA  . ILE A 1 108 ? 3.305   0.208   4.257   1.00 10.19 ? 107 ILE A CA  1 
ATOM   863  C  C   . ILE A 1 108 ? 3.605   1.156   3.073   1.00 10.30 ? 107 ILE A C   1 
ATOM   864  O  O   . ILE A 1 108 ? 4.157   0.715   2.059   1.00 9.58  ? 107 ILE A O   1 
ATOM   865  C  CB  . ILE A 1 108 ? 1.978   -0.561  4.080   1.00 11.56 ? 107 ILE A CB  1 
ATOM   866  C  CG1 . ILE A 1 108 ? 2.153   -1.669  3.021   1.00 9.86  ? 107 ILE A CG1 1 
ATOM   867  C  CG2 . ILE A 1 108 ? 0.857   0.407   3.758   1.00 9.54  ? 107 ILE A CG2 1 
ATOM   868  C  CD1 . ILE A 1 108 ? 0.964   -2.628  2.877   1.00 10.44 ? 107 ILE A CD1 1 
ATOM   869  N  N   . SER A 1 109 ? 3.219   2.434   3.193   1.00 10.06 ? 108 SER A N   1 
ATOM   870  C  CA  . SER A 1 109 ? 3.596   3.461   2.197   1.00 10.82 ? 108 SER A CA  1 
ATOM   871  C  C   . SER A 1 109 ? 5.134   3.514   2.025   1.00 11.13 ? 108 SER A C   1 
ATOM   872  O  O   . SER A 1 109 ? 5.637   3.600   0.898   1.00 10.35 ? 108 SER A O   1 
ATOM   873  C  CB  . SER A 1 109 ? 3.050   4.846   2.582   1.00 10.37 ? 108 SER A CB  1 
ATOM   874  O  OG  . SER A 1 109 ? 1.606   4.844   2.574   1.00 11.63 ? 108 SER A OG  1 
ATOM   875  N  N   . GLU A 1 110 ? 5.850   3.482   3.157   1.00 11.69 ? 109 GLU A N   1 
ATOM   876  C  CA  . GLU A 1 110 ? 7.320   3.466   3.182   1.00 13.85 ? 109 GLU A CA  1 
ATOM   877  C  C   . GLU A 1 110 ? 7.864   2.214   2.495   1.00 11.37 ? 109 GLU A C   1 
ATOM   878  O  O   . GLU A 1 110 ? 8.828   2.299   1.721   1.00 11.83 ? 109 GLU A O   1 
ATOM   879  C  CB  . GLU A 1 110 ? 7.811   3.564   4.636   1.00 13.55 ? 109 GLU A CB  1 
ATOM   880  C  CG  . GLU A 1 110 ? 9.314   3.465   4.865   1.00 18.85 ? 109 GLU A CG  1 
ATOM   881  C  CD  . GLU A 1 110 ? 9.679   3.434   6.368   1.00 20.17 ? 109 GLU A CD  1 
ATOM   882  O  OE1 . GLU A 1 110 ? 9.179   2.543   7.117   1.00 24.44 ? 109 GLU A OE1 1 
ATOM   883  O  OE2 . GLU A 1 110 ? 10.481  4.310   6.791   1.00 28.79 ? 109 GLU A OE2 1 
ATOM   884  N  N   . ALA A 1 111 ? 7.240   1.074   2.757   1.00 10.29 ? 110 ALA A N   1 
ATOM   885  C  CA  . ALA A 1 111 ? 7.640   -0.211  2.129   1.00 9.71  ? 110 ALA A CA  1 
ATOM   886  C  C   . ALA A 1 111 ? 7.433   -0.166  0.612   1.00 9.08  ? 110 ALA A C   1 
ATOM   887  O  O   . ALA A 1 111 ? 8.275   -0.650  -0.145  1.00 8.63  ? 110 ALA A O   1 
ATOM   888  C  CB  . ALA A 1 111 ? 6.882   -1.399  2.743   1.00 9.24  ? 110 ALA A CB  1 
ATOM   889  N  N   . ILE A 1 112 ? 6.311   0.416   0.178   1.00 8.32  ? 111 ILE A N   1 
ATOM   890  C  CA  . ILE A 1 112 ? 6.019   0.529   -1.267  1.00 8.02  ? 111 ILE A CA  1 
ATOM   891  C  C   . ILE A 1 112 ? 7.094   1.357   -1.952  1.00 8.79  ? 111 ILE A C   1 
ATOM   892  O  O   . ILE A 1 112 ? 7.624   0.976   -3.004  1.00 9.26  ? 111 ILE A O   1 
ATOM   893  C  CB  . ILE A 1 112 ? 4.592   1.114   -1.481  1.00 7.87  ? 111 ILE A CB  1 
ATOM   894  C  CG1 . ILE A 1 112 ? 3.539   0.079   -1.090  1.00 9.54  ? 111 ILE A CG1 1 
ATOM   895  C  CG2 . ILE A 1 112 ? 4.363   1.644   -2.954  1.00 7.32  ? 111 ILE A CG2 1 
ATOM   896  C  CD1 . ILE A 1 112 ? 2.175   0.695   -0.803  1.00 9.68  ? 111 ILE A CD1 1 
ATOM   897  N  N   . ILE A 1 113 ? 7.409   2.502   -1.347  1.00 8.10  ? 112 ILE A N   1 
ATOM   898  C  CA  . ILE A 1 113 ? 8.383   3.423   -1.913  1.00 9.36  ? 112 ILE A CA  1 
ATOM   899  C  C   . ILE A 1 113 ? 9.755   2.741   -1.968  1.00 9.67  ? 112 ILE A C   1 
ATOM   900  O  O   . ILE A 1 113 ? 10.443  2.839   -3.001  1.00 10.57 ? 112 ILE A O   1 
ATOM   901  C  CB  . ILE A 1 113 ? 8.417   4.744   -1.115  1.00 9.15  ? 112 ILE A CB  1 
ATOM   902  C  CG1 . ILE A 1 113 ? 7.204   5.575   -1.499  1.00 9.71  ? 112 ILE A CG1 1 
ATOM   903  C  CG2 . ILE A 1 113 ? 9.699   5.578   -1.461  1.00 10.32 ? 112 ILE A CG2 1 
ATOM   904  C  CD1 . ILE A 1 113 ? 6.829   6.632   -0.440  1.00 13.00 ? 112 ILE A CD1 1 
ATOM   905  N  N   . HIS A 1 114 ? 10.118  2.018   -0.899  1.00 10.07 ? 113 HIS A N   1 
ATOM   906  C  CA  . HIS A 1 114 ? 11.419  1.330   -0.845  1.00 11.58 ? 113 HIS A CA  1 
ATOM   907  C  C   . HIS A 1 114 ? 11.563  0.280   -1.946  1.00 11.01 ? 113 HIS A C   1 
ATOM   908  O  O   . HIS A 1 114 ? 12.619  0.180   -2.600  1.00 9.76  ? 113 HIS A O   1 
ATOM   909  C  CB  . HIS A 1 114 ? 11.645  0.685   0.535   1.00 13.28 ? 113 HIS A CB  1 
ATOM   910  C  CG  . HIS A 1 114 ? 12.880  -0.161  0.609   1.00 17.78 ? 113 HIS A CG  1 
ATOM   911  N  ND1 . HIS A 1 114 ? 14.084  0.322   1.071   1.00 23.02 ? 113 HIS A ND1 1 
ATOM   912  C  CD2 . HIS A 1 114 ? 13.094  -1.457  0.279   1.00 22.79 ? 113 HIS A CD2 1 
ATOM   913  C  CE1 . HIS A 1 114 ? 14.990  -0.640  1.019   1.00 22.95 ? 113 HIS A CE1 1 
ATOM   914  N  NE2 . HIS A 1 114 ? 14.413  -1.731  0.545   1.00 26.25 ? 113 HIS A NE2 1 
ATOM   915  N  N   . VAL A 1 115 ? 10.504  -0.511  -2.152  1.00 9.24  ? 114 VAL A N   1 
ATOM   916  C  CA  . VAL A 1 115 ? 10.524  -1.587  -3.157  1.00 9.66  ? 114 VAL A CA  1 
ATOM   917  C  C   . VAL A 1 115 ? 10.538  -1.023  -4.561  1.00 9.31  ? 114 VAL A C   1 
ATOM   918  O  O   . VAL A 1 115 ? 11.324  -1.474  -5.415  1.00 9.01  ? 114 VAL A O   1 
ATOM   919  C  CB  . VAL A 1 115 ? 9.359   -2.570  -2.965  1.00 8.48  ? 114 VAL A CB  1 
ATOM   920  C  CG1 . VAL A 1 115 ? 9.216   -3.489  -4.197  1.00 10.08 ? 114 VAL A CG1 1 
ATOM   921  C  CG2 . VAL A 1 115 ? 9.600   -3.395  -1.672  1.00 9.77  ? 114 VAL A CG2 1 
ATOM   922  N  N   . LEU A 1 116 ? 9.670   -0.039  -4.824  1.00 8.33  ? 115 LEU A N   1 
ATOM   923  C  CA  . LEU A 1 116 ? 9.724   0.644   -6.123  1.00 8.46  ? 115 LEU A CA  1 
ATOM   924  C  C   . LEU A 1 116 ? 11.082  1.262   -6.387  1.00 9.18  ? 115 LEU A C   1 
ATOM   925  O  O   . LEU A 1 116 ? 11.584  1.186   -7.514  1.00 8.74  ? 115 LEU A O   1 
ATOM   926  C  CB  . LEU A 1 116 ? 8.611   1.700   -6.281  1.00 8.34  ? 115 LEU A CB  1 
ATOM   927  C  CG  . LEU A 1 116 ? 7.172   1.134   -6.249  1.00 11.52 ? 115 LEU A CG  1 
ATOM   928  C  CD1 . LEU A 1 116 ? 6.168   2.270   -6.318  1.00 13.46 ? 115 LEU A CD1 1 
ATOM   929  C  CD2 . LEU A 1 116 ? 6.919   0.200   -7.356  1.00 14.57 ? 115 LEU A CD2 1 
ATOM   930  N  N   . HIS A 1 117 ? 11.693  1.869   -5.364  1.00 9.08  ? 116 HIS A N   1 
ATOM   931  C  CA  . HIS A 1 117 ? 13.002  2.487   -5.582  1.00 10.61 ? 116 HIS A CA  1 
ATOM   932  C  C   . HIS A 1 117 ? 14.071  1.429   -5.946  1.00 10.47 ? 116 HIS A C   1 
ATOM   933  O  O   . HIS A 1 117 ? 14.910  1.659   -6.831  1.00 10.94 ? 116 HIS A O   1 
ATOM   934  C  CB  . HIS A 1 117 ? 13.393  3.292   -4.336  1.00 11.43 ? 116 HIS A CB  1 
ATOM   935  C  CG  . HIS A 1 117 ? 14.811  3.782   -4.340  1.00 14.55 ? 116 HIS A CG  1 
ATOM   936  N  ND1 . HIS A 1 117 ? 15.184  4.977   -4.919  1.00 19.33 ? 116 HIS A ND1 1 
ATOM   937  C  CD2 . HIS A 1 117 ? 15.941  3.252   -3.811  1.00 14.30 ? 116 HIS A CD2 1 
ATOM   938  C  CE1 . HIS A 1 117 ? 16.485  5.159   -4.755  1.00 17.48 ? 116 HIS A CE1 1 
ATOM   939  N  NE2 . HIS A 1 117 ? 16.966  4.134   -4.078  1.00 20.49 ? 116 HIS A NE2 1 
ATOM   940  N  N   . SER A 1 118 ? 14.000  0.273   -5.295  1.00 10.59 ? 117 SER A N   1 
ATOM   941  C  CA  . SER A 1 118 ? 14.923  -0.843  -5.528  1.00 9.84  ? 117 SER A CA  1 
ATOM   942  C  C   . SER A 1 118 ? 14.734  -1.502  -6.903  1.00 10.89 ? 117 SER A C   1 
ATOM   943  O  O   . SER A 1 118 ? 15.720  -1.754  -7.623  1.00 11.52 ? 117 SER A O   1 
ATOM   944  C  CB  . SER A 1 118 ? 14.773  -1.892  -4.405  1.00 11.44 ? 117 SER A CB  1 
ATOM   945  O  OG  A SER A 1 118 ? 15.676  -2.960  -4.610  0.50 5.55  ? 117 SER A OG  1 
ATOM   946  N  N   . ARG A 1 119 ? 13.474  -1.762  -7.266  1.00 9.36  ? 118 ARG A N   1 
ATOM   947  C  CA  . ARG A 1 119 ? 13.154  -2.507  -8.480  1.00 9.86  ? 118 ARG A CA  1 
ATOM   948  C  C   . ARG A 1 119 ? 13.095  -1.660  -9.753  1.00 9.66  ? 118 ARG A C   1 
ATOM   949  O  O   . ARG A 1 119 ? 13.319  -2.191  -10.855 1.00 9.47  ? 118 ARG A O   1 
ATOM   950  C  CB  . ARG A 1 119 ? 11.821  -3.297  -8.302  1.00 8.61  ? 118 ARG A CB  1 
ATOM   951  C  CG  . ARG A 1 119 ? 11.881  -4.408  -7.261  1.00 12.85 ? 118 ARG A CG  1 
ATOM   952  C  CD  . ARG A 1 119 ? 10.523  -5.158  -7.082  1.00 12.49 ? 118 ARG A CD  1 
ATOM   953  N  NE  . ARG A 1 119 ? 10.181  -5.914  -8.271  1.00 17.29 ? 118 ARG A NE  1 
ATOM   954  C  CZ  . ARG A 1 119 ? 9.791   -7.193  -8.323  1.00 16.21 ? 118 ARG A CZ  1 
ATOM   955  N  NH1 . ARG A 1 119 ? 9.659   -7.947  -7.240  1.00 18.08 ? 118 ARG A NH1 1 
ATOM   956  N  NH2 . ARG A 1 119 ? 9.500   -7.714  -9.496  1.00 17.04 ? 118 ARG A NH2 1 
ATOM   957  N  N   . HIS A 1 120 ? 12.780  -0.363  -9.617  1.00 9.32  ? 119 HIS A N   1 
ATOM   958  C  CA  . HIS A 1 120 ? 12.409  0.474   -10.771 1.00 11.05 ? 119 HIS A CA  1 
ATOM   959  C  C   . HIS A 1 120 ? 13.173  1.804   -10.860 1.00 11.66 ? 119 HIS A C   1 
ATOM   960  O  O   . HIS A 1 120 ? 12.567  2.871   -11.065 1.00 11.10 ? 119 HIS A O   1 
ATOM   961  C  CB  . HIS A 1 120 ? 10.894  0.691   -10.799 1.00 11.31 ? 119 HIS A CB  1 
ATOM   962  C  CG  . HIS A 1 120 ? 10.142  -0.585  -10.972 1.00 12.28 ? 119 HIS A CG  1 
ATOM   963  N  ND1 . HIS A 1 120 ? 10.253  -1.357  -12.112 1.00 12.26 ? 119 HIS A ND1 1 
ATOM   964  C  CD2 . HIS A 1 120 ? 9.322   -1.261  -10.135 1.00 10.50 ? 119 HIS A CD2 1 
ATOM   965  C  CE1 . HIS A 1 120 ? 9.526   -2.449  -11.971 1.00 14.25 ? 119 HIS A CE1 1 
ATOM   966  N  NE2 . HIS A 1 120 ? 8.924   -2.397  -10.793 1.00 10.65 ? 119 HIS A NE2 1 
ATOM   967  N  N   . PRO A 1 121 ? 14.506  1.747   -10.727 1.00 12.86 ? 120 PRO A N   1 
ATOM   968  C  CA  . PRO A 1 121 ? 15.268  2.994   -10.834 1.00 15.26 ? 120 PRO A CA  1 
ATOM   969  C  C   . PRO A 1 121 ? 15.020  3.701   -12.179 1.00 16.10 ? 120 PRO A C   1 
ATOM   970  O  O   . PRO A 1 121 ? 15.161  4.911   -12.257 1.00 17.80 ? 120 PRO A O   1 
ATOM   971  C  CB  . PRO A 1 121 ? 16.736  2.533   -10.719 1.00 15.87 ? 120 PRO A CB  1 
ATOM   972  C  CG  . PRO A 1 121 ? 16.720  1.068   -11.021 1.00 14.88 ? 120 PRO A CG  1 
ATOM   973  C  CD  . PRO A 1 121 ? 15.380  0.581   -10.504 1.00 13.17 ? 120 PRO A CD  1 
ATOM   974  N  N   . GLY A 1 122 ? 14.593  2.956   -13.202 1.00 17.57 ? 121 GLY A N   1 
ATOM   975  C  CA  . GLY A 1 122 ? 14.335  3.536   -14.536 1.00 17.63 ? 121 GLY A CA  1 
ATOM   976  C  C   . GLY A 1 122 ? 13.093  4.408   -14.608 1.00 18.02 ? 121 GLY A C   1 
ATOM   977  O  O   . GLY A 1 122 ? 12.921  5.247   -15.531 1.00 18.75 ? 121 GLY A O   1 
ATOM   978  N  N   . ASN A 1 123 ? 12.197  4.183   -13.665 1.00 17.45 ? 122 ASN A N   1 
ATOM   979  C  CA  . ASN A 1 123 ? 10.922  4.877   -13.633 1.00 16.68 ? 122 ASN A CA  1 
ATOM   980  C  C   . ASN A 1 123 ? 10.600  5.398   -12.248 1.00 15.96 ? 122 ASN A C   1 
ATOM   981  O  O   . ASN A 1 123 ? 9.428   5.707   -11.951 1.00 16.74 ? 122 ASN A O   1 
ATOM   982  C  CB  . ASN A 1 123 ? 9.809   3.934   -14.065 1.00 16.75 ? 122 ASN A CB  1 
ATOM   983  C  CG  . ASN A 1 123 ? 9.873   3.600   -15.543 1.00 20.52 ? 122 ASN A CG  1 
ATOM   984  O  OD1 . ASN A 1 123 ? 9.444   4.395   -16.384 1.00 25.02 ? 122 ASN A OD1 1 
ATOM   985  N  ND2 . ASN A 1 123 ? 10.409  2.424   -15.868 1.00 16.64 ? 122 ASN A ND2 1 
ATOM   986  N  N   . PHE A 1 124 ? 11.597  5.456   -11.377 1.00 14.10 ? 123 PHE A N   1 
ATOM   987  C  CA  . PHE A 1 124 ? 11.328  5.917   -10.013 1.00 12.36 ? 123 PHE A CA  1 
ATOM   988  C  C   . PHE A 1 124 ? 12.460  6.793   -9.524  1.00 13.00 ? 123 PHE A C   1 
ATOM   989  O  O   . PHE A 1 124 ? 13.069  6.529   -8.484  1.00 12.18 ? 123 PHE A O   1 
ATOM   990  C  CB  . PHE A 1 124 ? 11.087  4.716   -9.085  1.00 12.69 ? 123 PHE A CB  1 
ATOM   991  C  CG  . PHE A 1 124 ? 10.205  5.023   -7.880  1.00 11.23 ? 123 PHE A CG  1 
ATOM   992  C  CD1 . PHE A 1 124 ? 8.835   5.301   -8.039  1.00 11.36 ? 123 PHE A CD1 1 
ATOM   993  C  CD2 . PHE A 1 124 ? 10.746  5.007   -6.603  1.00 11.11 ? 123 PHE A CD2 1 
ATOM   994  C  CE1 . PHE A 1 124 ? 8.019   5.537   -6.919  1.00 10.56 ? 123 PHE A CE1 1 
ATOM   995  C  CE2 . PHE A 1 124 ? 9.932   5.276   -5.479  1.00 11.06 ? 123 PHE A CE2 1 
ATOM   996  C  CZ  . PHE A 1 124 ? 8.575   5.539   -5.645  1.00 11.60 ? 123 PHE A CZ  1 
ATOM   997  N  N   . GLY A 1 125 ? 12.743  7.815   -10.315 1.00 12.21 ? 124 GLY A N   1 
ATOM   998  C  CA  . GLY A 1 125 ? 13.642  8.906   -9.922  1.00 12.96 ? 124 GLY A CA  1 
ATOM   999  C  C   . GLY A 1 125 ? 12.993  9.773   -8.859  1.00 13.14 ? 124 GLY A C   1 
ATOM   1000 O  O   . GLY A 1 125 ? 11.925  9.433   -8.339  1.00 12.48 ? 124 GLY A O   1 
ATOM   1001 N  N   . ALA A 1 126 ? 13.659  10.884  -8.524  1.00 13.28 ? 125 ALA A N   1 
ATOM   1002 C  CA  . ALA A 1 126 ? 13.216  11.798  -7.458  1.00 13.42 ? 125 ALA A CA  1 
ATOM   1003 C  C   . ALA A 1 126 ? 11.812  12.349  -7.734  1.00 13.51 ? 125 ALA A C   1 
ATOM   1004 O  O   . ALA A 1 126 ? 10.963  12.367  -6.848  1.00 12.67 ? 125 ALA A O   1 
ATOM   1005 C  CB  . ALA A 1 126 ? 14.240  12.968  -7.295  1.00 14.37 ? 125 ALA A CB  1 
ATOM   1006 N  N   . ASP A 1 127 ? 11.583  12.804  -8.965  1.00 13.24 ? 126 ASP A N   1 
ATOM   1007 C  CA  . ASP A 1 127 ? 10.282  13.332  -9.346  1.00 13.46 ? 126 ASP A CA  1 
ATOM   1008 C  C   . ASP A 1 127 ? 9.163   12.277  -9.205  1.00 12.59 ? 126 ASP A C   1 
ATOM   1009 O  O   . ASP A 1 127 ? 8.096   12.559  -8.638  1.00 11.79 ? 126 ASP A O   1 
ATOM   1010 C  CB  . ASP A 1 127 ? 10.322  13.916  -10.750 1.00 13.65 ? 126 ASP A CB  1 
ATOM   1011 C  CG  . ASP A 1 127 ? 11.107  15.238  -10.825 1.00 17.59 ? 126 ASP A CG  1 
ATOM   1012 O  OD1 . ASP A 1 127 ? 11.375  15.891  -9.787  1.00 21.92 ? 126 ASP A OD1 1 
ATOM   1013 O  OD2 . ASP A 1 127 ? 11.444  15.616  -11.951 1.00 23.60 ? 126 ASP A OD2 1 
ATOM   1014 N  N   . ALA A 1 128 ? 9.411   11.078  -9.724  1.00 11.80 ? 127 ALA A N   1 
ATOM   1015 C  CA  . ALA A 1 128 ? 8.397   10.004  -9.656  1.00 11.57 ? 127 ALA A CA  1 
ATOM   1016 C  C   . ALA A 1 128 ? 8.156   9.574   -8.192  1.00 11.52 ? 127 ALA A C   1 
ATOM   1017 O  O   . ALA A 1 128 ? 7.012   9.304   -7.784  1.00 11.10 ? 127 ALA A O   1 
ATOM   1018 C  CB  . ALA A 1 128 ? 8.827   8.810   -10.543 1.00 12.03 ? 127 ALA A CB  1 
ATOM   1019 N  N   . GLN A 1 129 ? 9.224   9.536   -7.398  1.00 10.18 ? 128 GLN A N   1 
ATOM   1020 C  CA  . GLN A 1 129 ? 9.077   9.164   -5.979  1.00 10.73 ? 128 GLN A CA  1 
ATOM   1021 C  C   . GLN A 1 129 ? 8.268   10.216  -5.199  1.00 11.06 ? 128 GLN A C   1 
ATOM   1022 O  O   . GLN A 1 129 ? 7.443   9.882   -4.358  1.00 10.46 ? 128 GLN A O   1 
ATOM   1023 C  CB  . GLN A 1 129 ? 10.445  8.926   -5.307  1.00 10.63 ? 128 GLN A CB  1 
ATOM   1024 C  CG  . GLN A 1 129 ? 10.276  8.552   -3.809  1.00 10.35 ? 128 GLN A CG  1 
ATOM   1025 C  CD  . GLN A 1 129 ? 11.580  8.106   -3.132  1.00 11.55 ? 128 GLN A CD  1 
ATOM   1026 O  OE1 . GLN A 1 129 ? 12.457  7.540   -3.769  1.00 15.93 ? 128 GLN A OE1 1 
ATOM   1027 N  NE2 . GLN A 1 129 ? 11.669  8.329   -1.844  1.00 13.52 ? 128 GLN A NE2 1 
ATOM   1028 N  N   . GLY A 1 130 ? 8.535   11.486  -5.499  1.00 11.11 ? 129 GLY A N   1 
ATOM   1029 C  CA  . GLY A 1 130 ? 7.754   12.602  -4.958  1.00 11.26 ? 129 GLY A CA  1 
ATOM   1030 C  C   . GLY A 1 130 ? 6.276   12.474  -5.321  1.00 11.73 ? 129 GLY A C   1 
ATOM   1031 O  O   . GLY A 1 130 ? 5.406   12.682  -4.453  1.00 12.41 ? 129 GLY A O   1 
ATOM   1032 N  N   . ALA A 1 131 ? 5.992   12.146  -6.585  1.00 10.19 ? 130 ALA A N   1 
ATOM   1033 C  CA  . ALA A 1 131 ? 4.596   11.995  -7.041  1.00 10.58 ? 130 ALA A CA  1 
ATOM   1034 C  C   . ALA A 1 131 ? 3.923   10.840  -6.306  1.00 10.14 ? 130 ALA A C   1 
ATOM   1035 O  O   . ALA A 1 131 ? 2.757   10.945  -5.882  1.00 9.92  ? 130 ALA A O   1 
ATOM   1036 C  CB  . ALA A 1 131 ? 4.546   11.741  -8.547  1.00 11.09 ? 130 ALA A CB  1 
ATOM   1037 N  N   . MET A 1 132 ? 4.637   9.717   -6.197  1.00 9.80  ? 131 MET A N   1 
ATOM   1038 C  CA  . MET A 1 132 ? 4.100   8.531   -5.487  1.00 10.30 ? 131 MET A CA  1 
ATOM   1039 C  C   . MET A 1 132 ? 3.853   8.860   -4.008  1.00 9.87  ? 131 MET A C   1 
ATOM   1040 O  O   . MET A 1 132 ? 2.817   8.507   -3.436  1.00 10.22 ? 131 MET A O   1 
ATOM   1041 C  CB  . MET A 1 132 ? 5.013   7.310   -5.656  1.00 10.37 ? 131 MET A CB  1 
ATOM   1042 C  CG  . MET A 1 132 ? 4.496   6.037   -4.949  1.00 10.74 ? 131 MET A CG  1 
ATOM   1043 S  SD  . MET A 1 132 ? 2.906   5.482   -5.640  1.00 11.52 ? 131 MET A SD  1 
ATOM   1044 C  CE  . MET A 1 132 ? 3.504   4.792   -7.180  1.00 10.91 ? 131 MET A CE  1 
ATOM   1045 N  N   . ASN A 1 133 ? 4.790   9.569   -3.385  1.00 9.79  ? 132 ASN A N   1 
ATOM   1046 C  CA  . ASN A 1 133 ? 4.577   9.989   -2.004  1.00 10.48 ? 132 ASN A CA  1 
ATOM   1047 C  C   . ASN A 1 133 ? 3.319   10.854  -1.855  1.00 10.58 ? 132 ASN A C   1 
ATOM   1048 O  O   . ASN A 1 133 ? 2.527   10.672  -0.908  1.00 11.20 ? 132 ASN A O   1 
ATOM   1049 C  CB  . ASN A 1 133 ? 5.806   10.745  -1.470  1.00 10.30 ? 132 ASN A CB  1 
ATOM   1050 C  CG  . ASN A 1 133 ? 5.586   11.261  -0.079  1.00 12.43 ? 132 ASN A CG  1 
ATOM   1051 O  OD1 . ASN A 1 133 ? 5.260   10.502  0.835   1.00 12.56 ? 132 ASN A OD1 1 
ATOM   1052 N  ND2 . ASN A 1 133 ? 5.707   12.573  0.082   1.00 14.62 ? 132 ASN A ND2 1 
ATOM   1053 N  N   . LYS A 1 134 ? 3.144   11.795  -2.775  1.00 11.27 ? 133 LYS A N   1 
ATOM   1054 C  CA  . LYS A 1 134 ? 1.965   12.662  -2.775  1.00 12.66 ? 133 LYS A CA  1 
ATOM   1055 C  C   . LYS A 1 134 ? 0.674   11.833  -2.935  1.00 12.03 ? 133 LYS A C   1 
ATOM   1056 O  O   . LYS A 1 134 ? -0.324  12.095  -2.251  1.00 12.84 ? 133 LYS A O   1 
ATOM   1057 C  CB  . LYS A 1 134 ? 2.091   13.685  -3.894  1.00 13.73 ? 133 LYS A CB  1 
ATOM   1058 C  CG  . LYS A 1 134 ? 1.344   14.968  -3.668  1.00 18.58 ? 133 LYS A CG  1 
ATOM   1059 C  CD  . LYS A 1 134 ? 1.800   16.046  -4.638  1.00 24.37 ? 133 LYS A CD  1 
ATOM   1060 C  CE  . LYS A 1 134 ? 0.747   17.126  -4.733  1.00 26.97 ? 133 LYS A CE  1 
ATOM   1061 N  NZ  . LYS A 1 134 ? 1.167   18.181  -5.681  1.00 28.21 ? 133 LYS A NZ  1 
ATOM   1062 N  N   . ALA A 1 135 ? 0.702   10.848  -3.830  1.00 10.98 ? 134 ALA A N   1 
ATOM   1063 C  CA  . ALA A 1 135 ? -0.480  9.992   -4.068  1.00 11.00 ? 134 ALA A CA  1 
ATOM   1064 C  C   . ALA A 1 135 ? -0.829  9.167   -2.828  1.00 11.04 ? 134 ALA A C   1 
ATOM   1065 O  O   . ALA A 1 135 ? -2.016  9.020   -2.467  1.00 11.21 ? 134 ALA A O   1 
ATOM   1066 C  CB  . ALA A 1 135 ? -0.266  9.089   -5.291  1.00 10.82 ? 134 ALA A CB  1 
ATOM   1067 N  N   . LEU A 1 136 ? 0.203   8.650   -2.152  1.00 10.67 ? 135 LEU A N   1 
ATOM   1068 C  CA  . LEU A 1 136 ? -0.008  7.812   -0.981  1.00 11.16 ? 135 LEU A CA  1 
ATOM   1069 C  C   . LEU A 1 136 ? -0.435  8.648   0.228   1.00 11.70 ? 135 LEU A C   1 
ATOM   1070 O  O   . LEU A 1 136 ? -1.281  8.213   1.038   1.00 11.82 ? 135 LEU A O   1 
ATOM   1071 C  CB  . LEU A 1 136 ? 1.234   6.959   -0.670  1.00 11.38 ? 135 LEU A CB  1 
ATOM   1072 C  CG  . LEU A 1 136 ? 1.575   5.918   -1.762  1.00 9.66  ? 135 LEU A CG  1 
ATOM   1073 C  CD1 . LEU A 1 136 ? 2.950   5.258   -1.486  1.00 13.01 ? 135 LEU A CD1 1 
ATOM   1074 C  CD2 . LEU A 1 136 ? 0.469   4.851   -1.873  1.00 12.97 ? 135 LEU A CD2 1 
ATOM   1075 N  N   . GLU A 1 137 ? 0.089   9.871   0.315   1.00 12.15 ? 136 GLU A N   1 
ATOM   1076 C  CA  . GLU A 1 137 ? -0.316  10.819  1.337   1.00 13.03 ? 136 GLU A CA  1 
ATOM   1077 C  C   . GLU A 1 137 ? -1.796  11.175  1.213   1.00 13.05 ? 136 GLU A C   1 
ATOM   1078 O  O   . GLU A 1 137 ? -2.510  11.259  2.240   1.00 11.75 ? 136 GLU A O   1 
ATOM   1079 C  CB  . GLU A 1 137 ? 0.464   12.102  1.149   1.00 14.09 ? 136 GLU A CB  1 
ATOM   1080 C  CG  . GLU A 1 137 ? 1.630   12.272  2.033   1.00 22.56 ? 136 GLU A CG  1 
ATOM   1081 C  CD  . GLU A 1 137 ? 2.009   13.751  2.150   1.00 26.86 ? 136 GLU A CD  1 
ATOM   1082 O  OE1 . GLU A 1 137 ? 1.254   14.533  2.796   1.00 29.55 ? 136 GLU A OE1 1 
ATOM   1083 O  OE2 . GLU A 1 137 ? 3.042   14.113  1.561   1.00 33.13 ? 136 GLU A OE2 1 
ATOM   1084 N  N   . LEU A 1 138 ? -2.223  11.430  -0.033  1.00 12.99 ? 137 LEU A N   1 
ATOM   1085 C  CA  . LEU A 1 138 ? -3.628  11.714  -0.361  1.00 14.00 ? 137 LEU A CA  1 
ATOM   1086 C  C   . LEU A 1 138 ? -4.519  10.531  0.037   1.00 12.98 ? 137 LEU A C   1 
ATOM   1087 O  O   . LEU A 1 138 ? -5.556  10.716  0.692   1.00 13.73 ? 137 LEU A O   1 
ATOM   1088 C  CB  . LEU A 1 138 ? -3.796  12.042  -1.852  1.00 13.61 ? 137 LEU A CB  1 
ATOM   1089 C  CG  . LEU A 1 138 ? -5.242  12.253  -2.295  1.00 15.98 ? 137 LEU A CG  1 
ATOM   1090 C  CD1 . LEU A 1 138 ? -5.781  13.566  -1.732  1.00 18.23 ? 137 LEU A CD1 1 
ATOM   1091 C  CD2 . LEU A 1 138 ? -5.386  12.221  -3.824  1.00 16.27 ? 137 LEU A CD2 1 
ATOM   1092 N  N   . PHE A 1 139 ? -4.103  9.325   -0.343  1.00 11.25 ? 138 PHE A N   1 
ATOM   1093 C  CA  . PHE A 1 139 ? -4.773  8.101   0.085   1.00 11.06 ? 138 PHE A CA  1 
ATOM   1094 C  C   . PHE A 1 139 ? -4.924  8.074   1.608   1.00 11.52 ? 138 PHE A C   1 
ATOM   1095 O  O   . PHE A 1 139 ? -6.025  7.918   2.121   1.00 10.46 ? 138 PHE A O   1 
ATOM   1096 C  CB  . PHE A 1 139 ? -3.995  6.865   -0.403  1.00 11.55 ? 138 PHE A CB  1 
ATOM   1097 C  CG  . PHE A 1 139 ? -4.433  5.584   0.248   1.00 12.98 ? 138 PHE A CG  1 
ATOM   1098 C  CD1 . PHE A 1 139 ? -5.692  5.062   -0.009  1.00 11.76 ? 138 PHE A CD1 1 
ATOM   1099 C  CD2 . PHE A 1 139 ? -3.573  4.894   1.103   1.00 12.21 ? 138 PHE A CD2 1 
ATOM   1100 C  CE1 . PHE A 1 139 ? -6.112  3.888   0.610   1.00 13.78 ? 138 PHE A CE1 1 
ATOM   1101 C  CE2 . PHE A 1 139 ? -3.990  3.716   1.730   1.00 14.48 ? 138 PHE A CE2 1 
ATOM   1102 C  CZ  . PHE A 1 139 ? -5.246  3.204   1.478   1.00 12.45 ? 138 PHE A CZ  1 
ATOM   1103 N  N   . ARG A 1 140 ? -3.813  8.204   2.325   1.00 10.43 ? 139 ARG A N   1 
ATOM   1104 C  CA  . ARG A 1 140 ? -3.857  8.190   3.800   1.00 12.42 ? 139 ARG A CA  1 
ATOM   1105 C  C   . ARG A 1 140 ? -4.714  9.310   4.406   1.00 13.14 ? 139 ARG A C   1 
ATOM   1106 O  O   . ARG A 1 140 ? -5.410  9.086   5.400   1.00 13.96 ? 139 ARG A O   1 
ATOM   1107 C  CB  . ARG A 1 140 ? -2.456  8.235   4.405   1.00 12.05 ? 139 ARG A CB  1 
ATOM   1108 C  CG  . ARG A 1 140 ? -1.570  7.056   3.967   1.00 12.37 ? 139 ARG A CG  1 
ATOM   1109 C  CD  . ARG A 1 140 ? -0.346  6.939   4.866   1.00 12.28 ? 139 ARG A CD  1 
ATOM   1110 N  NE  . ARG A 1 140 ? 0.377   8.206   4.911   1.00 11.27 ? 139 ARG A NE  1 
ATOM   1111 C  CZ  . ARG A 1 140 ? 1.347   8.561   4.069   1.00 14.77 ? 139 ARG A CZ  1 
ATOM   1112 N  NH1 . ARG A 1 140 ? 1.742   7.728   3.097   1.00 13.98 ? 139 ARG A NH1 1 
ATOM   1113 N  NH2 . ARG A 1 140 ? 1.920   9.758   4.190   1.00 15.21 ? 139 ARG A NH2 1 
ATOM   1114 N  N   . LYS A 1 141 ? -4.641  10.506  3.829   1.00 14.17 ? 140 LYS A N   1 
ATOM   1115 C  CA  . LYS A 1 141 ? -5.441  11.635  4.331   1.00 15.72 ? 140 LYS A CA  1 
ATOM   1116 C  C   . LYS A 1 141 ? -6.936  11.328  4.181   1.00 15.72 ? 140 LYS A C   1 
ATOM   1117 O  O   . LYS A 1 141 ? -7.735  11.577  5.115   1.00 14.03 ? 140 LYS A O   1 
ATOM   1118 C  CB  . LYS A 1 141 ? -5.118  12.905  3.549   1.00 14.92 ? 140 LYS A CB  1 
ATOM   1119 C  CG  . LYS A 1 141 ? -6.039  14.080  3.872   1.00 19.55 ? 140 LYS A CG  1 
ATOM   1120 C  CD  . LYS A 1 141 ? -5.626  15.357  3.155   1.00 20.35 ? 140 LYS A CD  1 
ATOM   1121 C  CE  . LYS A 1 141 ? -6.719  16.434  3.272   1.00 25.55 ? 140 LYS A CE  1 
ATOM   1122 N  NZ  . LYS A 1 141 ? -6.078  17.771  3.280   1.00 28.92 ? 140 LYS A NZ  1 
ATOM   1123 N  N   . ASP A 1 142 ? -7.299  10.835  2.993   1.00 14.50 ? 141 ASP A N   1 
ATOM   1124 C  CA  . ASP A 1 142 ? -8.687  10.510  2.695   1.00 15.72 ? 141 ASP A CA  1 
ATOM   1125 C  C   . ASP A 1 142 ? -9.212  9.334   3.554   1.00 14.90 ? 141 ASP A C   1 
ATOM   1126 O  O   . ASP A 1 142 ? -10.347 9.384   4.069   1.00 14.85 ? 141 ASP A O   1 
ATOM   1127 C  CB  . ASP A 1 142 ? -8.888  10.347  1.183   1.00 16.04 ? 141 ASP A CB  1 
ATOM   1128 C  CG  . ASP A 1 142 ? -8.887  11.706  0.437   1.00 20.43 ? 141 ASP A CG  1 
ATOM   1129 O  OD1 . ASP A 1 142 ? -8.886  12.766  1.118   1.00 22.19 ? 141 ASP A OD1 1 
ATOM   1130 O  OD2 . ASP A 1 142 ? -8.858  11.720  -0.821  1.00 22.79 ? 141 ASP A OD2 1 
ATOM   1131 N  N   . ILE A 1 143 ? -8.371  8.316   3.768   1.00 14.37 ? 142 ILE A N   1 
ATOM   1132 C  CA  . ILE A 1 143 ? -8.695  7.216   4.699   1.00 14.92 ? 142 ILE A CA  1 
ATOM   1133 C  C   . ILE A 1 143 ? -8.871  7.718   6.130   1.00 14.70 ? 142 ILE A C   1 
ATOM   1134 O  O   . ILE A 1 143 ? -9.803  7.313   6.837   1.00 15.15 ? 142 ILE A O   1 
ATOM   1135 C  CB  . ILE A 1 143 ? -7.603  6.133   4.667   1.00 15.43 ? 142 ILE A CB  1 
ATOM   1136 C  CG1 . ILE A 1 143 ? -7.749  5.306   3.388   1.00 15.72 ? 142 ILE A CG1 1 
ATOM   1137 C  CG2 . ILE A 1 143 ? -7.603  5.287   5.941   1.00 18.20 ? 142 ILE A CG2 1 
ATOM   1138 C  CD1 . ILE A 1 143 ? -8.937  4.317   3.414   1.00 19.95 ? 142 ILE A CD1 1 
ATOM   1139 N  N   . ALA A 1 144 ? -7.969  8.609   6.546   1.00 14.12 ? 143 ALA A N   1 
ATOM   1140 C  CA  . ALA A 1 144 ? -8.025  9.197   7.895   1.00 14.61 ? 143 ALA A CA  1 
ATOM   1141 C  C   . ALA A 1 144 ? -9.356  9.937   8.124   1.00 14.16 ? 143 ALA A C   1 
ATOM   1142 O  O   . ALA A 1 144 ? -9.984  9.758   9.169   1.00 15.42 ? 143 ALA A O   1 
ATOM   1143 C  CB  . ALA A 1 144 ? -6.819  10.137  8.109   1.00 14.24 ? 143 ALA A CB  1 
ATOM   1144 N  N   . ALA A 1 145 ? -9.781  10.742  7.150   1.00 14.99 ? 144 ALA A N   1 
ATOM   1145 C  CA  . ALA A 1 145 ? -11.057 11.475  7.244   1.00 15.20 ? 144 ALA A CA  1 
ATOM   1146 C  C   . ALA A 1 145 ? -12.221 10.482  7.385   1.00 15.54 ? 144 ALA A C   1 
ATOM   1147 O  O   . ALA A 1 145 ? -13.140 10.706  8.178   1.00 14.58 ? 144 ALA A O   1 
ATOM   1148 C  CB  . ALA A 1 145 ? -11.263 12.381  6.028   1.00 15.77 ? 144 ALA A CB  1 
ATOM   1149 N  N   . LYS A 1 146 ? -12.153 9.375   6.644   1.00 14.22 ? 145 LYS A N   1 
ATOM   1150 C  CA  . LYS A 1 146 ? -13.227 8.348   6.672   1.00 15.42 ? 145 LYS A CA  1 
ATOM   1151 C  C   . LYS A 1 146 ? -13.240 7.630   8.017   1.00 14.71 ? 145 LYS A C   1 
ATOM   1152 O  O   . LYS A 1 146 ? -14.317 7.388   8.602   1.00 13.94 ? 145 LYS A O   1 
ATOM   1153 C  CB  . LYS A 1 146 ? -13.025 7.317   5.563   1.00 15.94 ? 145 LYS A CB  1 
ATOM   1154 C  CG  . LYS A 1 146 ? -13.209 7.805   4.132   1.00 20.24 ? 145 LYS A CG  1 
ATOM   1155 C  CD  . LYS A 1 146 ? -14.582 7.463   3.580   1.00 29.31 ? 145 LYS A CD  1 
ATOM   1156 C  CE  . LYS A 1 146 ? -15.499 8.683   3.607   1.00 31.24 ? 145 LYS A CE  1 
ATOM   1157 N  NZ  . LYS A 1 146 ? -16.910 8.340   3.232   1.00 32.01 ? 145 LYS A NZ  1 
ATOM   1158 N  N   . TYR A 1 147 ? -12.045 7.303   8.519   1.00 15.23 ? 146 TYR A N   1 
ATOM   1159 C  CA  . TYR A 1 147 ? -11.872 6.684   9.841   1.00 16.17 ? 146 TYR A CA  1 
ATOM   1160 C  C   . TYR A 1 147 ? -12.670 7.470   10.891  1.00 17.12 ? 146 TYR A C   1 
ATOM   1161 O  O   . TYR A 1 147 ? -13.456 6.909   11.672  1.00 17.18 ? 146 TYR A O   1 
ATOM   1162 C  CB  . TYR A 1 147 ? -10.388 6.686   10.229  1.00 16.28 ? 146 TYR A CB  1 
ATOM   1163 C  CG  . TYR A 1 147 ? -9.615  5.459   9.802   1.00 16.17 ? 146 TYR A CG  1 
ATOM   1164 C  CD1 . TYR A 1 147 ? -10.159 4.520   8.906   1.00 13.38 ? 146 TYR A CD1 1 
ATOM   1165 C  CD2 . TYR A 1 147 ? -8.333  5.242   10.276  1.00 17.96 ? 146 TYR A CD2 1 
ATOM   1166 C  CE1 . TYR A 1 147 ? -9.443  3.367   8.538   1.00 15.90 ? 146 TYR A CE1 1 
ATOM   1167 C  CE2 . TYR A 1 147 ? -7.617  4.104   9.911   1.00 18.11 ? 146 TYR A CE2 1 
ATOM   1168 C  CZ  . TYR A 1 147 ? -8.184  3.172   9.043   1.00 15.84 ? 146 TYR A CZ  1 
ATOM   1169 O  OH  . TYR A 1 147 ? -7.447  2.072   8.704   1.00 17.31 ? 146 TYR A OH  1 
ATOM   1170 N  N   . LYS A 1 148 ? -12.451 8.774   10.883  1.00 18.25 ? 147 LYS A N   1 
ATOM   1171 C  CA  . LYS A 1 148 ? -13.087 9.721   11.799  1.00 19.83 ? 147 LYS A CA  1 
ATOM   1172 C  C   . LYS A 1 148 ? -14.617 9.652   11.686  1.00 19.44 ? 147 LYS A C   1 
ATOM   1173 O  O   . LYS A 1 148 ? -15.309 9.503   12.702  1.00 19.28 ? 147 LYS A O   1 
ATOM   1174 C  CB  . LYS A 1 148 ? -12.566 11.124  11.476  1.00 20.42 ? 147 LYS A CB  1 
ATOM   1175 C  CG  . LYS A 1 148 ? -12.752 12.172  12.559  1.00 25.56 ? 147 LYS A CG  1 
ATOM   1176 C  CD  . LYS A 1 148 ? -12.777 13.575  11.914  1.00 30.83 ? 147 LYS A CD  1 
ATOM   1177 C  CE  . LYS A 1 148 ? -12.230 14.653  12.844  1.00 34.08 ? 147 LYS A CE  1 
ATOM   1178 N  NZ  . LYS A 1 148 ? -13.040 14.801  14.097  1.00 35.23 ? 147 LYS A NZ  1 
ATOM   1179 N  N   . GLU A 1 149 ? -15.128 9.715   10.456  1.00 19.43 ? 148 GLU A N   1 
ATOM   1180 C  CA  . GLU A 1 149 ? -16.572 9.592   10.188  1.00 19.79 ? 148 GLU A CA  1 
ATOM   1181 C  C   . GLU A 1 149 ? -17.137 8.271   10.707  1.00 19.27 ? 148 GLU A C   1 
ATOM   1182 O  O   . GLU A 1 149 ? -18.302 8.216   11.141  1.00 18.27 ? 148 GLU A O   1 
ATOM   1183 C  CB  . GLU A 1 149 ? -16.873 9.727   8.690   1.00 19.20 ? 148 GLU A CB  1 
ATOM   1184 C  CG  . GLU A 1 149 ? -16.495 11.073  8.086   1.00 20.48 ? 148 GLU A CG  1 
ATOM   1185 C  CD  . GLU A 1 149 ? -16.610 11.100  6.575   1.00 22.98 ? 148 GLU A CD  1 
ATOM   1186 O  OE1 . GLU A 1 149 ? -17.107 10.128  5.952   1.00 25.84 ? 148 GLU A OE1 1 
ATOM   1187 O  OE2 . GLU A 1 149 ? -16.200 12.120  5.986   1.00 28.72 ? 148 GLU A OE2 1 
ATOM   1188 N  N   . LEU A 1 150 ? -16.311 7.225   10.693  1.00 18.44 ? 149 LEU A N   1 
ATOM   1189 C  CA  . LEU A 1 150 ? -16.734 5.877   11.049  1.00 18.76 ? 149 LEU A CA  1 
ATOM   1190 C  C   . LEU A 1 150 ? -16.586 5.569   12.555  1.00 19.20 ? 149 LEU A C   1 
ATOM   1191 O  O   . LEU A 1 150 ? -17.004 4.516   13.019  1.00 19.94 ? 149 LEU A O   1 
ATOM   1192 C  CB  . LEU A 1 150 ? -15.963 4.835   10.214  1.00 18.56 ? 149 LEU A CB  1 
ATOM   1193 C  CG  . LEU A 1 150 ? -16.246 4.771   8.712   1.00 17.98 ? 149 LEU A CG  1 
ATOM   1194 C  CD1 . LEU A 1 150 ? -15.096 4.047   7.967   1.00 20.18 ? 149 LEU A CD1 1 
ATOM   1195 C  CD2 . LEU A 1 150 ? -17.584 4.116   8.399   1.00 19.63 ? 149 LEU A CD2 1 
ATOM   1196 N  N   . GLY A 1 151 ? -15.964 6.477   13.294  1.00 20.23 ? 150 GLY A N   1 
ATOM   1197 C  CA  . GLY A 1 151 ? -15.804 6.325   14.738  1.00 21.64 ? 150 GLY A CA  1 
ATOM   1198 C  C   . GLY A 1 151 ? -14.479 5.767   15.236  1.00 23.00 ? 150 GLY A C   1 
ATOM   1199 O  O   . GLY A 1 151 ? -14.360 5.385   16.416  1.00 22.84 ? 150 GLY A O   1 
ATOM   1200 N  N   . TYR A 1 152 ? -13.471 5.750   14.358  1.00 22.96 ? 151 TYR A N   1 
ATOM   1201 C  CA  . TYR A 1 152 ? -12.183 5.158   14.674  1.00 23.49 ? 151 TYR A CA  1 
ATOM   1202 C  C   . TYR A 1 152 ? -11.113 6.222   14.761  1.00 24.02 ? 151 TYR A C   1 
ATOM   1203 O  O   . TYR A 1 152 ? -11.020 7.088   13.891  1.00 23.73 ? 151 TYR A O   1 
ATOM   1204 C  CB  . TYR A 1 152 ? -11.811 4.122   13.616  1.00 24.14 ? 151 TYR A CB  1 
ATOM   1205 C  CG  . TYR A 1 152 ? -10.474 3.427   13.812  1.00 24.01 ? 151 TYR A CG  1 
ATOM   1206 C  CD1 . TYR A 1 152 ? -10.137 2.796   15.023  1.00 25.06 ? 151 TYR A CD1 1 
ATOM   1207 C  CD2 . TYR A 1 152 ? -9.562  3.339   12.762  1.00 24.99 ? 151 TYR A CD2 1 
ATOM   1208 C  CE1 . TYR A 1 152 ? -8.920  2.120   15.172  1.00 24.07 ? 151 TYR A CE1 1 
ATOM   1209 C  CE2 . TYR A 1 152 ? -8.339  2.662   12.913  1.00 23.74 ? 151 TYR A CE2 1 
ATOM   1210 C  CZ  . TYR A 1 152 ? -8.028  2.068   14.117  1.00 24.31 ? 151 TYR A CZ  1 
ATOM   1211 O  OH  . TYR A 1 152 ? -6.825  1.410   14.252  1.00 25.04 ? 151 TYR A OH  1 
ATOM   1212 N  N   . GLN A 1 153 ? -10.308 6.154   15.820  1.00 24.70 ? 152 GLN A N   1 
ATOM   1213 C  CA  . GLN A 1 153 ? -9.242  7.126   16.022  1.00 25.87 ? 152 GLN A CA  1 
ATOM   1214 C  C   . GLN A 1 153 ? -8.142  6.988   14.956  1.00 26.60 ? 152 GLN A C   1 
ATOM   1215 O  O   . GLN A 1 153 ? -7.591  7.997   14.497  1.00 27.82 ? 152 GLN A O   1 
ATOM   1216 C  CB  . GLN A 1 153 ? -8.660  7.008   17.443  1.00 26.16 ? 152 GLN A CB  1 
ATOM   1217 N  N   . GLY A 1 154 ? -7.856  5.763   14.526  1.00 27.00 ? 153 GLY A N   1 
ATOM   1218 C  CA  . GLY A 1 154 ? -6.784  5.529   13.543  1.00 26.55 ? 153 GLY A CA  1 
ATOM   1219 C  C   . GLY A 1 154 ? -5.425  5.844   14.129  1.00 27.04 ? 153 GLY A C   1 
ATOM   1220 O  O   . GLY A 1 154 ? -4.435  6.065   13.417  1.00 26.14 ? 153 GLY A O   1 
ATOM   1221 O  OXT . GLY A 1 154 ? -5.299  5.891   15.368  1.00 27.84 ? 153 GLY A OXT 1 
HETATM 1222 S  S   . SO4 B 2 .   ? 15.525  -14.963 7.571   0.91 35.07 ? 200 SO4 A S   1 
HETATM 1223 O  O1  . SO4 B 2 .   ? 16.720  -14.285 7.101   0.91 35.01 ? 200 SO4 A O1  1 
HETATM 1224 O  O2  . SO4 B 2 .   ? 14.479  -13.984 7.871   0.91 31.05 ? 200 SO4 A O2  1 
HETATM 1225 O  O3  . SO4 B 2 .   ? 15.783  -15.711 8.777   0.91 34.27 ? 200 SO4 A O3  1 
HETATM 1226 O  O4  . SO4 B 2 .   ? 15.063  -15.864 6.508   0.91 34.88 ? 200 SO4 A O4  1 
HETATM 1227 S  S   . SO4 C 2 .   ? 14.398  12.508  -11.824 1.00 44.78 ? 201 SO4 A S   1 
HETATM 1228 O  O1  . SO4 C 2 .   ? 15.178  13.536  -12.515 1.00 45.81 ? 201 SO4 A O1  1 
HETATM 1229 O  O2  . SO4 C 2 .   ? 13.739  11.634  -12.795 1.00 45.38 ? 201 SO4 A O2  1 
HETATM 1230 O  O3  . SO4 C 2 .   ? 15.297  11.710  -10.992 1.00 44.80 ? 201 SO4 A O3  1 
HETATM 1231 O  O4  . SO4 C 2 .   ? 13.412  13.183  -10.995 1.00 43.70 ? 201 SO4 A O4  1 
HETATM 1232 O  O1  . RUO D 3 .   ? 8.175   9.806   -17.925 0.80 54.06 ? 154 RUO A O1  1 
HETATM 1233 RU RU1 . RUO D 3 .   ? 9.723   8.821   -17.443 0.80 53.36 ? 154 RUO A RU1 1 
HETATM 1234 RU RU2 . RUO D 3 .   ? 6.453   8.996   -17.765 0.80 52.32 ? 154 RUO A RU2 1 
HETATM 1235 RU RU3 . RUO D 3 .   ? 8.368   11.604  -18.563 0.80 54.09 ? 154 RUO A RU3 1 
HETATM 1236 O  O1  . RUO E 3 .   ? -16.711 12.943  -6.940  0.30 55.26 ? 155 RUO A O1  1 
HETATM 1237 RU RU1 . RUO E 3 .   ? -17.296 11.648  -5.716  0.30 56.98 ? 155 RUO A RU1 1 
HETATM 1238 RU RU2 . RUO E 3 .   ? -17.863 14.345  -7.436  0.30 55.45 ? 155 RUO A RU2 1 
HETATM 1239 RU RU3 . RUO E 3 .   ? -14.977 12.851  -7.676  0.30 53.78 ? 155 RUO A RU3 1 
HETATM 1240 ZN ZN  . ZNH F 4 .   ? -5.417  -4.226  4.362   1.00 13.96 ? 156 ZNH A ZN  1 
HETATM 1241 C  CHA . ZNH F 4 .   ? -7.457  -7.006  4.142   1.00 12.74 ? 156 ZNH A CHA 1 
HETATM 1242 C  CHB . ZNH F 4 .   ? -6.259  -3.382  1.099   1.00 11.94 ? 156 ZNH A CHB 1 
HETATM 1243 C  CHC . ZNH F 4 .   ? -2.868  -1.839  4.327   1.00 12.14 ? 156 ZNH A CHC 1 
HETATM 1244 C  CHD . ZNH F 4 .   ? -4.130  -5.462  7.386   1.00 11.34 ? 156 ZNH A CHD 1 
HETATM 1245 N  NA  . ZNH F 4 .   ? -6.594  -5.109  2.818   1.00 12.83 ? 156 ZNH A NA  1 
HETATM 1246 C  C1A . ZNH F 4 .   ? -7.423  -6.146  2.957   1.00 13.62 ? 156 ZNH A C1A 1 
HETATM 1247 C  C2A . ZNH F 4 .   ? -8.158  -6.378  1.810   1.00 13.61 ? 156 ZNH A C2A 1 
HETATM 1248 C  C3A . ZNH F 4 .   ? -7.812  -5.345  0.932   1.00 12.59 ? 156 ZNH A C3A 1 
HETATM 1249 C  C4A . ZNH F 4 .   ? -6.881  -4.588  1.633   1.00 12.34 ? 156 ZNH A C4A 1 
HETATM 1250 C  CMA . ZNH F 4 .   ? -8.301  -5.078  -0.467  1.00 13.19 ? 156 ZNH A CMA 1 
HETATM 1251 C  CAA . ZNH F 4 .   ? -9.162  -7.502  1.613   1.00 13.04 ? 156 ZNH A CAA 1 
HETATM 1252 C  CBA . ZNH F 4 .   ? -10.574 -6.887  1.797   1.00 14.39 ? 156 ZNH A CBA 1 
HETATM 1253 C  CGA . ZNH F 4 .   ? -10.813 -6.141  3.129   1.00 16.35 ? 156 ZNH A CGA 1 
HETATM 1254 O  O1A . ZNH F 4 .   ? -10.981 -4.887  3.163   1.00 17.19 ? 156 ZNH A O1A 1 
HETATM 1255 O  O2A . ZNH F 4 .   ? -10.840 -6.806  4.184   1.00 17.29 ? 156 ZNH A O2A 1 
HETATM 1256 N  NB  . ZNH F 4 .   ? -4.643  -2.878  2.887   1.00 11.61 ? 156 ZNH A NB  1 
HETATM 1257 C  C1B . ZNH F 4 .   ? -5.172  -2.614  1.678   1.00 12.17 ? 156 ZNH A C1B 1 
HETATM 1258 C  C2B . ZNH F 4 .   ? -4.518  -1.561  0.995   1.00 12.18 ? 156 ZNH A C2B 1 
HETATM 1259 C  C3B . ZNH F 4 .   ? -3.596  -1.163  1.930   1.00 11.47 ? 156 ZNH A C3B 1 
HETATM 1260 C  C4B . ZNH F 4 .   ? -3.694  -1.978  3.128   1.00 10.85 ? 156 ZNH A C4B 1 
HETATM 1261 C  CMB . ZNH F 4 .   ? -4.770  -1.000  -0.390  1.00 10.48 ? 156 ZNH A CMB 1 
HETATM 1262 C  CAB . ZNH F 4 .   ? -2.702  -0.191  1.739   1.00 13.11 ? 156 ZNH A CAB 1 
HETATM 1263 C  CBB . ZNH F 4 .   ? -1.883  0.693   1.431   1.00 21.44 ? 156 ZNH A CBB 1 
HETATM 1264 N  NC  . ZNH F 4 .   ? -3.709  -3.758  5.620   1.00 12.42 ? 156 ZNH A NC  1 
HETATM 1265 C  C1C . ZNH F 4 .   ? -2.824  -2.757  5.466   1.00 12.07 ? 156 ZNH A C1C 1 
HETATM 1266 C  C2C . ZNH F 4 .   ? -1.882  -2.697  6.498   1.00 11.15 ? 156 ZNH A C2C 1 
HETATM 1267 C  C3C . ZNH F 4 .   ? -2.271  -3.739  7.332   1.00 12.95 ? 156 ZNH A C3C 1 
HETATM 1268 C  C4C . ZNH F 4 .   ? -3.398  -4.335  6.784   1.00 12.34 ? 156 ZNH A C4C 1 
HETATM 1269 C  CMC . ZNH F 4 .   ? -0.701  -1.749  6.650   1.00 12.63 ? 156 ZNH A CMC 1 
HETATM 1270 C  CAC . ZNH F 4 .   ? -1.648  -4.211  8.603   1.00 14.03 ? 156 ZNH A CAC 1 
HETATM 1271 C  CBC . ZNH F 4 .   ? -0.652  -3.568  9.196   1.00 17.10 ? 156 ZNH A CBC 1 
HETATM 1272 N  ND  . ZNH F 4 .   ? -5.698  -6.012  5.553   1.00 13.83 ? 156 ZNH A ND  1 
HETATM 1273 C  C1D . ZNH F 4 .   ? -5.168  -6.281  6.751   1.00 12.66 ? 156 ZNH A C1D 1 
HETATM 1274 C  C2D . ZNH F 4 .   ? -5.645  -7.488  7.255   1.00 14.18 ? 156 ZNH A C2D 1 
HETATM 1275 C  C3D . ZNH F 4 .   ? -6.584  -7.921  6.327   1.00 13.74 ? 156 ZNH A C3D 1 
HETATM 1276 C  C4D . ZNH F 4 .   ? -6.599  -6.955  5.327   1.00 13.43 ? 156 ZNH A C4D 1 
HETATM 1277 C  CMD . ZNH F 4 .   ? -5.264  -8.175  8.552   1.00 16.33 ? 156 ZNH A CMD 1 
HETATM 1278 C  CAD . ZNH F 4 .   ? -7.408  -9.193  6.367   1.00 17.02 ? 156 ZNH A CAD 1 
HETATM 1279 C  CBD . ZNH F 4 .   ? -6.452  -10.313 5.957   1.00 22.54 ? 156 ZNH A CBD 1 
HETATM 1280 C  CGD . ZNH F 4 .   ? -7.229  -11.585 5.767   1.00 27.90 ? 156 ZNH A CGD 1 
HETATM 1281 O  O1D . ZNH F 4 .   ? -7.008  -12.232 4.740   1.00 31.27 ? 156 ZNH A O1D 1 
HETATM 1282 O  O2D . ZNH F 4 .   ? -8.071  -11.931 6.621   1.00 31.00 ? 156 ZNH A O2D 1 
HETATM 1283 O  O   . HOH G 5 .   ? -1.774  -6.654  -14.649 1.00 13.49 ? 157 HOH A O   1 
HETATM 1284 O  O   . HOH G 5 .   ? 1.974   -10.759 -3.324  1.00 13.33 ? 158 HOH A O   1 
HETATM 1285 O  O   . HOH G 5 .   ? 16.643  -4.109  -8.967  1.00 16.40 ? 159 HOH A O   1 
HETATM 1286 O  O   . HOH G 5 .   ? 14.943  -4.498  -11.132 1.00 13.30 ? 160 HOH A O   1 
HETATM 1287 O  O   . HOH G 5 .   ? 4.550   -15.257 -0.355  1.00 15.67 ? 161 HOH A O   1 
HETATM 1288 O  O   . HOH G 5 .   ? 15.253  1.144   -2.044  1.00 17.01 ? 162 HOH A O   1 
HETATM 1289 O  O   . HOH G 5 .   ? 4.035   8.254   1.484   1.00 15.07 ? 163 HOH A O   1 
HETATM 1290 O  O   . HOH G 5 .   ? 13.901  0.220   -14.080 1.00 18.45 ? 164 HOH A O   1 
HETATM 1291 O  O   . HOH G 5 .   ? 10.747  -5.658  -11.144 1.00 13.22 ? 165 HOH A O   1 
HETATM 1292 O  O   . HOH G 5 .   ? -5.703  15.458  -9.241  1.00 18.72 ? 166 HOH A O   1 
HETATM 1293 O  O   . HOH G 5 .   ? -6.462  8.225   -6.135  1.00 14.69 ? 167 HOH A O   1 
HETATM 1294 O  O   . HOH G 5 .   ? -5.416  14.734  -6.579  1.00 16.18 ? 168 HOH A O   1 
HETATM 1295 O  O   . HOH G 5 .   ? 11.497  10.753  -11.758 1.00 18.75 ? 169 HOH A O   1 
HETATM 1296 O  O   . HOH G 5 .   ? -9.764  -0.215  -4.588  1.00 14.67 ? 170 HOH A O   1 
HETATM 1297 O  O   . HOH G 5 .   ? -5.520  -2.443  -9.897  1.00 14.18 ? 171 HOH A O   1 
HETATM 1298 O  O   . HOH G 5 .   ? 3.030   -12.589 -11.529 1.00 16.86 ? 172 HOH A O   1 
HETATM 1299 O  O   . HOH G 5 .   ? 5.844   7.279   -9.098  1.00 22.82 ? 173 HOH A O   1 
HETATM 1300 O  O   . HOH G 5 .   ? -9.852  2.255   -10.795 1.00 17.79 ? 174 HOH A O   1 
HETATM 1301 O  O   . HOH G 5 .   ? -2.718  -5.644  -9.864  1.00 17.92 ? 175 HOH A O   1 
HETATM 1302 O  O   . HOH G 5 .   ? 8.001   -0.103  6.140   1.00 19.37 ? 176 HOH A O   1 
HETATM 1303 O  O   . HOH G 5 .   ? 11.375  -7.156  0.560   1.00 17.38 ? 177 HOH A O   1 
HETATM 1304 O  O   . HOH G 5 .   ? -10.728 -9.326  4.260   1.00 23.67 ? 178 HOH A O   1 
HETATM 1305 O  O   . HOH G 5 .   ? 18.195  -0.743  -7.561  1.00 23.09 ? 179 HOH A O   1 
HETATM 1306 O  O   . HOH G 5 .   ? -12.396 -3.549  1.006   1.00 18.18 ? 180 HOH A O   1 
HETATM 1307 O  O   . HOH G 5 .   ? 0.511   -8.550  -12.468 1.00 17.99 ? 181 HOH A O   1 
HETATM 1308 O  O   . HOH G 5 .   ? -8.194  -6.377  -4.342  1.00 16.76 ? 182 HOH A O   1 
HETATM 1309 O  O   . HOH G 5 .   ? 5.530   -20.627 4.528   1.00 21.50 ? 183 HOH A O   1 
HETATM 1310 O  O   . HOH G 5 .   ? -0.100  -20.590 2.594   1.00 28.41 ? 184 HOH A O   1 
HETATM 1311 O  O   . HOH G 5 .   ? -4.653  8.587   -3.747  1.00 22.67 ? 185 HOH A O   1 
HETATM 1312 O  O   . HOH G 5 .   ? 15.057  6.716   -16.888 1.00 21.32 ? 186 HOH A O   1 
HETATM 1313 O  O   . HOH G 5 .   ? -12.318 10.849  2.932   1.00 25.44 ? 187 HOH A O   1 
HETATM 1314 O  O   . HOH G 5 .   ? 7.140   15.165  -8.412  1.00 26.53 ? 188 HOH A O   1 
HETATM 1315 O  O   . HOH G 5 .   ? 10.425  0.232   4.687   1.00 29.11 ? 189 HOH A O   1 
HETATM 1316 O  O   . HOH G 5 .   ? -16.044 -3.182  3.897   1.00 20.92 ? 190 HOH A O   1 
HETATM 1317 O  O   . HOH G 5 .   ? -6.272  -10.978 2.059   1.00 22.13 ? 191 HOH A O   1 
HETATM 1318 O  O   . HOH G 5 .   ? 18.868  -16.516 7.103   1.00 24.64 ? 192 HOH A O   1 
HETATM 1319 O  O   . HOH G 5 .   ? 18.711  6.593   -5.306  1.00 25.02 ? 193 HOH A O   1 
HETATM 1320 O  O   . HOH G 5 .   ? -19.636 8.675   6.690   1.00 30.74 ? 194 HOH A O   1 
HETATM 1321 O  O   . HOH G 5 .   ? 11.401  -21.090 11.058  1.00 16.77 ? 195 HOH A O   1 
HETATM 1322 O  O   . HOH G 5 .   ? 11.032  -19.638 0.561   1.00 26.51 ? 196 HOH A O   1 
HETATM 1323 O  O   . HOH G 5 .   ? -5.405  -12.636 -4.375  1.00 17.79 ? 197 HOH A O   1 
HETATM 1324 O  O   . HOH G 5 .   ? -10.695 9.548   -12.423 1.00 24.34 ? 198 HOH A O   1 
HETATM 1325 O  O   . HOH G 5 .   ? 1.036   11.789  6.080   1.00 30.48 ? 199 HOH A O   1 
HETATM 1326 O  O   . HOH G 5 .   ? 14.679  -5.430  -5.160  1.00 24.52 ? 202 HOH A O   1 
HETATM 1327 O  O   . HOH G 5 .   ? 0.201   -4.590  15.752  1.00 29.86 ? 203 HOH A O   1 
HETATM 1328 O  O   . HOH G 5 .   ? -1.645  -5.415  4.022   1.00 19.97 ? 204 HOH A O   1 
HETATM 1329 O  O   . HOH G 5 .   ? 12.868  -8.645  -5.616  1.00 29.82 ? 205 HOH A O   1 
HETATM 1330 O  O   . HOH G 5 .   ? -8.997  12.960  -3.497  1.00 32.20 ? 206 HOH A O   1 
HETATM 1331 O  O   . HOH G 5 .   ? 9.295   -9.789  -11.176 1.00 25.97 ? 207 HOH A O   1 
HETATM 1332 O  O   . HOH G 5 .   ? 9.287   -11.645 -4.945  1.00 34.46 ? 208 HOH A O   1 
HETATM 1333 O  O   . HOH G 5 .   ? 4.917   -18.688 -2.571  1.00 43.83 ? 209 HOH A O   1 
HETATM 1334 O  O   . HOH G 5 .   ? -8.884  -10.834 2.727   1.00 33.38 ? 210 HOH A O   1 
HETATM 1335 O  O   . HOH G 5 .   ? -6.339  -11.121 10.506  1.00 34.29 ? 211 HOH A O   1 
HETATM 1336 O  O   . HOH G 5 .   ? -2.912  -2.895  -10.247 1.00 16.40 ? 212 HOH A O   1 
HETATM 1337 O  O   . HOH G 5 .   ? -9.233  -0.071  -11.786 1.00 20.90 ? 213 HOH A O   1 
HETATM 1338 O  O   . HOH G 5 .   ? -0.366  9.746   7.208   1.00 18.57 ? 214 HOH A O   1 
HETATM 1339 O  O   . HOH G 5 .   ? -1.061  -17.652 12.260  1.00 35.44 ? 215 HOH A O   1 
HETATM 1340 O  O   . HOH G 5 .   ? 11.774  7.777   -16.239 0.80 27.09 ? 216 HOH A O   1 
HETATM 1341 O  O   . HOH G 5 .   ? 11.850  8.427   -13.438 1.00 21.03 ? 217 HOH A O   1 
HETATM 1342 O  O   . HOH G 5 .   ? 12.885  -5.244  -1.260  1.00 31.76 ? 218 HOH A O   1 
HETATM 1343 O  O   . HOH G 5 .   ? 12.644  -5.279  -4.007  1.00 28.66 ? 219 HOH A O   1 
HETATM 1344 O  O   . HOH G 5 .   ? 14.787  -5.077  2.661   1.00 36.51 ? 220 HOH A O   1 
HETATM 1345 O  O   . HOH G 5 .   ? 12.863  -6.763  2.798   1.00 27.29 ? 221 HOH A O   1 
HETATM 1346 O  O   . HOH G 5 .   ? -6.498  -7.486  12.334  1.00 26.91 ? 222 HOH A O   1 
HETATM 1347 O  O   . HOH G 5 .   ? -6.421  6.103   -14.921 1.00 32.85 ? 223 HOH A O   1 
HETATM 1348 O  O   . HOH G 5 .   ? -13.169 -7.560  5.566   1.00 29.40 ? 224 HOH A O   1 
HETATM 1349 O  O   . HOH G 5 .   ? -15.118 -6.328  7.037   1.00 29.56 ? 225 HOH A O   1 
HETATM 1350 O  O   . HOH G 5 .   ? -5.974  0.851   16.383  1.00 29.55 ? 226 HOH A O   1 
HETATM 1351 O  O   . HOH G 5 .   ? -1.904  6.232   13.669  1.00 21.05 ? 227 HOH A O   1 
HETATM 1352 O  O   . HOH G 5 .   ? 8.050   0.314   14.105  1.00 25.78 ? 228 HOH A O   1 
HETATM 1353 O  O   . HOH G 5 .   ? 4.190   11.346  3.197   1.00 21.01 ? 229 HOH A O   1 
# 
